data_6SI7
#
_entry.id   6SI7
#
loop_
_entity.id
_entity.type
_entity.pdbx_description
1 polymer 'Curli production assembly/transport component CsgF'
2 polymer 'Curli production assembly/transport component CsgG'
#
loop_
_entity_poly.entity_id
_entity_poly.type
_entity_poly.pdbx_seq_one_letter_code
_entity_poly.pdbx_strand_id
1 'polypeptide(L)'
;GTMTFQFRNPNFGGNPNNGAFLLNSAQAQNSYKDPSYNDDFGIETPSALDNFTQAIQSQILGGLLSNINTGKPGRMVTND
YIVDIANRDGQLQLNVTDRKTGQTSTIQVSGLQNNSTDFHHHHHH
;
A,B,C,D,E,F,G,H,I
2 'polypeptide(L)'
;CLTAPPKEAARPTLMPRAQSYKDLTHLPAPTGKIFVSVYNIQDETGQFKPYPASNFSTAVPQSATAMLVTALKDSRWFIP
LERQGLQNLLNERKIIRAAQENGTVAINNRIPLQSLTAANIMVEGSIIGYESNVKSGGVGARYFGIGADTQYQLDQIAVN
LRVVNVSTGEILSSVNTSKTILSYEVQAGVFRFIDYQRLLEGEVGYTSNEPVMLCLMSAIETGVIFLINDGIDRGLWDLQ
NKAERQNDILVKYRHMSVPPESSAWSHPQFEK
;
P,J,K,L,M,N,O,Q,R
#
# COMPACT_ATOMS: atom_id res chain seq x y z
N GLY A 1 -7.08 0.16 23.97
CA GLY A 1 -6.12 -0.87 24.34
C GLY A 1 -6.00 -1.95 23.27
N THR A 2 -7.13 -2.40 22.73
CA THR A 2 -7.06 -3.29 21.58
C THR A 2 -5.90 -4.22 21.83
N MET A 3 -5.88 -4.83 23.00
CA MET A 3 -4.76 -5.67 23.39
C MET A 3 -5.17 -7.14 23.40
N THR A 4 -4.57 -7.91 22.51
CA THR A 4 -4.81 -9.35 22.40
C THR A 4 -4.15 -10.07 23.58
N PHE A 5 -4.36 -11.38 23.63
CA PHE A 5 -3.72 -12.19 24.65
C PHE A 5 -2.54 -12.93 24.04
N GLN A 6 -1.33 -12.55 24.43
CA GLN A 6 -0.15 -13.34 24.17
C GLN A 6 0.42 -13.77 25.51
N PHE A 7 0.95 -14.98 25.54
CA PHE A 7 1.62 -15.44 26.75
C PHE A 7 2.96 -14.73 26.91
N ARG A 8 3.50 -14.80 28.12
CA ARG A 8 4.87 -14.36 28.36
C ARG A 8 5.84 -15.53 28.41
N ASN A 9 5.38 -16.73 28.04
CA ASN A 9 6.17 -17.94 28.14
C ASN A 9 6.05 -18.73 26.83
N PRO A 10 7.16 -19.17 26.23
CA PRO A 10 7.11 -19.77 24.90
C PRO A 10 6.54 -21.18 24.84
N ASN A 11 6.32 -21.84 25.97
CA ASN A 11 5.69 -23.16 25.93
C ASN A 11 4.21 -23.09 25.60
N PHE A 12 3.58 -21.94 25.82
CA PHE A 12 2.16 -21.78 25.61
C PHE A 12 1.82 -20.92 24.40
N GLY A 13 2.84 -20.38 23.73
CA GLY A 13 2.62 -19.63 22.52
C GLY A 13 2.88 -18.14 22.58
N GLY A 14 3.70 -17.69 23.51
CA GLY A 14 4.03 -16.29 23.62
C GLY A 14 5.18 -15.92 22.70
N ASN A 15 5.85 -14.84 23.07
CA ASN A 15 7.05 -14.43 22.36
C ASN A 15 8.17 -15.40 22.68
N PRO A 16 8.77 -16.08 21.68
CA PRO A 16 9.80 -17.08 21.99
C PRO A 16 11.13 -16.50 22.41
N ASN A 17 11.33 -15.18 22.31
CA ASN A 17 12.62 -14.60 22.63
C ASN A 17 12.84 -14.45 24.13
N ASN A 18 11.78 -14.44 24.94
CA ASN A 18 11.96 -14.33 26.38
C ASN A 18 12.30 -15.67 27.03
N GLY A 19 12.29 -16.76 26.28
CA GLY A 19 12.66 -18.05 26.84
C GLY A 19 14.15 -18.15 27.17
N ALA A 20 14.98 -17.45 26.40
CA ALA A 20 16.39 -17.32 26.74
C ALA A 20 16.62 -16.50 28.01
N PHE A 21 15.61 -15.76 28.45
CA PHE A 21 15.62 -15.06 29.73
C PHE A 21 14.84 -15.80 30.81
N LEU A 22 13.76 -16.48 30.43
CA LEU A 22 12.90 -17.15 31.40
C LEU A 22 13.59 -18.32 32.07
N LEU A 23 14.16 -19.22 31.26
CA LEU A 23 14.76 -20.44 31.80
C LEU A 23 16.00 -20.13 32.63
N ASN A 24 16.84 -19.22 32.13
CA ASN A 24 18.05 -18.84 32.86
C ASN A 24 17.73 -18.05 34.11
N SER A 25 16.52 -17.47 34.19
CA SER A 25 16.08 -16.84 35.43
C SER A 25 15.94 -17.86 36.54
N ALA A 26 15.15 -18.92 36.30
CA ALA A 26 15.04 -19.98 37.29
C ALA A 26 16.32 -20.81 37.40
N GLN A 27 17.20 -20.76 36.41
CA GLN A 27 18.53 -21.31 36.62
C GLN A 27 19.34 -20.44 37.56
N ALA A 28 19.02 -19.14 37.63
CA ALA A 28 19.60 -18.24 38.61
C ALA A 28 18.79 -18.14 39.89
N GLN A 29 17.56 -18.64 39.91
CA GLN A 29 16.81 -18.80 41.17
C GLN A 29 16.17 -20.20 41.18
N ASN A 30 16.94 -21.19 41.64
CA ASN A 30 16.38 -22.51 41.92
C ASN A 30 16.60 -22.91 43.37
N SER A 31 17.82 -22.77 43.88
CA SER A 31 18.25 -23.20 45.22
C SER A 31 17.88 -24.66 45.48
N TYR A 32 18.15 -25.52 44.50
CA TYR A 32 17.87 -26.94 44.61
C TYR A 32 19.06 -27.73 44.10
N LYS A 33 19.52 -28.68 44.90
CA LYS A 33 20.66 -29.53 44.56
C LYS A 33 20.21 -30.99 44.57
N ASP A 34 21.13 -31.87 44.20
CA ASP A 34 20.84 -33.29 44.12
C ASP A 34 20.70 -33.90 45.51
N PRO A 35 19.78 -34.86 45.71
CA PRO A 35 19.63 -35.51 47.01
C PRO A 35 20.71 -36.56 47.25
N ALA B 10 20.04 -19.44 -25.56
CA ALA B 10 18.60 -19.65 -25.53
C ALA B 10 18.03 -19.70 -26.94
N ARG B 11 17.21 -20.72 -27.21
CA ARG B 11 16.61 -20.89 -28.53
C ARG B 11 15.15 -20.50 -28.47
N PRO B 12 14.73 -19.45 -29.17
CA PRO B 12 13.32 -19.02 -29.10
C PRO B 12 12.40 -19.87 -29.96
N THR B 13 11.97 -21.00 -29.43
CA THR B 13 11.04 -21.89 -30.13
C THR B 13 9.61 -21.42 -29.90
N LEU B 14 8.64 -22.25 -30.25
CA LEU B 14 7.23 -21.96 -29.99
C LEU B 14 6.94 -22.17 -28.49
N MET B 15 5.68 -22.00 -28.12
CA MET B 15 5.27 -22.32 -26.75
C MET B 15 5.30 -23.84 -26.57
N PRO B 16 5.95 -24.34 -25.50
CA PRO B 16 6.07 -25.79 -25.33
C PRO B 16 4.74 -26.43 -24.94
N ARG B 17 3.91 -26.66 -25.95
CA ARG B 17 2.54 -27.13 -25.74
C ARG B 17 2.55 -28.56 -25.22
N ALA B 18 1.57 -28.88 -24.37
CA ALA B 18 1.54 -30.16 -23.67
C ALA B 18 0.96 -31.25 -24.59
N GLN B 19 0.61 -32.38 -23.98
CA GLN B 19 0.03 -33.49 -24.72
C GLN B 19 -1.37 -33.15 -25.25
N SER B 20 -2.10 -32.29 -24.53
CA SER B 20 -3.48 -31.96 -24.91
C SER B 20 -3.56 -31.16 -26.21
N TYR B 21 -2.49 -30.45 -26.58
CA TYR B 21 -2.48 -29.76 -27.87
C TYR B 21 -2.25 -30.73 -29.01
N LYS B 22 -1.57 -31.85 -28.76
CA LYS B 22 -1.40 -32.87 -29.78
C LYS B 22 -2.72 -33.57 -30.10
N ASP B 23 -3.62 -33.64 -29.11
CA ASP B 23 -4.99 -34.06 -29.38
C ASP B 23 -5.82 -32.95 -30.01
N LEU B 24 -5.39 -31.70 -29.88
CA LEU B 24 -6.18 -30.58 -30.37
C LEU B 24 -6.07 -30.41 -31.88
N THR B 25 -4.86 -30.50 -32.43
CA THR B 25 -4.69 -30.36 -33.87
C THR B 25 -5.19 -31.59 -34.62
N HIS B 26 -5.22 -32.75 -33.97
CA HIS B 26 -5.71 -33.97 -34.59
C HIS B 26 -7.21 -34.16 -34.44
N LEU B 27 -7.93 -33.12 -34.04
CA LEU B 27 -9.38 -33.18 -34.00
C LEU B 27 -9.93 -33.25 -35.43
N PRO B 28 -11.04 -33.96 -35.63
CA PRO B 28 -11.63 -34.03 -36.97
C PRO B 28 -12.24 -32.69 -37.39
N ALA B 29 -12.31 -32.48 -38.68
CA ALA B 29 -12.76 -31.18 -39.20
C ALA B 29 -14.28 -31.08 -39.11
N PRO B 30 -14.81 -29.90 -38.79
CA PRO B 30 -16.25 -29.68 -38.82
C PRO B 30 -16.72 -29.23 -40.19
N THR B 31 -18.05 -29.18 -40.35
CA THR B 31 -18.67 -28.67 -41.57
C THR B 31 -18.59 -27.16 -41.56
N GLY B 32 -17.40 -26.66 -41.91
CA GLY B 32 -17.13 -25.24 -41.80
C GLY B 32 -16.72 -24.87 -40.39
N LYS B 33 -15.61 -24.13 -40.26
CA LYS B 33 -15.15 -23.72 -38.93
C LYS B 33 -16.07 -22.64 -38.39
N ILE B 34 -16.51 -22.83 -37.13
CA ILE B 34 -17.55 -21.99 -36.56
C ILE B 34 -16.97 -20.63 -36.17
N PHE B 35 -17.65 -19.57 -36.57
CA PHE B 35 -17.26 -18.24 -36.13
C PHE B 35 -17.57 -18.09 -34.64
N VAL B 36 -16.55 -17.76 -33.86
CA VAL B 36 -16.65 -17.68 -32.41
C VAL B 36 -15.91 -16.43 -31.95
N SER B 37 -16.26 -15.95 -30.76
CA SER B 37 -15.70 -14.70 -30.27
C SER B 37 -15.34 -14.85 -28.80
N VAL B 38 -14.13 -14.43 -28.45
CA VAL B 38 -13.61 -14.52 -27.10
C VAL B 38 -13.43 -13.10 -26.60
N TYR B 39 -14.31 -12.67 -25.70
CA TYR B 39 -14.24 -11.29 -25.22
C TYR B 39 -13.20 -11.13 -24.12
N ASN B 40 -13.41 -11.78 -22.98
CA ASN B 40 -12.51 -11.65 -21.85
C ASN B 40 -12.70 -12.88 -20.96
N ILE B 41 -11.79 -13.84 -21.09
CA ILE B 41 -11.77 -14.96 -20.14
C ILE B 41 -11.13 -14.40 -18.89
N GLN B 42 -11.97 -13.89 -17.99
CA GLN B 42 -11.50 -13.02 -16.92
C GLN B 42 -10.76 -13.81 -15.87
N ASP B 43 -9.57 -13.35 -15.52
CA ASP B 43 -8.85 -13.91 -14.38
C ASP B 43 -9.56 -13.45 -13.12
N GLU B 44 -10.58 -14.20 -12.72
CA GLU B 44 -11.24 -14.00 -11.44
C GLU B 44 -10.95 -15.16 -10.49
N THR B 45 -9.71 -15.66 -10.56
CA THR B 45 -9.18 -16.44 -9.45
C THR B 45 -9.10 -15.59 -8.18
N GLY B 46 -8.81 -14.31 -8.34
CA GLY B 46 -8.54 -13.45 -7.20
C GLY B 46 -7.32 -13.87 -6.42
N GLN B 47 -6.37 -14.53 -7.08
CA GLN B 47 -5.24 -15.17 -6.41
C GLN B 47 -3.96 -14.58 -6.97
N PHE B 48 -3.17 -13.99 -6.08
CA PHE B 48 -1.90 -13.40 -6.42
C PHE B 48 -0.78 -14.29 -5.90
N LYS B 49 0.43 -14.04 -6.39
CA LYS B 49 1.52 -14.94 -6.04
C LYS B 49 2.02 -14.63 -4.63
N PRO B 50 2.36 -15.67 -3.85
CA PRO B 50 2.85 -15.46 -2.49
C PRO B 50 4.29 -14.97 -2.47
N TYR B 51 4.82 -14.80 -1.26
CA TYR B 51 6.23 -14.50 -1.09
C TYR B 51 7.05 -15.70 -1.51
N PRO B 52 8.23 -15.52 -2.14
CA PRO B 52 9.01 -14.30 -2.42
C PRO B 52 8.55 -13.47 -3.60
N ALA B 53 7.54 -13.94 -4.34
CA ALA B 53 7.06 -13.18 -5.48
C ALA B 53 6.24 -11.97 -5.02
N SER B 54 5.95 -11.10 -5.96
CA SER B 54 5.31 -9.82 -5.65
C SER B 54 3.86 -10.01 -5.21
N ASN B 55 3.39 -9.06 -4.40
CA ASN B 55 2.01 -9.11 -3.93
C ASN B 55 1.03 -8.72 -5.02
N PHE B 56 1.42 -7.80 -5.90
CA PHE B 56 0.58 -7.40 -7.01
C PHE B 56 0.66 -8.36 -8.20
N SER B 57 1.57 -9.32 -8.16
CA SER B 57 1.73 -10.28 -9.25
C SER B 57 0.64 -11.33 -9.15
N THR B 58 -0.20 -11.41 -10.17
CA THR B 58 -1.26 -12.41 -10.19
C THR B 58 -0.66 -13.80 -10.36
N ALA B 59 -1.25 -14.78 -9.68
CA ALA B 59 -0.67 -16.11 -9.65
C ALA B 59 -0.83 -16.84 -10.99
N VAL B 60 -1.91 -16.57 -11.70
CA VAL B 60 -2.07 -17.05 -13.07
C VAL B 60 -2.02 -15.82 -13.97
N PRO B 61 -1.77 -15.96 -15.27
CA PRO B 61 -1.81 -14.79 -16.15
C PRO B 61 -3.22 -14.25 -16.31
N GLN B 62 -3.29 -12.95 -16.59
CA GLN B 62 -4.54 -12.30 -16.98
C GLN B 62 -4.72 -12.35 -18.49
N SER B 63 -4.49 -13.51 -19.09
CA SER B 63 -4.36 -13.60 -20.54
C SER B 63 -5.02 -14.84 -21.11
N ALA B 64 -6.01 -15.41 -20.41
CA ALA B 64 -6.73 -16.55 -20.96
C ALA B 64 -7.65 -16.15 -22.11
N THR B 65 -7.97 -14.87 -22.23
CA THR B 65 -8.68 -14.38 -23.42
C THR B 65 -7.80 -14.39 -24.66
N ALA B 66 -6.47 -14.37 -24.49
CA ALA B 66 -5.55 -14.48 -25.60
C ALA B 66 -5.00 -15.89 -25.78
N MET B 67 -5.10 -16.74 -24.76
CA MET B 67 -4.66 -18.12 -24.89
C MET B 67 -5.73 -18.97 -25.55
N LEU B 68 -7.00 -18.76 -25.17
CA LEU B 68 -8.10 -19.55 -25.74
C LEU B 68 -8.27 -19.27 -27.23
N VAL B 69 -7.94 -18.05 -27.67
CA VAL B 69 -7.90 -17.70 -29.09
C VAL B 69 -6.95 -18.62 -29.85
N THR B 70 -5.77 -18.87 -29.27
CA THR B 70 -4.84 -19.83 -29.87
C THR B 70 -5.39 -21.25 -29.79
N ALA B 71 -6.14 -21.55 -28.72
CA ALA B 71 -6.67 -22.90 -28.57
C ALA B 71 -7.85 -23.14 -29.49
N LEU B 72 -8.58 -22.09 -29.88
CA LEU B 72 -9.69 -22.27 -30.82
C LEU B 72 -9.24 -22.16 -32.26
N LYS B 73 -8.17 -21.41 -32.54
CA LYS B 73 -7.72 -21.25 -33.92
C LYS B 73 -6.93 -22.47 -34.38
N ASP B 74 -5.97 -22.92 -33.57
CA ASP B 74 -5.16 -24.08 -33.95
C ASP B 74 -5.88 -25.41 -33.74
N SER B 75 -7.13 -25.39 -33.25
CA SER B 75 -7.92 -26.61 -33.17
C SER B 75 -8.50 -27.01 -34.52
N ARG B 76 -8.45 -26.11 -35.52
CA ARG B 76 -9.08 -26.27 -36.84
C ARG B 76 -10.57 -26.55 -36.73
N TRP B 77 -11.22 -25.96 -35.71
CA TRP B 77 -12.65 -26.10 -35.49
C TRP B 77 -13.35 -24.76 -35.40
N PHE B 78 -12.66 -23.70 -35.03
CA PHE B 78 -13.25 -22.40 -34.77
C PHE B 78 -12.49 -21.33 -35.53
N ILE B 79 -13.22 -20.31 -35.99
CA ILE B 79 -12.61 -19.07 -36.44
C ILE B 79 -12.81 -18.05 -35.33
N PRO B 80 -11.80 -17.80 -34.50
CA PRO B 80 -11.98 -16.84 -33.40
C PRO B 80 -12.00 -15.42 -33.91
N LEU B 81 -12.74 -14.57 -33.21
CA LEU B 81 -12.84 -13.16 -33.55
C LEU B 81 -12.18 -12.33 -32.46
N GLU B 82 -11.54 -11.24 -32.85
CA GLU B 82 -10.85 -10.38 -31.91
C GLU B 82 -11.88 -9.55 -31.16
N ARG B 83 -12.13 -9.91 -29.91
CA ARG B 83 -13.00 -9.15 -29.04
C ARG B 83 -12.34 -8.74 -27.74
N GLN B 84 -11.08 -9.08 -27.53
CA GLN B 84 -10.35 -8.59 -26.36
C GLN B 84 -10.10 -7.09 -26.49
N GLY B 85 -9.36 -6.69 -27.52
CA GLY B 85 -9.24 -5.29 -27.85
C GLY B 85 -10.24 -4.89 -28.91
N LEU B 86 -11.53 -5.10 -28.63
CA LEU B 86 -12.57 -4.74 -29.60
C LEU B 86 -12.67 -3.24 -29.76
N GLN B 87 -12.52 -2.49 -28.66
CA GLN B 87 -12.46 -1.03 -28.75
C GLN B 87 -11.18 -0.55 -29.41
N ASN B 88 -10.14 -1.40 -29.48
CA ASN B 88 -8.96 -1.11 -30.26
C ASN B 88 -9.15 -1.47 -31.73
N LEU B 89 -10.08 -2.37 -32.03
CA LEU B 89 -10.36 -2.71 -33.42
C LEU B 89 -11.39 -1.77 -34.02
N LEU B 90 -12.35 -1.30 -33.21
CA LEU B 90 -13.34 -0.35 -33.71
C LEU B 90 -12.74 1.02 -33.96
N ASN B 91 -11.66 1.36 -33.25
CA ASN B 91 -10.92 2.58 -33.56
C ASN B 91 -10.19 2.47 -34.89
N GLU B 92 -9.87 1.25 -35.32
CA GLU B 92 -9.27 1.05 -36.63
C GLU B 92 -10.30 1.04 -37.75
N ARG B 93 -11.51 0.53 -37.48
CA ARG B 93 -12.56 0.53 -38.48
C ARG B 93 -13.08 1.94 -38.73
N LYS B 94 -13.09 2.78 -37.70
CA LYS B 94 -13.50 4.17 -37.88
C LYS B 94 -12.48 4.97 -38.68
N ILE B 95 -11.24 4.50 -38.76
CA ILE B 95 -10.22 5.16 -39.57
C ILE B 95 -10.44 4.86 -41.05
N ILE B 96 -10.81 3.62 -41.38
CA ILE B 96 -11.09 3.25 -42.77
C ILE B 96 -12.36 3.91 -43.28
N ARG B 97 -13.30 4.22 -42.38
CA ARG B 97 -14.46 5.02 -42.76
C ARG B 97 -14.07 6.43 -43.16
N ALA B 98 -12.99 6.95 -42.59
CA ALA B 98 -12.44 8.25 -42.97
C ALA B 98 -11.32 8.14 -43.99
N ALA B 99 -10.93 6.93 -44.38
CA ALA B 99 -9.87 6.72 -45.36
C ALA B 99 -10.40 6.49 -46.76
N GLN B 100 -11.41 5.64 -46.91
CA GLN B 100 -11.99 5.38 -48.22
C GLN B 100 -12.87 6.53 -48.71
N GLU B 101 -13.30 7.42 -47.81
CA GLU B 101 -14.13 8.57 -48.18
C GLU B 101 -13.22 9.78 -48.32
N ASN B 102 -12.51 9.84 -49.43
CA ASN B 102 -11.61 10.95 -49.71
C ASN B 102 -11.91 11.57 -51.07
N ILE B 111 -10.65 -0.89 -51.75
CA ILE B 111 -11.68 -1.87 -51.43
C ILE B 111 -12.67 -1.28 -50.42
N PRO B 112 -13.96 -1.48 -50.64
CA PRO B 112 -14.96 -1.08 -49.63
C PRO B 112 -14.86 -1.97 -48.40
N LEU B 113 -15.18 -1.37 -47.25
CA LEU B 113 -15.05 -2.07 -45.98
C LEU B 113 -16.20 -3.03 -45.76
N GLN B 114 -15.87 -4.25 -45.35
CA GLN B 114 -16.86 -5.23 -44.96
C GLN B 114 -17.26 -5.02 -43.50
N SER B 115 -18.22 -5.80 -43.05
CA SER B 115 -18.66 -5.76 -41.66
C SER B 115 -18.06 -6.92 -40.88
N LEU B 116 -18.12 -6.80 -39.56
CA LEU B 116 -17.65 -7.88 -38.69
C LEU B 116 -18.61 -9.06 -38.79
N THR B 117 -18.06 -10.27 -38.71
CA THR B 117 -18.89 -11.46 -38.84
C THR B 117 -19.72 -11.69 -37.58
N ALA B 118 -20.71 -12.58 -37.72
CA ALA B 118 -21.79 -12.68 -36.74
C ALA B 118 -21.33 -13.31 -35.43
N ALA B 119 -20.55 -14.40 -35.52
CA ALA B 119 -20.05 -15.18 -34.37
C ALA B 119 -21.22 -15.68 -33.50
N ASN B 120 -21.98 -16.59 -34.10
CA ASN B 120 -23.25 -17.07 -33.52
C ASN B 120 -23.08 -17.73 -32.16
N ILE B 121 -21.90 -18.30 -31.90
CA ILE B 121 -21.55 -18.74 -30.56
C ILE B 121 -20.36 -17.93 -30.08
N MET B 122 -20.22 -17.83 -28.76
CA MET B 122 -19.08 -17.17 -28.15
C MET B 122 -18.61 -18.02 -26.99
N VAL B 123 -17.32 -17.97 -26.70
CA VAL B 123 -16.78 -18.64 -25.53
C VAL B 123 -16.45 -17.55 -24.51
N GLU B 124 -17.42 -17.23 -23.68
CA GLU B 124 -17.19 -16.52 -22.43
C GLU B 124 -16.64 -17.54 -21.45
N GLY B 125 -15.89 -17.08 -20.45
CA GLY B 125 -15.36 -18.01 -19.49
C GLY B 125 -14.55 -17.30 -18.44
N SER B 126 -13.90 -18.11 -17.61
CA SER B 126 -13.09 -17.59 -16.51
C SER B 126 -11.99 -18.59 -16.20
N ILE B 127 -10.94 -18.09 -15.59
CA ILE B 127 -10.02 -18.89 -14.79
C ILE B 127 -10.65 -18.93 -13.41
N ILE B 128 -11.30 -20.04 -13.06
CA ILE B 128 -12.16 -20.06 -11.87
C ILE B 128 -11.40 -20.28 -10.58
N GLY B 129 -10.10 -20.54 -10.63
CA GLY B 129 -9.41 -20.74 -9.37
C GLY B 129 -7.98 -21.19 -9.49
N TYR B 130 -7.22 -20.98 -8.43
CA TYR B 130 -5.83 -21.37 -8.40
C TYR B 130 -5.34 -21.44 -6.96
N GLU B 131 -5.57 -22.56 -6.29
CA GLU B 131 -5.17 -22.74 -4.90
C GLU B 131 -3.68 -23.05 -4.89
N SER B 132 -2.91 -22.27 -4.13
CA SER B 132 -1.50 -22.55 -4.00
C SER B 132 -1.28 -23.74 -3.10
N ASN B 133 -0.40 -24.65 -3.54
CA ASN B 133 0.07 -25.82 -2.79
C ASN B 133 -1.10 -26.75 -2.42
N VAL B 134 -1.71 -27.34 -3.44
CA VAL B 134 -2.88 -28.18 -3.22
C VAL B 134 -2.47 -29.51 -2.61
N LYS B 135 -1.68 -30.30 -3.32
CA LYS B 135 -1.20 -31.59 -2.83
C LYS B 135 0.30 -31.55 -2.66
N SER B 136 0.78 -30.47 -2.07
CA SER B 136 2.20 -30.24 -1.94
C SER B 136 2.81 -31.16 -0.89
N GLY B 137 4.14 -31.26 -0.91
CA GLY B 137 4.84 -32.13 0.01
C GLY B 137 6.28 -32.35 -0.40
N GLY B 138 7.02 -33.17 0.33
CA GLY B 138 8.38 -33.44 -0.05
C GLY B 138 9.03 -34.44 0.88
N VAL B 139 9.85 -35.31 0.30
CA VAL B 139 10.63 -36.29 1.05
C VAL B 139 12.05 -35.75 1.18
N GLY B 140 12.60 -35.85 2.38
CA GLY B 140 13.99 -35.52 2.61
C GLY B 140 14.80 -36.61 3.27
N ALA B 141 16.00 -36.81 2.74
CA ALA B 141 16.94 -37.79 3.26
C ALA B 141 18.36 -37.27 3.26
N ARG B 142 19.06 -37.48 4.37
CA ARG B 142 20.45 -37.03 4.45
C ARG B 142 21.21 -37.90 5.44
N TYR B 143 22.19 -38.64 4.95
CA TYR B 143 23.09 -39.41 5.78
C TYR B 143 24.26 -38.50 6.19
N PHE B 144 25.35 -39.08 6.68
CA PHE B 144 26.57 -38.36 7.01
C PHE B 144 27.12 -37.66 5.78
N GLY B 145 27.03 -36.34 5.77
CA GLY B 145 27.47 -35.57 4.63
C GLY B 145 26.47 -35.50 3.50
N ILE B 146 26.31 -36.60 2.77
CA ILE B 146 25.49 -36.61 1.56
C ILE B 146 24.01 -36.52 1.94
N GLY B 147 23.23 -35.90 1.05
CA GLY B 147 21.82 -35.71 1.31
C GLY B 147 21.06 -35.05 0.18
N ALA B 148 19.77 -35.37 0.06
CA ALA B 148 18.96 -34.86 -1.03
C ALA B 148 17.50 -34.83 -0.62
N ASP B 149 16.77 -33.85 -1.14
CA ASP B 149 15.34 -33.74 -0.91
C ASP B 149 14.63 -33.67 -2.26
N THR B 150 13.35 -34.02 -2.24
CA THR B 150 12.47 -33.96 -3.40
C THR B 150 11.23 -33.26 -2.85
N GLN B 151 11.14 -31.95 -3.06
CA GLN B 151 10.04 -31.18 -2.50
C GLN B 151 9.25 -30.77 -3.73
N TYR B 152 7.97 -31.14 -3.77
CA TYR B 152 7.10 -30.78 -4.88
C TYR B 152 5.90 -30.00 -4.35
N GLN B 153 5.61 -28.87 -4.97
CA GLN B 153 4.52 -28.01 -4.54
C GLN B 153 3.47 -28.05 -5.64
N LEU B 154 2.54 -29.00 -5.53
CA LEU B 154 1.54 -29.24 -6.55
C LEU B 154 0.46 -28.18 -6.46
N ASP B 155 0.49 -27.21 -7.36
CA ASP B 155 -0.59 -26.24 -7.48
C ASP B 155 -1.71 -26.85 -8.30
N GLN B 156 -2.78 -26.09 -8.51
CA GLN B 156 -3.87 -26.55 -9.36
C GLN B 156 -4.61 -25.34 -9.90
N ILE B 157 -4.54 -25.13 -11.19
CA ILE B 157 -5.35 -24.14 -11.88
C ILE B 157 -6.65 -24.82 -12.31
N ALA B 158 -7.69 -24.04 -12.53
CA ALA B 158 -8.92 -24.53 -13.12
C ALA B 158 -9.53 -23.40 -13.94
N VAL B 159 -10.05 -23.75 -15.12
CA VAL B 159 -10.63 -22.76 -16.00
C VAL B 159 -12.07 -23.17 -16.33
N ASN B 160 -12.89 -22.16 -16.58
CA ASN B 160 -14.23 -22.37 -17.09
C ASN B 160 -14.29 -21.90 -18.54
N LEU B 161 -14.84 -22.74 -19.40
CA LEU B 161 -15.06 -22.39 -20.80
C LEU B 161 -16.48 -22.80 -21.15
N ARG B 162 -17.32 -21.81 -21.42
CA ARG B 162 -18.71 -22.07 -21.77
C ARG B 162 -19.03 -21.46 -23.12
N VAL B 163 -19.61 -22.27 -24.01
CA VAL B 163 -20.03 -21.80 -25.32
C VAL B 163 -21.43 -21.20 -25.12
N VAL B 164 -21.60 -19.94 -25.53
CA VAL B 164 -22.86 -19.24 -25.34
C VAL B 164 -23.40 -18.86 -26.71
N ASN B 165 -24.61 -19.32 -27.02
CA ASN B 165 -25.31 -18.87 -28.21
C ASN B 165 -25.72 -17.41 -28.02
N VAL B 166 -25.08 -16.50 -28.75
CA VAL B 166 -25.34 -15.09 -28.58
C VAL B 166 -26.70 -14.67 -29.14
N SER B 167 -27.32 -15.51 -29.97
CA SER B 167 -28.65 -15.21 -30.48
C SER B 167 -29.73 -15.38 -29.42
N THR B 168 -29.49 -16.20 -28.40
CA THR B 168 -30.51 -16.43 -27.38
C THR B 168 -29.97 -16.29 -25.96
N GLY B 169 -28.66 -16.18 -25.80
CA GLY B 169 -28.06 -16.02 -24.49
C GLY B 169 -27.89 -17.31 -23.71
N GLU B 170 -28.29 -18.42 -24.32
CA GLU B 170 -28.24 -19.70 -23.63
C GLU B 170 -26.81 -20.22 -23.58
N ILE B 171 -26.38 -20.65 -22.39
CA ILE B 171 -25.08 -21.28 -22.23
C ILE B 171 -25.20 -22.73 -22.66
N LEU B 172 -24.46 -23.11 -23.68
CA LEU B 172 -24.68 -24.39 -24.37
C LEU B 172 -23.94 -25.53 -23.71
N SER B 173 -22.63 -25.41 -23.54
CA SER B 173 -21.80 -26.42 -22.91
C SER B 173 -20.79 -25.71 -22.02
N SER B 174 -20.97 -25.85 -20.70
CA SER B 174 -20.14 -25.16 -19.73
C SER B 174 -19.30 -26.21 -18.99
N VAL B 175 -18.01 -26.24 -19.28
CA VAL B 175 -17.11 -27.25 -18.72
C VAL B 175 -16.11 -26.59 -17.79
N ASN B 176 -15.55 -27.41 -16.89
CA ASN B 176 -14.56 -26.96 -15.93
C ASN B 176 -13.40 -27.94 -15.96
N THR B 177 -12.28 -27.53 -16.54
CA THR B 177 -11.10 -28.37 -16.64
C THR B 177 -10.02 -27.83 -15.72
N SER B 178 -9.29 -28.74 -15.08
CA SER B 178 -8.22 -28.39 -14.17
C SER B 178 -6.90 -28.98 -14.66
N LYS B 179 -5.82 -28.48 -14.09
CA LYS B 179 -4.50 -29.05 -14.36
C LYS B 179 -3.62 -28.81 -13.14
N THR B 180 -2.97 -29.87 -12.67
CA THR B 180 -2.12 -29.78 -11.50
C THR B 180 -0.73 -29.29 -11.92
N ILE B 181 -0.37 -28.09 -11.49
CA ILE B 181 0.95 -27.53 -11.75
C ILE B 181 1.95 -28.27 -10.86
N LEU B 182 2.90 -28.97 -11.48
CA LEU B 182 3.90 -29.73 -10.74
C LEU B 182 5.16 -28.89 -10.63
N SER B 183 5.36 -28.27 -9.47
CA SER B 183 6.54 -27.45 -9.20
C SER B 183 7.40 -28.19 -8.20
N TYR B 184 8.34 -29.00 -8.69
CA TYR B 184 9.18 -29.83 -7.85
C TYR B 184 10.60 -29.29 -7.82
N GLU B 185 11.29 -29.50 -6.70
CA GLU B 185 12.70 -29.18 -6.57
C GLU B 185 13.45 -30.42 -6.09
N VAL B 186 14.65 -30.64 -6.63
CA VAL B 186 15.55 -31.69 -6.19
C VAL B 186 16.88 -31.02 -5.87
N GLN B 187 17.15 -30.87 -4.58
CA GLN B 187 18.39 -30.27 -4.10
C GLN B 187 19.18 -31.40 -3.47
N ALA B 188 20.35 -31.68 -4.02
CA ALA B 188 21.17 -32.78 -3.51
C ALA B 188 22.38 -32.05 -2.98
N GLY B 189 22.38 -31.77 -1.68
CA GLY B 189 23.46 -31.03 -1.07
C GLY B 189 24.28 -31.85 -0.09
N VAL B 190 25.60 -31.82 -0.24
CA VAL B 190 26.50 -32.57 0.63
C VAL B 190 27.27 -31.60 1.51
N PHE B 191 27.63 -32.05 2.71
CA PHE B 191 28.47 -31.25 3.60
C PHE B 191 29.24 -32.25 4.46
N ARG B 192 30.45 -32.60 4.02
CA ARG B 192 31.15 -33.74 4.60
C ARG B 192 32.63 -33.43 4.76
N PHE B 193 33.13 -33.64 5.98
CA PHE B 193 34.57 -33.57 6.19
C PHE B 193 35.24 -34.77 5.52
N ILE B 194 36.42 -34.52 4.94
CA ILE B 194 37.15 -35.52 4.17
C ILE B 194 38.43 -35.94 4.89
N ASP B 195 39.25 -34.97 5.26
CA ASP B 195 40.44 -35.20 6.07
C ASP B 195 40.33 -34.39 7.36
N TYR B 196 41.39 -34.46 8.17
CA TYR B 196 41.45 -33.61 9.35
C TYR B 196 41.68 -32.17 8.91
N GLN B 197 40.75 -31.31 9.32
CA GLN B 197 40.69 -29.89 8.92
C GLN B 197 40.65 -29.76 7.38
N ARG B 198 39.79 -30.57 6.77
CA ARG B 198 39.46 -30.46 5.34
C ARG B 198 37.97 -30.74 5.20
N LEU B 199 37.31 -30.02 4.30
CA LEU B 199 35.87 -30.13 4.16
C LEU B 199 35.47 -29.99 2.70
N LEU B 200 34.80 -31.02 2.18
CA LEU B 200 34.16 -30.93 0.87
C LEU B 200 32.67 -30.66 1.06
N GLU B 201 32.13 -29.83 0.20
CA GLU B 201 30.70 -29.56 0.17
C GLU B 201 30.29 -29.19 -1.24
N GLY B 202 29.00 -29.35 -1.51
CA GLY B 202 28.47 -29.11 -2.82
C GLY B 202 26.98 -29.33 -2.82
N GLU B 203 26.26 -28.56 -3.62
CA GLU B 203 24.80 -28.63 -3.61
C GLU B 203 24.32 -28.46 -5.05
N VAL B 204 23.97 -29.57 -5.69
CA VAL B 204 23.32 -29.53 -6.98
C VAL B 204 21.81 -29.44 -6.76
N GLY B 205 21.19 -28.45 -7.39
CA GLY B 205 19.78 -28.22 -7.23
C GLY B 205 19.04 -27.88 -8.52
N TYR B 206 17.84 -28.43 -8.64
CA TYR B 206 17.03 -28.24 -9.84
C TYR B 206 15.56 -28.12 -9.47
N THR B 207 14.99 -26.93 -9.61
CA THR B 207 13.57 -26.70 -9.37
C THR B 207 12.86 -26.47 -10.71
N SER B 208 12.20 -27.50 -11.21
CA SER B 208 11.44 -27.40 -12.45
C SER B 208 10.01 -27.06 -12.09
N ASN B 209 9.74 -25.76 -11.93
CA ASN B 209 8.37 -25.28 -11.83
C ASN B 209 7.68 -25.50 -13.17
N GLU B 210 6.53 -26.15 -13.14
CA GLU B 210 5.68 -26.14 -14.30
C GLU B 210 5.16 -24.71 -14.45
N PRO B 211 5.36 -24.07 -15.60
CA PRO B 211 4.91 -22.68 -15.74
C PRO B 211 3.39 -22.62 -15.78
N VAL B 212 2.84 -21.68 -15.01
CA VAL B 212 1.39 -21.56 -14.87
C VAL B 212 0.77 -21.09 -16.19
N MET B 213 1.54 -20.39 -17.03
CA MET B 213 1.04 -20.01 -18.35
C MET B 213 0.89 -21.22 -19.26
N LEU B 214 1.71 -22.26 -19.09
CA LEU B 214 1.60 -23.43 -19.94
C LEU B 214 0.50 -24.35 -19.45
N CYS B 215 0.27 -24.37 -18.14
CA CYS B 215 -0.84 -25.13 -17.60
C CYS B 215 -2.17 -24.40 -17.72
N LEU B 216 -2.14 -23.07 -17.79
CA LEU B 216 -3.33 -22.34 -18.24
C LEU B 216 -3.60 -22.63 -19.70
N MET B 217 -2.54 -22.77 -20.50
CA MET B 217 -2.69 -23.08 -21.92
C MET B 217 -3.16 -24.51 -22.13
N SER B 218 -2.68 -25.45 -21.32
CA SER B 218 -2.99 -26.85 -21.55
C SER B 218 -4.35 -27.24 -20.97
N ALA B 219 -4.79 -26.57 -19.89
CA ALA B 219 -6.13 -26.80 -19.38
C ALA B 219 -7.21 -26.16 -20.24
N ILE B 220 -6.86 -25.07 -20.94
CA ILE B 220 -7.79 -24.46 -21.87
C ILE B 220 -7.92 -25.31 -23.13
N GLU B 221 -6.78 -25.83 -23.62
CA GLU B 221 -6.81 -26.75 -24.76
C GLU B 221 -7.51 -28.05 -24.42
N THR B 222 -7.46 -28.46 -23.16
CA THR B 222 -8.31 -29.55 -22.69
C THR B 222 -9.78 -29.14 -22.74
N GLY B 223 -10.08 -27.89 -22.39
CA GLY B 223 -11.44 -27.42 -22.38
C GLY B 223 -12.04 -27.26 -23.77
N VAL B 224 -11.20 -26.95 -24.76
CA VAL B 224 -11.69 -26.80 -26.14
C VAL B 224 -12.12 -28.15 -26.69
N ILE B 225 -11.36 -29.21 -26.38
CA ILE B 225 -11.81 -30.56 -26.71
C ILE B 225 -13.05 -30.92 -25.90
N PHE B 226 -13.14 -30.43 -24.66
CA PHE B 226 -14.35 -30.66 -23.88
C PHE B 226 -15.50 -29.76 -24.32
N LEU B 227 -15.20 -28.64 -24.99
CA LEU B 227 -16.26 -27.87 -25.61
C LEU B 227 -16.78 -28.58 -26.86
N ILE B 228 -15.87 -29.21 -27.62
CA ILE B 228 -16.25 -29.83 -28.88
C ILE B 228 -16.95 -31.16 -28.64
N ASN B 229 -16.42 -31.97 -27.72
CA ASN B 229 -16.99 -33.30 -27.46
C ASN B 229 -18.36 -33.19 -26.79
N ASP B 230 -18.50 -32.23 -25.87
CA ASP B 230 -19.81 -31.98 -25.27
C ASP B 230 -20.69 -31.11 -26.15
N GLY B 231 -20.14 -30.54 -27.22
CA GLY B 231 -20.91 -29.83 -28.22
C GLY B 231 -21.40 -30.68 -29.36
N ILE B 232 -21.04 -31.95 -29.39
CA ILE B 232 -21.47 -32.87 -30.44
C ILE B 232 -22.68 -33.68 -30.01
N ASP B 233 -22.66 -34.24 -28.79
CA ASP B 233 -23.77 -35.06 -28.32
C ASP B 233 -25.02 -34.24 -28.04
N ARG B 234 -24.87 -32.94 -27.75
CA ARG B 234 -26.03 -32.08 -27.56
C ARG B 234 -26.65 -31.63 -28.87
N GLY B 235 -26.01 -31.89 -30.01
CA GLY B 235 -26.53 -31.43 -31.27
C GLY B 235 -26.33 -29.96 -31.53
N LEU B 236 -25.37 -29.33 -30.86
CA LEU B 236 -25.14 -27.90 -31.06
C LEU B 236 -24.46 -27.62 -32.39
N TRP B 237 -23.51 -28.46 -32.79
CA TRP B 237 -22.87 -28.33 -34.09
C TRP B 237 -22.40 -29.72 -34.52
N ASP B 238 -22.41 -29.93 -35.83
CA ASP B 238 -22.04 -31.22 -36.40
C ASP B 238 -20.70 -31.13 -37.11
N LEU B 239 -19.92 -32.20 -37.00
CA LEU B 239 -18.64 -32.32 -37.68
C LEU B 239 -18.82 -32.97 -39.05
N GLN B 240 -17.78 -32.87 -39.87
CA GLN B 240 -17.77 -33.54 -41.16
C GLN B 240 -17.71 -35.05 -40.95
N ASN B 241 -18.57 -35.77 -41.67
CA ASN B 241 -18.75 -37.23 -41.58
C ASN B 241 -19.09 -37.64 -40.15
N LYS B 242 -20.29 -37.23 -39.73
CA LYS B 242 -20.79 -37.48 -38.38
C LYS B 242 -21.35 -38.92 -38.25
N ALA B 243 -20.47 -39.88 -38.51
CA ALA B 243 -20.77 -41.28 -38.31
C ALA B 243 -19.63 -42.08 -37.70
N GLU B 244 -18.44 -41.50 -37.56
CA GLU B 244 -17.26 -42.28 -37.21
C GLU B 244 -17.21 -42.61 -35.73
N ARG B 245 -17.05 -41.59 -34.87
CA ARG B 245 -16.81 -41.71 -33.43
C ARG B 245 -15.68 -42.70 -33.10
N GLN B 246 -14.60 -42.68 -33.87
CA GLN B 246 -13.54 -43.67 -33.75
C GLN B 246 -12.20 -43.10 -33.32
N ASN B 247 -11.97 -41.80 -33.49
CA ASN B 247 -10.66 -41.23 -33.22
C ASN B 247 -10.39 -41.19 -31.73
N ASP B 248 -9.13 -41.41 -31.35
CA ASP B 248 -8.73 -41.53 -29.95
C ASP B 248 -8.57 -40.17 -29.26
N ILE B 249 -9.10 -39.09 -29.83
CA ILE B 249 -9.20 -37.84 -29.11
C ILE B 249 -10.58 -37.69 -28.48
N LEU B 250 -11.63 -37.97 -29.27
CA LEU B 250 -12.99 -37.78 -28.77
C LEU B 250 -13.38 -38.87 -27.78
N VAL B 251 -12.98 -40.11 -28.02
CA VAL B 251 -13.34 -41.18 -27.08
C VAL B 251 -12.46 -41.12 -25.83
N LYS B 252 -11.26 -40.52 -25.93
CA LYS B 252 -10.45 -40.32 -24.74
C LYS B 252 -11.02 -39.21 -23.87
N TYR B 253 -11.49 -38.14 -24.50
CA TYR B 253 -12.14 -37.05 -23.79
C TYR B 253 -13.63 -37.30 -23.56
N ARG B 254 -14.12 -38.50 -23.88
CA ARG B 254 -15.41 -38.97 -23.40
C ARG B 254 -15.26 -39.90 -22.20
N HIS B 255 -14.17 -40.65 -22.12
CA HIS B 255 -13.83 -41.39 -20.91
C HIS B 255 -13.25 -40.47 -19.83
N MET B 256 -12.76 -39.30 -20.21
CA MET B 256 -12.35 -38.27 -19.26
C MET B 256 -13.50 -37.35 -18.88
N SER B 257 -14.70 -37.59 -19.41
CA SER B 257 -15.86 -36.77 -19.11
C SER B 257 -16.49 -37.10 -17.78
N VAL B 258 -16.05 -38.15 -17.08
CA VAL B 258 -16.48 -38.38 -15.71
C VAL B 258 -15.45 -37.76 -14.77
N PRO B 259 -15.84 -36.74 -14.01
CA PRO B 259 -14.86 -36.01 -13.20
C PRO B 259 -14.50 -36.79 -11.94
N PRO B 260 -13.21 -36.87 -11.59
CA PRO B 260 -12.78 -37.55 -10.37
C PRO B 260 -13.11 -36.75 -9.11
N GLY C 1 2.91 12.38 21.52
CA GLY C 1 3.60 11.26 22.15
C GLY C 1 2.97 9.92 21.78
N THR C 2 1.64 9.85 21.76
CA THR C 2 1.00 8.67 21.22
C THR C 2 1.83 7.49 21.68
N MET C 3 2.11 7.43 22.96
CA MET C 3 2.99 6.40 23.50
C MET C 3 2.19 5.39 24.32
N THR C 4 2.15 4.16 23.83
CA THR C 4 1.47 3.07 24.51
C THR C 4 2.28 2.63 25.73
N PHE C 5 1.72 1.68 26.47
CA PHE C 5 2.43 1.12 27.62
C PHE C 5 3.01 -0.23 27.25
N GLN C 6 4.34 -0.30 27.15
CA GLN C 6 5.03 -1.56 27.10
C GLN C 6 5.91 -1.66 28.34
N PHE C 7 6.02 -2.87 28.87
CA PHE C 7 6.93 -3.07 29.99
C PHE C 7 8.37 -3.03 29.51
N ARG C 8 9.29 -2.86 30.46
CA ARG C 8 10.71 -3.01 30.17
C ARG C 8 11.22 -4.37 30.61
N ASN C 9 10.33 -5.29 30.99
CA ASN C 9 10.69 -6.59 31.53
C ASN C 9 9.86 -7.66 30.84
N PRO C 10 10.47 -8.74 30.35
CA PRO C 10 9.75 -9.71 29.53
C PRO C 10 8.80 -10.63 30.29
N ASN C 11 8.84 -10.64 31.63
CA ASN C 11 7.88 -11.45 32.37
C ASN C 11 6.48 -10.86 32.34
N PHE C 12 6.36 -9.57 32.08
CA PHE C 12 5.07 -8.89 32.10
C PHE C 12 4.58 -8.51 30.71
N GLY C 13 5.38 -8.77 29.68
CA GLY C 13 4.95 -8.54 28.31
C GLY C 13 5.64 -7.41 27.58
N GLY C 14 6.86 -7.05 27.98
CA GLY C 14 7.60 -6.02 27.30
C GLY C 14 8.38 -6.57 26.12
N ASN C 15 9.42 -5.85 25.76
CA ASN C 15 10.32 -6.33 24.72
C ASN C 15 11.14 -7.49 25.27
N PRO C 16 11.09 -8.67 24.65
CA PRO C 16 11.80 -9.83 25.20
C PRO C 16 13.31 -9.79 25.01
N ASN C 17 13.83 -8.85 24.22
CA ASN C 17 15.26 -8.81 23.96
C ASN C 17 16.07 -8.22 25.10
N ASN C 18 15.44 -7.43 25.98
CA ASN C 18 16.18 -6.88 27.11
C ASN C 18 16.32 -7.86 28.27
N GLY C 19 15.70 -9.04 28.19
CA GLY C 19 15.86 -10.03 29.22
C GLY C 19 17.25 -10.64 29.27
N ALA C 20 17.90 -10.74 28.11
CA ALA C 20 19.31 -11.12 28.06
C ALA C 20 20.23 -10.07 28.67
N PHE C 21 19.73 -8.85 28.87
CA PHE C 21 20.43 -7.80 29.60
C PHE C 21 19.94 -7.65 31.03
N LEU C 22 18.64 -7.88 31.26
CA LEU C 22 18.06 -7.67 32.58
C LEU C 22 18.57 -8.68 33.59
N LEU C 23 18.50 -9.96 33.26
CA LEU C 23 18.86 -11.01 34.20
C LEU C 23 20.35 -10.99 34.51
N ASN C 24 21.17 -10.81 33.47
CA ASN C 24 22.61 -10.76 33.66
C ASN C 24 23.04 -9.50 34.39
N SER C 25 22.18 -8.47 34.40
CA SER C 25 22.47 -7.29 35.20
C SER C 25 22.45 -7.63 36.69
N ALA C 26 21.36 -8.23 37.16
CA ALA C 26 21.32 -8.67 38.55
C ALA C 26 22.23 -9.86 38.82
N GLN C 27 22.64 -10.60 37.78
CA GLN C 27 23.73 -11.55 37.97
C GLN C 27 25.06 -10.84 38.17
N ALA C 28 25.18 -9.62 37.65
CA ALA C 28 26.34 -8.77 37.90
C ALA C 28 26.14 -7.84 39.10
N GLN C 29 24.92 -7.69 39.61
CA GLN C 29 24.68 -7.02 40.89
C GLN C 29 23.71 -7.87 41.73
N ASN C 30 24.26 -8.84 42.46
CA ASN C 30 23.49 -9.55 43.47
C ASN C 30 24.11 -9.42 44.85
N SER C 31 25.41 -9.66 44.97
CA SER C 31 26.17 -9.68 46.24
C SER C 31 25.51 -10.61 47.26
N TYR C 32 25.12 -11.79 46.81
CA TYR C 32 24.49 -12.78 47.66
C TYR C 32 25.11 -14.15 47.40
N LYS C 33 25.53 -14.82 48.46
CA LYS C 33 26.13 -16.14 48.39
C LYS C 33 25.31 -17.13 49.21
N ASP C 34 25.72 -18.40 49.16
CA ASP C 34 25.00 -19.44 49.86
C ASP C 34 25.23 -19.34 51.37
N PRO C 35 24.21 -19.65 52.18
CA PRO C 35 24.38 -19.61 53.65
C PRO C 35 25.09 -20.85 54.17
N ALA D 10 2.08 -34.38 -15.72
CA ALA D 10 0.76 -33.90 -15.30
C ALA D 10 -0.29 -34.23 -16.35
N ARG D 11 -1.41 -34.79 -15.91
CA ARG D 11 -2.48 -35.17 -16.82
C ARG D 11 -3.63 -34.18 -16.68
N PRO D 12 -3.95 -33.41 -17.73
CA PRO D 12 -5.02 -32.42 -17.60
C PRO D 12 -6.41 -33.03 -17.73
N THR D 13 -6.93 -33.55 -16.62
CA THR D 13 -8.26 -34.13 -16.60
C THR D 13 -9.29 -33.02 -16.36
N LEU D 14 -10.53 -33.41 -16.05
CA LEU D 14 -11.58 -32.46 -15.69
C LEU D 14 -11.33 -31.93 -14.28
N MET D 15 -12.24 -31.08 -13.80
CA MET D 15 -12.18 -30.66 -12.41
C MET D 15 -12.54 -31.82 -11.50
N PRO D 16 -11.71 -32.11 -10.48
CA PRO D 16 -11.97 -33.28 -9.63
C PRO D 16 -13.18 -33.06 -8.72
N ARG D 17 -14.37 -33.27 -9.29
CA ARG D 17 -15.62 -32.97 -8.62
C ARG D 17 -15.85 -33.93 -7.47
N ALA D 18 -16.47 -33.43 -6.40
CA ALA D 18 -16.62 -34.20 -5.17
C ALA D 18 -17.80 -35.17 -5.28
N GLN D 19 -18.22 -35.71 -4.14
CA GLN D 19 -19.34 -36.63 -4.09
C GLN D 19 -20.66 -35.95 -4.44
N SER D 20 -20.78 -34.65 -4.11
CA SER D 20 -22.02 -33.91 -4.34
C SER D 20 -22.34 -33.72 -5.82
N TYR D 21 -21.34 -33.75 -6.69
CA TYR D 21 -21.61 -33.69 -8.13
C TYR D 21 -22.13 -35.02 -8.65
N LYS D 22 -21.77 -36.13 -8.01
CA LYS D 22 -22.32 -37.43 -8.40
C LYS D 22 -23.80 -37.53 -8.06
N ASP D 23 -24.25 -36.82 -7.01
CA ASP D 23 -25.67 -36.66 -6.77
C ASP D 23 -26.30 -35.63 -7.69
N LEU D 24 -25.50 -34.75 -8.29
CA LEU D 24 -26.04 -33.68 -9.11
C LEU D 24 -26.48 -34.17 -10.48
N THR D 25 -25.65 -34.98 -11.14
CA THR D 25 -26.00 -35.49 -12.46
C THR D 25 -27.08 -36.55 -12.39
N HIS D 26 -27.21 -37.24 -11.25
CA HIS D 26 -28.24 -38.26 -11.07
C HIS D 26 -29.56 -37.68 -10.55
N LEU D 27 -29.72 -36.37 -10.59
CA LEU D 27 -30.99 -35.76 -10.26
C LEU D 27 -32.04 -36.12 -11.31
N PRO D 28 -33.30 -36.29 -10.92
CA PRO D 28 -34.35 -36.59 -11.90
C PRO D 28 -34.63 -35.39 -12.81
N ALA D 29 -35.13 -35.68 -13.99
CA ALA D 29 -35.33 -34.63 -14.98
C ALA D 29 -36.59 -33.83 -14.67
N PRO D 30 -36.58 -32.52 -14.88
CA PRO D 30 -37.80 -31.73 -14.74
C PRO D 30 -38.59 -31.67 -16.03
N THR D 31 -39.80 -31.10 -15.94
CA THR D 31 -40.66 -30.88 -17.10
C THR D 31 -40.13 -29.69 -17.87
N GLY D 32 -39.07 -29.93 -18.64
CA GLY D 32 -38.36 -28.86 -19.31
C GLY D 32 -37.36 -28.20 -18.39
N LYS D 33 -36.12 -28.04 -18.86
CA LYS D 33 -35.10 -27.41 -18.04
C LYS D 33 -35.38 -25.91 -17.93
N ILE D 34 -35.33 -25.40 -16.70
CA ILE D 34 -35.78 -24.04 -16.44
C ILE D 34 -34.73 -23.05 -16.89
N PHE D 35 -35.15 -22.03 -17.64
CA PHE D 35 -34.24 -20.95 -18.00
C PHE D 35 -33.91 -20.14 -16.76
N VAL D 36 -32.61 -20.02 -16.48
CA VAL D 36 -32.13 -19.35 -15.27
C VAL D 36 -30.94 -18.49 -15.65
N SER D 37 -30.65 -17.49 -14.82
CA SER D 37 -29.60 -16.54 -15.14
C SER D 37 -28.78 -16.26 -13.89
N VAL D 38 -27.45 -16.32 -14.04
CA VAL D 38 -26.51 -16.11 -12.96
C VAL D 38 -25.74 -14.84 -13.28
N TYR D 39 -26.05 -13.75 -12.56
CA TYR D 39 -25.40 -12.49 -12.87
C TYR D 39 -24.01 -12.40 -12.22
N ASN D 40 -23.97 -12.40 -10.89
CA ASN D 40 -22.71 -12.26 -10.18
C ASN D 40 -22.90 -12.84 -8.78
N ILE D 41 -22.44 -14.07 -8.58
CA ILE D 41 -22.40 -14.62 -7.23
C ILE D 41 -21.20 -13.98 -6.56
N GLN D 42 -21.44 -12.85 -5.90
CA GLN D 42 -20.37 -11.94 -5.53
C GLN D 42 -19.56 -12.52 -4.39
N ASP D 43 -18.24 -12.53 -4.56
CA ASP D 43 -17.35 -12.87 -3.44
C ASP D 43 -17.36 -11.69 -2.48
N GLU D 44 -18.32 -11.70 -1.57
CA GLU D 44 -18.37 -10.76 -0.46
C GLU D 44 -18.10 -11.48 0.86
N THR D 45 -17.18 -12.45 0.82
CA THR D 45 -16.53 -12.90 2.04
C THR D 45 -15.73 -11.76 2.67
N GLY D 46 -15.15 -10.90 1.83
CA GLY D 46 -14.23 -9.90 2.31
C GLY D 46 -13.00 -10.49 2.95
N GLN D 47 -12.60 -11.69 2.54
CA GLN D 47 -11.56 -12.45 3.21
C GLN D 47 -10.46 -12.75 2.19
N PHE D 48 -9.26 -12.29 2.49
CA PHE D 48 -8.09 -12.49 1.66
C PHE D 48 -7.19 -13.52 2.32
N LYS D 49 -6.24 -14.02 1.57
CA LYS D 49 -5.42 -15.10 2.10
C LYS D 49 -4.35 -14.54 3.03
N PRO D 50 -4.07 -15.24 4.13
CA PRO D 50 -3.07 -14.77 5.09
C PRO D 50 -1.65 -15.00 4.58
N TYR D 51 -0.68 -14.62 5.42
CA TYR D 51 0.71 -14.94 5.13
C TYR D 51 0.91 -16.45 5.22
N PRO D 52 1.76 -17.05 4.37
CA PRO D 52 2.71 -16.51 3.38
C PRO D 52 2.10 -16.09 2.06
N ALA D 53 0.79 -16.31 1.86
CA ALA D 53 0.18 -15.91 0.61
C ALA D 53 0.00 -14.40 0.55
N SER D 54 -0.36 -13.91 -0.62
CA SER D 54 -0.42 -12.48 -0.87
C SER D 54 -1.58 -11.83 -0.13
N ASN D 55 -1.41 -10.53 0.17
CA ASN D 55 -2.45 -9.79 0.86
C ASN D 55 -3.60 -9.44 -0.07
N PHE D 56 -3.32 -9.22 -1.34
CA PHE D 56 -4.35 -8.94 -2.33
C PHE D 56 -5.02 -10.20 -2.86
N SER D 57 -4.50 -11.37 -2.52
CA SER D 57 -5.05 -12.63 -2.99
C SER D 57 -6.28 -12.97 -2.17
N THR D 58 -7.44 -13.06 -2.83
CA THR D 58 -8.67 -13.41 -2.13
C THR D 58 -8.62 -14.87 -1.70
N ALA D 59 -9.18 -15.14 -0.53
CA ALA D 59 -9.05 -16.47 0.06
C ALA D 59 -9.92 -17.49 -0.67
N VAL D 60 -11.06 -17.08 -1.21
CA VAL D 60 -11.85 -17.92 -2.09
C VAL D 60 -11.78 -17.29 -3.47
N PRO D 61 -12.09 -18.00 -4.54
CA PRO D 61 -12.11 -17.37 -5.87
C PRO D 61 -13.25 -16.36 -6.00
N GLN D 62 -13.03 -15.38 -6.87
CA GLN D 62 -14.08 -14.46 -7.29
C GLN D 62 -14.82 -14.99 -8.50
N SER D 63 -15.20 -16.27 -8.46
CA SER D 63 -15.66 -16.94 -9.67
C SER D 63 -16.82 -17.88 -9.40
N ALA D 64 -17.59 -17.65 -8.35
CA ALA D 64 -18.77 -18.46 -8.09
C ALA D 64 -19.89 -18.17 -9.09
N THR D 65 -19.84 -17.02 -9.77
CA THR D 65 -20.77 -16.78 -10.87
C THR D 65 -20.46 -17.64 -12.09
N ALA D 66 -19.23 -18.14 -12.21
CA ALA D 66 -18.88 -19.06 -13.27
C ALA D 66 -18.88 -20.52 -12.83
N MET D 67 -18.84 -20.77 -11.51
CA MET D 67 -18.92 -22.14 -11.02
C MET D 67 -20.36 -22.62 -10.94
N LEU D 68 -21.27 -21.74 -10.49
CA LEU D 68 -22.67 -22.11 -10.37
C LEU D 68 -23.31 -22.37 -11.72
N VAL D 69 -22.82 -21.69 -12.77
CA VAL D 69 -23.23 -21.97 -14.14
C VAL D 69 -22.94 -23.42 -14.51
N THR D 70 -21.77 -23.93 -14.13
CA THR D 70 -21.47 -25.34 -14.33
C THR D 70 -22.34 -26.22 -13.44
N ALA D 71 -22.68 -25.74 -12.26
CA ALA D 71 -23.50 -26.54 -11.34
C ALA D 71 -24.95 -26.57 -11.77
N LEU D 72 -25.42 -25.54 -12.48
CA LEU D 72 -26.80 -25.55 -12.97
C LEU D 72 -26.93 -26.21 -14.33
N LYS D 73 -25.87 -26.18 -15.14
CA LYS D 73 -25.95 -26.78 -16.48
C LYS D 73 -25.79 -28.28 -16.42
N ASP D 74 -24.79 -28.78 -15.69
CA ASP D 74 -24.56 -30.20 -15.58
C ASP D 74 -25.51 -30.89 -14.60
N SER D 75 -26.41 -30.15 -13.96
CA SER D 75 -27.45 -30.76 -13.13
C SER D 75 -28.58 -31.34 -13.95
N ARG D 76 -28.65 -31.01 -15.25
CA ARG D 76 -29.75 -31.37 -16.16
C ARG D 76 -31.09 -30.89 -15.65
N TRP D 77 -31.10 -29.74 -14.96
CA TRP D 77 -32.30 -29.13 -14.43
C TRP D 77 -32.50 -27.70 -14.88
N PHE D 78 -31.42 -27.00 -15.24
CA PHE D 78 -31.46 -25.59 -15.56
C PHE D 78 -30.76 -25.34 -16.88
N ILE D 79 -31.27 -24.36 -17.63
CA ILE D 79 -30.53 -23.80 -18.75
C ILE D 79 -29.99 -22.47 -18.29
N PRO D 80 -28.71 -22.39 -17.90
CA PRO D 80 -28.17 -21.11 -17.42
C PRO D 80 -27.95 -20.15 -18.57
N LEU D 81 -28.09 -18.87 -18.25
CA LEU D 81 -27.88 -17.80 -19.22
C LEU D 81 -26.64 -17.00 -18.84
N GLU D 82 -25.90 -16.55 -19.85
CA GLU D 82 -24.68 -15.79 -19.62
C GLU D 82 -25.06 -14.38 -19.21
N ARG D 83 -24.90 -14.08 -17.92
CA ARG D 83 -25.12 -12.76 -17.39
C ARG D 83 -23.92 -12.21 -16.63
N GLN D 84 -22.83 -12.97 -16.54
CA GLN D 84 -21.61 -12.45 -15.93
C GLN D 84 -20.99 -11.39 -16.85
N GLY D 85 -20.61 -11.78 -18.05
CA GLY D 85 -20.21 -10.82 -19.05
C GLY D 85 -21.38 -10.46 -19.96
N LEU D 86 -22.46 -9.96 -19.37
CA LEU D 86 -23.63 -9.57 -20.16
C LEU D 86 -23.33 -8.37 -21.03
N GLN D 87 -22.56 -7.40 -20.51
CA GLN D 87 -22.11 -6.29 -21.33
C GLN D 87 -21.09 -6.72 -22.38
N ASN D 88 -20.46 -7.88 -22.20
CA ASN D 88 -19.63 -8.47 -23.24
C ASN D 88 -20.46 -9.24 -24.26
N LEU D 89 -21.66 -9.67 -23.89
CA LEU D 89 -22.54 -10.36 -24.82
C LEU D 89 -23.39 -9.36 -25.60
N LEU D 90 -23.78 -8.25 -24.97
CA LEU D 90 -24.55 -7.23 -25.68
C LEU D 90 -23.71 -6.47 -26.69
N ASN D 91 -22.39 -6.41 -26.47
CA ASN D 91 -21.50 -5.87 -27.49
C ASN D 91 -21.39 -6.78 -28.70
N GLU D 92 -21.64 -8.08 -28.52
CA GLU D 92 -21.66 -9.00 -29.64
C GLU D 92 -23.00 -8.98 -30.37
N ARG D 93 -24.11 -8.76 -29.65
CA ARG D 93 -25.41 -8.68 -30.30
C ARG D 93 -25.54 -7.40 -31.11
N LYS D 94 -24.90 -6.31 -30.66
CA LYS D 94 -24.91 -5.08 -31.44
C LYS D 94 -24.09 -5.19 -32.71
N ILE D 95 -23.16 -6.14 -32.78
CA ILE D 95 -22.39 -6.37 -33.99
C ILE D 95 -23.23 -7.07 -35.05
N ILE D 96 -24.05 -8.05 -34.63
CA ILE D 96 -24.93 -8.76 -35.56
C ILE D 96 -26.04 -7.85 -36.07
N ARG D 97 -26.43 -6.84 -35.29
CA ARG D 97 -27.36 -5.83 -35.79
C ARG D 97 -26.74 -5.00 -36.91
N ALA D 98 -25.41 -4.83 -36.90
CA ALA D 98 -24.69 -4.17 -37.98
C ALA D 98 -24.14 -5.15 -39.00
N ALA D 99 -24.30 -6.45 -38.79
CA ALA D 99 -23.80 -7.46 -39.72
C ALA D 99 -24.86 -7.95 -40.69
N GLN D 100 -26.06 -8.25 -40.19
CA GLN D 100 -27.15 -8.70 -41.06
C GLN D 100 -27.76 -7.57 -41.87
N GLU D 101 -27.53 -6.32 -41.48
CA GLU D 101 -28.05 -5.16 -42.20
C GLU D 101 -26.95 -4.61 -43.10
N ASN D 102 -26.72 -5.30 -44.21
CA ASN D 102 -25.71 -4.91 -45.18
C ASN D 102 -26.30 -4.79 -46.58
N ILE D 111 -29.18 -15.74 -41.15
CA ILE D 111 -30.25 -15.95 -40.20
C ILE D 111 -30.56 -14.64 -39.45
N PRO D 112 -31.84 -14.32 -39.27
CA PRO D 112 -32.21 -13.18 -38.44
C PRO D 112 -31.92 -13.46 -36.97
N LEU D 113 -31.59 -12.41 -36.23
CA LEU D 113 -31.20 -12.55 -34.85
C LEU D 113 -32.42 -12.74 -33.94
N GLN D 114 -32.33 -13.72 -33.06
CA GLN D 114 -33.35 -13.93 -32.05
C GLN D 114 -33.08 -13.02 -30.85
N SER D 115 -33.99 -13.06 -29.88
CA SER D 115 -33.84 -12.31 -28.65
C SER D 115 -33.36 -13.22 -27.53
N LEU D 116 -32.88 -12.59 -26.45
CA LEU D 116 -32.46 -13.35 -25.28
C LEU D 116 -33.69 -13.92 -24.58
N THR D 117 -33.54 -15.11 -24.02
CA THR D 117 -34.67 -15.77 -23.37
C THR D 117 -35.00 -15.10 -22.03
N ALA D 118 -36.18 -15.44 -21.51
CA ALA D 118 -36.78 -14.67 -20.43
C ALA D 118 -36.08 -14.89 -19.09
N ALA D 119 -35.75 -16.15 -18.77
CA ALA D 119 -35.11 -16.57 -17.51
C ALA D 119 -35.95 -16.13 -16.30
N ASN D 120 -37.12 -16.76 -16.20
CA ASN D 120 -38.16 -16.37 -15.24
C ASN D 120 -37.68 -16.46 -13.79
N ILE D 121 -36.73 -17.34 -13.51
CA ILE D 121 -36.04 -17.34 -12.22
C ILE D 121 -34.58 -17.03 -12.46
N MET D 122 -33.93 -16.51 -11.42
CA MET D 122 -32.50 -16.25 -11.46
C MET D 122 -31.90 -16.70 -10.14
N VAL D 123 -30.64 -17.11 -10.17
CA VAL D 123 -29.93 -17.45 -8.95
C VAL D 123 -28.93 -16.33 -8.71
N GLU D 124 -29.37 -15.32 -7.97
CA GLU D 124 -28.48 -14.37 -7.33
C GLU D 124 -27.94 -15.07 -6.09
N GLY D 125 -26.77 -14.65 -5.63
CA GLY D 125 -26.22 -15.27 -4.45
C GLY D 125 -24.90 -14.65 -4.07
N SER D 126 -24.25 -15.28 -3.10
CA SER D 126 -22.98 -14.81 -2.59
C SER D 126 -22.19 -15.98 -2.04
N ILE D 127 -20.89 -15.80 -1.97
CA ILE D 127 -20.03 -16.56 -1.07
C ILE D 127 -20.05 -15.78 0.24
N ILE D 128 -20.83 -16.26 1.21
CA ILE D 128 -21.14 -15.46 2.38
C ILE D 128 -20.05 -15.47 3.44
N GLY D 129 -19.00 -16.27 3.27
CA GLY D 129 -17.99 -16.27 4.30
C GLY D 129 -16.91 -17.30 4.15
N TYR D 130 -15.78 -17.06 4.79
CA TYR D 130 -14.68 -17.99 4.75
C TYR D 130 -13.71 -17.71 5.89
N GLU D 131 -14.01 -18.26 7.07
CA GLU D 131 -13.18 -18.06 8.25
C GLU D 131 -11.96 -18.97 8.13
N SER D 132 -10.77 -18.38 8.23
CA SER D 132 -9.56 -19.18 8.20
C SER D 132 -9.39 -19.90 9.53
N ASN D 133 -9.05 -21.20 9.43
CA ASN D 133 -8.71 -22.07 10.57
C ASN D 133 -9.88 -22.16 11.57
N VAL D 134 -10.97 -22.77 11.11
CA VAL D 134 -12.17 -22.86 11.95
C VAL D 134 -11.97 -23.88 13.06
N LYS D 135 -11.78 -25.14 12.70
CA LYS D 135 -11.57 -26.21 13.66
C LYS D 135 -10.17 -26.78 13.50
N SER D 136 -9.20 -25.88 13.36
CA SER D 136 -7.84 -26.28 13.08
C SER D 136 -7.19 -26.90 14.31
N GLY D 137 -6.06 -27.56 14.09
CA GLY D 137 -5.35 -28.23 15.16
C GLY D 137 -4.31 -29.20 14.65
N GLY D 138 -3.64 -29.92 15.53
CA GLY D 138 -2.67 -30.89 15.08
C GLY D 138 -2.05 -31.63 16.24
N VAL D 139 -1.81 -32.92 16.03
CA VAL D 139 -1.13 -33.77 17.00
C VAL D 139 0.32 -33.91 16.56
N GLY D 140 1.22 -33.78 17.52
CA GLY D 140 2.63 -34.03 17.28
C GLY D 140 3.26 -35.03 18.22
N ALA D 141 4.06 -35.93 17.64
CA ALA D 141 4.78 -36.94 18.40
C ALA D 141 6.18 -37.14 17.86
N ARG D 142 7.16 -37.21 18.76
CA ARG D 142 8.54 -37.41 18.34
C ARG D 142 9.32 -38.07 19.47
N TYR D 143 9.77 -39.30 19.23
CA TYR D 143 10.65 -40.00 20.14
C TYR D 143 12.10 -39.62 19.80
N PHE D 144 13.06 -40.40 20.29
CA PHE D 144 14.47 -40.23 19.99
C PHE D 144 14.70 -40.38 18.48
N GLY D 145 15.01 -39.26 17.83
CA GLY D 145 15.19 -39.26 16.39
C GLY D 145 13.90 -39.19 15.60
N ILE D 146 13.16 -40.30 15.57
CA ILE D 146 11.98 -40.40 14.72
C ILE D 146 10.86 -39.53 15.27
N GLY D 147 10.02 -39.02 14.37
CA GLY D 147 8.94 -38.15 14.76
C GLY D 147 8.05 -37.70 13.63
N ALA D 148 6.78 -37.44 13.93
CA ALA D 148 5.81 -37.09 12.91
C ALA D 148 4.69 -36.26 13.53
N ASP D 149 4.15 -35.34 12.75
CA ASP D 149 3.01 -34.53 13.16
C ASP D 149 1.90 -34.66 12.12
N THR D 150 0.68 -34.38 12.56
CA THR D 150 -0.51 -34.39 11.72
C THR D 150 -1.18 -33.07 12.08
N GLN D 151 -0.95 -32.04 11.26
CA GLN D 151 -1.47 -30.71 11.57
C GLN D 151 -2.50 -30.50 10.47
N TYR D 152 -3.75 -30.26 10.87
CA TYR D 152 -4.83 -30.00 9.92
C TYR D 152 -5.43 -28.63 10.21
N GLN D 153 -5.58 -27.82 9.17
CA GLN D 153 -6.13 -26.48 9.33
C GLN D 153 -7.48 -26.47 8.61
N LEU D 154 -8.53 -26.78 9.37
CA LEU D 154 -9.87 -26.93 8.81
C LEU D 154 -10.46 -25.55 8.58
N ASP D 155 -10.48 -25.11 7.32
CA ASP D 155 -11.19 -23.90 6.94
C ASP D 155 -12.66 -24.22 6.77
N GLN D 156 -13.45 -23.20 6.43
CA GLN D 156 -14.87 -23.42 6.15
C GLN D 156 -15.36 -22.32 5.23
N ILE D 157 -15.73 -22.67 4.02
CA ILE D 157 -16.40 -21.77 3.11
C ILE D 157 -17.90 -21.92 3.34
N ALA D 158 -18.65 -20.90 2.95
CA ALA D 158 -20.11 -20.98 2.94
C ALA D 158 -20.62 -20.11 1.81
N VAL D 159 -21.61 -20.61 1.08
CA VAL D 159 -22.17 -19.89 -0.04
C VAL D 159 -23.67 -19.71 0.16
N ASN D 160 -24.19 -18.63 -0.40
CA ASN D 160 -25.62 -18.39 -0.45
C ASN D 160 -26.08 -18.55 -1.91
N LEU D 161 -27.13 -19.31 -2.11
CA LEU D 161 -27.76 -19.47 -3.41
C LEU D 161 -29.25 -19.30 -3.24
N ARG D 162 -29.79 -18.23 -3.80
CA ARG D 162 -31.22 -17.95 -3.69
C ARG D 162 -31.83 -17.83 -5.08
N VAL D 163 -32.92 -18.57 -5.31
CA VAL D 163 -33.65 -18.50 -6.56
C VAL D 163 -34.61 -17.32 -6.43
N VAL D 164 -34.54 -16.38 -7.37
CA VAL D 164 -35.36 -15.19 -7.32
C VAL D 164 -36.24 -15.16 -8.56
N ASN D 165 -37.55 -15.11 -8.35
CA ASN D 165 -38.49 -14.89 -9.44
C ASN D 165 -38.34 -13.46 -9.94
N VAL D 166 -37.79 -13.28 -11.14
CA VAL D 166 -37.53 -11.94 -11.64
C VAL D 166 -38.81 -11.23 -12.07
N SER D 167 -39.92 -11.95 -12.23
CA SER D 167 -41.18 -11.32 -12.54
C SER D 167 -41.78 -10.57 -11.36
N THR D 168 -41.42 -10.95 -10.14
CA THR D 168 -42.00 -10.31 -8.96
C THR D 168 -40.95 -9.89 -7.94
N GLY D 169 -39.70 -10.31 -8.11
CA GLY D 169 -38.63 -9.94 -7.20
C GLY D 169 -38.58 -10.78 -5.94
N GLU D 170 -39.49 -11.74 -5.81
CA GLU D 170 -39.57 -12.53 -4.60
C GLU D 170 -38.46 -13.58 -4.58
N ILE D 171 -37.76 -13.66 -3.44
CA ILE D 171 -36.74 -14.68 -3.24
C ILE D 171 -37.45 -15.96 -2.85
N LEU D 172 -37.30 -17.00 -3.67
CA LEU D 172 -38.13 -18.20 -3.57
C LEU D 172 -37.58 -19.21 -2.58
N SER D 173 -36.32 -19.61 -2.75
CA SER D 173 -35.66 -20.57 -1.88
C SER D 173 -34.23 -20.09 -1.67
N SER D 174 -33.93 -19.63 -0.46
CA SER D 174 -32.62 -19.06 -0.15
C SER D 174 -31.93 -20.00 0.85
N VAL D 175 -30.92 -20.71 0.37
CA VAL D 175 -30.22 -21.72 1.17
C VAL D 175 -28.79 -21.27 1.42
N ASN D 176 -28.21 -21.83 2.49
CA ASN D 176 -26.84 -21.53 2.89
C ASN D 176 -26.13 -22.86 3.12
N THR D 177 -25.24 -23.24 2.21
CA THR D 177 -24.50 -24.48 2.32
C THR D 177 -23.04 -24.18 2.61
N SER D 178 -22.43 -24.99 3.47
CA SER D 178 -21.04 -24.82 3.85
C SER D 178 -20.26 -26.08 3.49
N LYS D 179 -18.93 -25.94 3.50
CA LYS D 179 -18.05 -27.08 3.30
C LYS D 179 -16.75 -26.81 4.04
N THR D 180 -16.32 -27.78 4.85
CA THR D 180 -15.10 -27.64 5.63
C THR D 180 -13.90 -28.01 4.76
N ILE D 181 -13.06 -27.03 4.45
CA ILE D 181 -11.84 -27.26 3.69
C ILE D 181 -10.85 -27.97 4.61
N LEU D 182 -10.46 -29.19 4.26
CA LEU D 182 -9.53 -29.96 5.08
C LEU D 182 -8.14 -29.80 4.50
N SER D 183 -7.33 -28.94 5.13
CA SER D 183 -5.95 -28.69 4.72
C SER D 183 -5.04 -29.29 5.77
N TYR D 184 -4.64 -30.55 5.58
CA TYR D 184 -3.84 -31.27 6.54
C TYR D 184 -2.42 -31.45 6.02
N GLU D 185 -1.46 -31.50 6.94
CA GLU D 185 -0.08 -31.81 6.62
C GLU D 185 0.39 -32.97 7.49
N VAL D 186 1.17 -33.88 6.92
CA VAL D 186 1.81 -34.97 7.64
C VAL D 186 3.30 -34.89 7.32
N GLN D 187 4.07 -34.39 8.28
CA GLN D 187 5.51 -34.27 8.14
C GLN D 187 6.11 -35.30 9.09
N ALA D 188 6.85 -36.25 8.54
CA ALA D 188 7.42 -37.32 9.36
C ALA D 188 8.90 -37.06 9.20
N GLY D 189 9.48 -36.33 10.16
CA GLY D 189 10.88 -35.97 10.10
C GLY D 189 11.72 -36.63 11.17
N VAL D 190 12.83 -37.25 10.78
CA VAL D 190 13.72 -37.93 11.71
C VAL D 190 15.02 -37.14 11.81
N PHE D 191 15.66 -37.21 12.98
CA PHE D 191 16.97 -36.59 13.17
C PHE D 191 17.67 -37.41 14.25
N ARG D 192 18.46 -38.39 13.82
CA ARG D 192 18.95 -39.41 14.74
C ARG D 192 20.39 -39.75 14.44
N PHE D 193 21.24 -39.69 15.47
CA PHE D 193 22.59 -40.18 15.34
C PHE D 193 22.58 -41.71 15.24
N ILE D 194 23.46 -42.25 14.40
CA ILE D 194 23.51 -43.68 14.12
C ILE D 194 24.78 -44.30 14.68
N ASP D 195 25.94 -43.73 14.35
CA ASP D 195 27.21 -44.14 14.92
C ASP D 195 27.84 -42.95 15.62
N TYR D 196 29.05 -43.16 16.13
CA TYR D 196 29.81 -42.06 16.70
C TYR D 196 30.27 -41.15 15.56
N GLN D 197 29.87 -39.87 15.65
CA GLN D 197 30.09 -38.86 14.61
C GLN D 197 29.52 -39.31 13.26
N ARG D 198 28.29 -39.83 13.31
CA ARG D 198 27.48 -40.14 12.12
C ARG D 198 26.05 -39.76 12.43
N LEU D 199 25.34 -39.23 11.44
CA LEU D 199 23.99 -38.73 11.66
C LEU D 199 23.13 -39.00 10.43
N LEU D 200 22.05 -39.74 10.63
CA LEU D 200 21.01 -39.88 9.61
C LEU D 200 19.87 -38.93 9.92
N GLU D 201 19.31 -38.34 8.88
CA GLU D 201 18.13 -37.50 9.00
C GLU D 201 17.35 -37.56 7.71
N GLY D 202 16.07 -37.22 7.81
CA GLY D 202 15.18 -37.30 6.68
C GLY D 202 13.81 -36.82 7.08
N GLU D 203 13.10 -36.18 6.16
CA GLU D 203 11.81 -35.59 6.49
C GLU D 203 10.89 -35.78 5.28
N VAL D 204 10.01 -36.77 5.37
CA VAL D 204 8.97 -36.94 4.38
C VAL D 204 7.76 -36.12 4.81
N GLY D 205 7.27 -35.29 3.90
CA GLY D 205 6.16 -34.41 4.21
C GLY D 205 5.13 -34.30 3.09
N TYR D 206 3.86 -34.26 3.50
CA TYR D 206 2.76 -34.21 2.54
C TYR D 206 1.64 -33.33 3.08
N THR D 207 1.46 -32.16 2.47
CA THR D 207 0.36 -31.26 2.84
C THR D 207 -0.69 -31.26 1.73
N SER D 208 -1.77 -32.00 1.95
CA SER D 208 -2.87 -32.06 1.00
C SER D 208 -3.89 -31.01 1.41
N ASN D 209 -3.68 -29.78 0.95
CA ASN D 209 -4.70 -28.74 1.06
C ASN D 209 -5.87 -29.12 0.17
N GLU D 210 -7.06 -29.13 0.75
CA GLU D 210 -8.24 -29.19 -0.07
C GLU D 210 -8.33 -27.86 -0.82
N PRO D 211 -8.39 -27.86 -2.15
CA PRO D 211 -8.44 -26.59 -2.87
C PRO D 211 -9.76 -25.88 -2.64
N VAL D 212 -9.67 -24.58 -2.35
CA VAL D 212 -10.85 -23.80 -2.03
C VAL D 212 -11.75 -23.64 -3.24
N MET D 213 -11.19 -23.73 -4.45
CA MET D 213 -12.01 -23.71 -5.66
C MET D 213 -12.85 -24.97 -5.80
N LEU D 214 -12.37 -26.11 -5.30
CA LEU D 214 -13.14 -27.34 -5.40
C LEU D 214 -14.20 -27.41 -4.32
N CYS D 215 -13.92 -26.83 -3.15
CA CYS D 215 -14.90 -26.74 -2.10
C CYS D 215 -15.90 -25.62 -2.32
N LEU D 216 -15.50 -24.57 -3.04
CA LEU D 216 -16.49 -23.62 -3.56
C LEU D 216 -17.37 -24.30 -4.60
N MET D 217 -16.79 -25.19 -5.40
CA MET D 217 -17.55 -25.91 -6.41
C MET D 217 -18.47 -26.95 -5.78
N SER D 218 -18.02 -27.61 -4.72
CA SER D 218 -18.80 -28.70 -4.15
C SER D 218 -19.88 -28.19 -3.21
N ALA D 219 -19.66 -27.05 -2.56
CA ALA D 219 -20.72 -26.45 -1.74
C ALA D 219 -21.78 -25.77 -2.58
N ILE D 220 -21.43 -25.31 -3.78
CA ILE D 220 -22.41 -24.76 -4.70
C ILE D 220 -23.25 -25.88 -5.31
N GLU D 221 -22.60 -26.99 -5.68
CA GLU D 221 -23.33 -28.16 -6.18
C GLU D 221 -24.20 -28.78 -5.10
N THR D 222 -23.80 -28.64 -3.84
CA THR D 222 -24.70 -28.97 -2.73
C THR D 222 -25.88 -28.01 -2.70
N GLY D 223 -25.63 -26.73 -2.99
CA GLY D 223 -26.69 -25.75 -2.93
C GLY D 223 -27.69 -25.88 -4.07
N VAL D 224 -27.24 -26.38 -5.22
CA VAL D 224 -28.14 -26.57 -6.36
C VAL D 224 -29.13 -27.68 -6.07
N ILE D 225 -28.66 -28.75 -5.43
CA ILE D 225 -29.59 -29.78 -4.95
C ILE D 225 -30.47 -29.22 -3.84
N PHE D 226 -29.94 -28.31 -3.03
CA PHE D 226 -30.77 -27.66 -2.01
C PHE D 226 -31.67 -26.60 -2.61
N LEU D 227 -31.33 -26.08 -3.79
CA LEU D 227 -32.27 -25.22 -4.50
C LEU D 227 -33.41 -26.04 -5.10
N ILE D 228 -33.08 -27.23 -5.59
CA ILE D 228 -34.08 -28.05 -6.28
C ILE D 228 -35.00 -28.74 -5.27
N ASN D 229 -34.43 -29.28 -4.19
CA ASN D 229 -35.23 -30.00 -3.19
C ASN D 229 -36.13 -29.05 -2.43
N ASP D 230 -35.63 -27.86 -2.10
CA ASP D 230 -36.47 -26.86 -1.47
C ASP D 230 -37.32 -26.09 -2.48
N GLY D 231 -37.07 -26.28 -3.77
CA GLY D 231 -37.91 -25.74 -4.82
C GLY D 231 -39.03 -26.65 -5.26
N ILE D 232 -39.11 -27.86 -4.72
CA ILE D 232 -40.15 -28.82 -5.06
C ILE D 232 -41.29 -28.78 -4.06
N ASP D 233 -40.98 -28.77 -2.76
CA ASP D 233 -42.01 -28.76 -1.73
C ASP D 233 -42.76 -27.45 -1.67
N ARG D 234 -42.13 -26.35 -2.10
CA ARG D 234 -42.81 -25.06 -2.15
C ARG D 234 -43.72 -24.92 -3.36
N GLY D 235 -43.67 -25.84 -4.30
CA GLY D 235 -44.47 -25.73 -5.51
C GLY D 235 -43.95 -24.72 -6.50
N LEU D 236 -42.67 -24.38 -6.44
CA LEU D 236 -42.11 -23.39 -7.36
C LEU D 236 -41.94 -23.97 -8.76
N TRP D 237 -41.51 -25.22 -8.85
CA TRP D 237 -41.41 -25.90 -10.14
C TRP D 237 -41.57 -27.40 -9.90
N ASP D 238 -42.14 -28.08 -10.90
CA ASP D 238 -42.42 -29.49 -10.80
C ASP D 238 -41.48 -30.29 -11.71
N LEU D 239 -41.08 -31.46 -11.23
CA LEU D 239 -40.25 -32.38 -11.99
C LEU D 239 -41.12 -33.34 -12.79
N GLN D 240 -40.49 -34.04 -13.74
CA GLN D 240 -41.17 -35.07 -14.48
C GLN D 240 -41.48 -36.25 -13.57
N ASN D 241 -42.73 -36.73 -13.65
CA ASN D 241 -43.28 -37.80 -12.81
C ASN D 241 -43.17 -37.44 -11.32
N LYS D 242 -43.93 -36.41 -10.95
CA LYS D 242 -43.94 -35.89 -9.57
C LYS D 242 -44.80 -36.76 -8.65
N ALA D 243 -44.42 -38.03 -8.56
CA ALA D 243 -45.03 -38.95 -7.62
C ALA D 243 -44.04 -39.88 -6.93
N GLU D 244 -42.76 -39.87 -7.34
CA GLU D 244 -41.83 -40.90 -6.88
C GLU D 244 -41.33 -40.62 -5.47
N ARG D 245 -40.55 -39.53 -5.29
CA ARG D 245 -39.83 -39.19 -4.06
C ARG D 245 -39.02 -40.37 -3.51
N GLN D 246 -38.36 -41.13 -4.38
CA GLN D 246 -37.68 -42.36 -3.98
C GLN D 246 -36.18 -42.32 -4.17
N ASN D 247 -35.66 -41.43 -5.00
CA ASN D 247 -34.23 -41.43 -5.32
C ASN D 247 -33.42 -40.95 -4.12
N ASP D 248 -32.24 -41.55 -3.93
CA ASP D 248 -31.39 -41.28 -2.78
C ASP D 248 -30.58 -40.00 -2.91
N ILE D 249 -30.95 -39.10 -3.83
CA ILE D 249 -30.39 -37.76 -3.83
C ILE D 249 -31.31 -36.80 -3.11
N LEU D 250 -32.61 -36.86 -3.43
CA LEU D 250 -33.56 -35.91 -2.84
C LEU D 250 -33.85 -36.25 -1.38
N VAL D 251 -33.96 -37.53 -1.04
CA VAL D 251 -34.23 -37.87 0.36
C VAL D 251 -32.98 -37.74 1.21
N LYS D 252 -31.79 -37.82 0.60
CA LYS D 252 -30.56 -37.57 1.34
C LYS D 252 -30.41 -36.09 1.63
N TYR D 253 -30.73 -35.24 0.65
CA TYR D 253 -30.70 -33.80 0.83
C TYR D 253 -32.00 -33.26 1.44
N ARG D 254 -32.90 -34.14 1.87
CA ARG D 254 -34.00 -33.77 2.76
C ARG D 254 -33.69 -34.13 4.20
N HIS D 255 -32.93 -35.19 4.43
CA HIS D 255 -32.39 -35.49 5.76
C HIS D 255 -31.21 -34.58 6.11
N MET D 256 -30.57 -33.99 5.11
CA MET D 256 -29.54 -32.98 5.31
C MET D 256 -30.13 -31.58 5.38
N SER D 257 -31.46 -31.44 5.30
CA SER D 257 -32.11 -30.14 5.36
C SER D 257 -32.26 -29.63 6.77
N VAL D 258 -31.92 -30.41 7.80
CA VAL D 258 -31.85 -29.89 9.16
C VAL D 258 -30.40 -29.47 9.44
N PRO D 259 -30.15 -28.19 9.64
CA PRO D 259 -28.77 -27.72 9.78
C PRO D 259 -28.21 -28.03 11.16
N PRO D 260 -26.98 -28.54 11.24
CA PRO D 260 -26.34 -28.81 12.53
C PRO D 260 -25.92 -27.54 13.27
N GLY E 1 14.40 16.96 11.39
CA GLY E 1 14.89 15.99 12.36
C GLY E 1 13.81 15.04 12.83
N THR E 2 12.62 15.56 13.10
CA THR E 2 11.50 14.67 13.37
C THR E 2 12.04 13.54 14.18
N MET E 3 12.76 13.85 15.24
CA MET E 3 13.42 12.82 16.03
C MET E 3 12.74 12.67 17.39
N THR E 4 12.15 11.50 17.61
CA THR E 4 11.49 11.18 18.86
C THR E 4 12.52 10.93 19.95
N PHE E 5 12.04 10.69 21.15
CA PHE E 5 12.91 10.36 22.27
C PHE E 5 12.88 8.86 22.52
N GLN E 6 13.99 8.18 22.21
CA GLN E 6 14.20 6.84 22.67
C GLN E 6 15.41 6.83 23.59
N PHE E 7 15.35 6.01 24.62
CA PHE E 7 16.50 5.86 25.50
C PHE E 7 17.60 5.08 24.79
N ARG E 8 18.80 5.17 25.33
CA ARG E 8 19.90 4.31 24.89
C ARG E 8 20.11 3.16 25.85
N ASN E 9 19.19 2.95 26.79
CA ASN E 9 19.33 1.93 27.83
C ASN E 9 18.02 1.16 27.94
N PRO E 10 18.05 -0.17 27.96
CA PRO E 10 16.81 -0.95 27.89
C PRO E 10 16.00 -0.99 29.17
N ASN E 11 16.53 -0.51 30.30
CA ASN E 11 15.73 -0.45 31.52
C ASN E 11 14.67 0.63 31.47
N PHE E 12 14.85 1.64 30.62
CA PHE E 12 13.93 2.76 30.55
C PHE E 12 13.10 2.76 29.27
N GLY E 13 13.33 1.81 28.38
CA GLY E 13 12.50 1.67 27.20
C GLY E 13 13.16 1.99 25.89
N GLY E 14 14.49 1.91 25.81
CA GLY E 14 15.20 2.15 24.57
C GLY E 14 15.26 0.92 23.71
N ASN E 15 16.26 0.90 22.84
CA ASN E 15 16.51 -0.28 22.02
C ASN E 15 17.09 -1.37 22.91
N PRO E 16 16.44 -2.55 22.99
CA PRO E 16 16.94 -3.59 23.91
C PRO E 16 18.19 -4.30 23.42
N ASN E 17 18.64 -4.06 22.19
CA ASN E 17 19.80 -4.77 21.67
C ASN E 17 21.12 -4.20 22.18
N ASN E 18 21.14 -2.96 22.65
CA ASN E 18 22.38 -2.40 23.19
C ASN E 18 22.65 -2.83 24.62
N GLY E 19 21.73 -3.54 25.26
CA GLY E 19 21.96 -4.02 26.60
C GLY E 19 23.01 -5.12 26.68
N ALA E 20 23.11 -5.92 25.62
CA ALA E 20 24.21 -6.87 25.50
C ALA E 20 25.56 -6.20 25.32
N PHE E 21 25.57 -4.91 24.97
CA PHE E 21 26.77 -4.09 24.92
C PHE E 21 26.92 -3.21 26.15
N LEU E 22 25.81 -2.72 26.71
CA LEU E 22 25.86 -1.79 27.83
C LEU E 22 26.39 -2.45 29.09
N LEU E 23 25.81 -3.60 29.47
CA LEU E 23 26.18 -4.24 30.72
C LEU E 23 27.61 -4.78 30.67
N ASN E 24 27.99 -5.37 29.55
CA ASN E 24 29.33 -5.91 29.41
C ASN E 24 30.36 -4.79 29.30
N SER E 25 29.92 -3.58 28.96
CA SER E 25 30.83 -2.44 28.99
C SER E 25 31.28 -2.14 30.42
N ALA E 26 30.32 -1.96 31.34
CA ALA E 26 30.68 -1.77 32.73
C ALA E 26 31.22 -3.05 33.38
N GLN E 27 30.97 -4.22 32.79
CA GLN E 27 31.70 -5.40 33.23
C GLN E 27 33.16 -5.33 32.78
N ALA E 28 33.44 -4.60 31.70
CA ALA E 28 34.79 -4.32 31.27
C ALA E 28 35.35 -3.02 31.85
N GLN E 29 34.52 -2.17 32.44
CA GLN E 29 35.00 -1.03 33.23
C GLN E 29 34.22 -0.97 34.55
N ASN E 30 34.68 -1.72 35.54
CA ASN E 30 34.18 -1.57 36.90
C ASN E 30 35.27 -1.21 37.89
N SER E 31 36.40 -1.94 37.85
CA SER E 31 37.53 -1.82 38.79
C SER E 31 37.06 -1.88 40.24
N TYR E 32 36.19 -2.85 40.53
CA TYR E 32 35.67 -3.05 41.88
C TYR E 32 35.71 -4.53 42.21
N LYS E 33 36.27 -4.85 43.37
CA LYS E 33 36.39 -6.22 43.84
C LYS E 33 35.68 -6.34 45.20
N ASP E 34 35.64 -7.58 45.70
CA ASP E 34 34.96 -7.85 46.96
C ASP E 34 35.76 -7.29 48.14
N PRO E 35 35.09 -6.77 49.18
CA PRO E 35 35.80 -6.27 50.36
C PRO E 35 36.25 -7.39 51.28
N ALA F 10 -14.40 -34.83 3.56
CA ALA F 10 -15.25 -33.71 3.92
C ALA F 10 -16.67 -33.91 3.40
N ARG F 11 -17.65 -33.70 4.27
CA ARG F 11 -19.05 -33.88 3.90
C ARG F 11 -19.71 -32.52 3.74
N PRO F 12 -20.15 -32.15 2.54
CA PRO F 12 -20.75 -30.82 2.35
C PRO F 12 -22.19 -30.75 2.82
N THR F 13 -22.39 -30.53 4.12
CA THR F 13 -23.72 -30.40 4.69
C THR F 13 -24.20 -28.95 4.54
N LEU F 14 -25.29 -28.61 5.23
CA LEU F 14 -25.78 -27.23 5.25
C LEU F 14 -24.86 -26.36 6.13
N MET F 15 -25.23 -25.10 6.30
CA MET F 15 -24.52 -24.25 7.23
C MET F 15 -24.84 -24.69 8.66
N PRO F 16 -23.82 -24.90 9.51
CA PRO F 16 -24.08 -25.41 10.87
C PRO F 16 -24.73 -24.36 11.75
N ARG F 17 -26.04 -24.22 11.60
CA ARG F 17 -26.80 -23.17 12.26
C ARG F 17 -26.85 -23.41 13.76
N ALA F 18 -26.85 -22.33 14.53
CA ALA F 18 -26.74 -22.41 15.99
C ALA F 18 -28.10 -22.72 16.60
N GLN F 19 -28.20 -22.54 17.92
CA GLN F 19 -29.44 -22.78 18.64
C GLN F 19 -30.51 -21.77 18.25
N SER F 20 -30.11 -20.54 17.90
CA SER F 20 -31.07 -19.48 17.59
C SER F 20 -31.86 -19.75 16.31
N TYR F 21 -31.31 -20.55 15.39
CA TYR F 21 -32.08 -20.92 14.20
C TYR F 21 -33.13 -21.97 14.52
N LYS F 22 -32.90 -22.79 15.55
CA LYS F 22 -33.91 -23.74 15.98
C LYS F 22 -35.11 -23.05 16.61
N ASP F 23 -34.90 -21.88 17.22
CA ASP F 23 -36.00 -21.02 17.62
C ASP F 23 -36.60 -20.26 16.45
N LEU F 24 -35.86 -20.13 15.35
CA LEU F 24 -36.32 -19.33 14.23
C LEU F 24 -37.37 -20.06 13.39
N THR F 25 -37.14 -21.33 13.09
CA THR F 25 -38.09 -22.10 12.30
C THR F 25 -39.33 -22.46 13.10
N HIS F 26 -39.22 -22.52 14.43
CA HIS F 26 -40.35 -22.82 15.28
C HIS F 26 -41.15 -21.58 15.69
N LEU F 27 -40.91 -20.46 15.03
CA LEU F 27 -41.72 -19.27 15.26
C LEU F 27 -43.15 -19.50 14.75
N PRO F 28 -44.15 -18.93 15.41
CA PRO F 28 -45.53 -19.08 14.94
C PRO F 28 -45.76 -18.33 13.63
N ALA F 29 -46.73 -18.80 12.87
CA ALA F 29 -46.97 -18.24 11.54
C ALA F 29 -47.71 -16.90 11.65
N PRO F 30 -47.40 -15.94 10.81
CA PRO F 30 -48.17 -14.69 10.77
C PRO F 30 -49.34 -14.79 9.81
N THR F 31 -50.19 -13.76 9.85
CA THR F 31 -51.32 -13.65 8.92
C THR F 31 -50.78 -13.20 7.56
N GLY F 32 -50.22 -14.16 6.83
CA GLY F 32 -49.54 -13.86 5.59
C GLY F 32 -48.12 -13.42 5.85
N LYS F 33 -47.17 -14.01 5.13
CA LYS F 33 -45.76 -13.63 5.31
C LYS F 33 -45.52 -12.25 4.70
N ILE F 34 -44.86 -11.39 5.47
CA ILE F 34 -44.75 -9.99 5.10
C ILE F 34 -43.70 -9.82 4.01
N PHE F 35 -44.05 -9.10 2.96
CA PHE F 35 -43.07 -8.76 1.93
C PHE F 35 -42.06 -7.76 2.51
N VAL F 36 -40.79 -8.13 2.44
CA VAL F 36 -39.71 -7.35 3.03
C VAL F 36 -38.55 -7.32 2.05
N SER F 37 -37.69 -6.32 2.20
CA SER F 37 -36.60 -6.13 1.24
C SER F 37 -35.32 -5.79 1.99
N VAL F 38 -34.24 -6.49 1.65
CA VAL F 38 -32.94 -6.31 2.27
C VAL F 38 -32.01 -5.74 1.22
N TYR F 39 -31.69 -4.45 1.34
CA TYR F 39 -30.85 -3.83 0.32
C TYR F 39 -29.37 -4.12 0.55
N ASN F 40 -28.83 -3.64 1.67
CA ASN F 40 -27.41 -3.81 1.95
C ASN F 40 -27.22 -3.66 3.46
N ILE F 41 -27.11 -4.78 4.16
CA ILE F 41 -26.73 -4.74 5.57
C ILE F 41 -25.23 -4.50 5.56
N GLN F 42 -24.86 -3.22 5.60
CA GLN F 42 -23.51 -2.81 5.27
C GLN F 42 -22.53 -3.20 6.36
N ASP F 43 -21.44 -3.85 5.96
CA ASP F 43 -20.35 -4.11 6.89
C ASP F 43 -19.65 -2.78 7.13
N GLU F 44 -20.14 -2.02 8.09
CA GLU F 44 -19.48 -0.81 8.56
C GLU F 44 -18.96 -1.01 9.98
N THR F 45 -18.47 -2.22 10.26
CA THR F 45 -17.56 -2.40 11.38
C THR F 45 -16.29 -1.59 11.19
N GLY F 46 -15.83 -1.48 9.94
CA GLY F 46 -14.55 -0.88 9.66
C GLY F 46 -13.40 -1.66 10.25
N GLN F 47 -13.57 -2.97 10.43
CA GLN F 47 -12.64 -3.79 11.18
C GLN F 47 -12.15 -4.90 10.26
N PHE F 48 -10.84 -4.94 10.05
CA PHE F 48 -10.20 -5.94 9.22
C PHE F 48 -9.46 -6.92 10.12
N LYS F 49 -9.07 -8.04 9.55
CA LYS F 49 -8.46 -9.08 10.37
C LYS F 49 -7.01 -8.74 10.68
N PRO F 50 -6.56 -9.01 11.91
CA PRO F 50 -5.17 -8.71 12.28
C PRO F 50 -4.19 -9.71 11.69
N TYR F 51 -2.91 -9.52 12.02
CA TYR F 51 -1.90 -10.50 11.67
C TYR F 51 -2.14 -11.78 12.47
N PRO F 52 -1.90 -12.97 11.89
CA PRO F 52 -1.29 -13.33 10.60
C PRO F 52 -2.19 -13.21 9.39
N ALA F 53 -3.47 -12.89 9.58
CA ALA F 53 -4.37 -12.77 8.45
C ALA F 53 -4.09 -11.48 7.67
N SER F 54 -4.71 -11.38 6.51
CA SER F 54 -4.42 -10.28 5.59
C SER F 54 -4.97 -8.96 6.12
N ASN F 55 -4.32 -7.88 5.69
CA ASN F 55 -4.74 -6.54 6.10
C ASN F 55 -6.00 -6.10 5.37
N PHE F 56 -6.17 -6.54 4.12
CA PHE F 56 -7.37 -6.23 3.36
C PHE F 56 -8.53 -7.16 3.67
N SER F 57 -8.29 -8.21 4.44
CA SER F 57 -9.33 -9.17 4.78
C SER F 57 -10.21 -8.60 5.88
N THR F 58 -11.48 -8.40 5.59
CA THR F 58 -12.41 -7.88 6.59
C THR F 58 -12.64 -8.92 7.68
N ALA F 59 -12.77 -8.45 8.92
CA ALA F 59 -12.83 -9.36 10.05
C ALA F 59 -14.17 -10.09 10.11
N VAL F 60 -15.24 -9.44 9.68
CA VAL F 60 -16.53 -10.12 9.50
C VAL F 60 -16.79 -10.16 8.00
N PRO F 61 -17.69 -11.02 7.52
CA PRO F 61 -18.02 -10.99 6.09
C PRO F 61 -18.77 -9.73 5.70
N GLN F 62 -18.61 -9.36 4.43
CA GLN F 62 -19.40 -8.30 3.82
C GLN F 62 -20.68 -8.87 3.20
N SER F 63 -21.37 -9.73 3.94
CA SER F 63 -22.44 -10.54 3.35
C SER F 63 -23.64 -10.68 4.28
N ALA F 64 -23.84 -9.74 5.20
CA ALA F 64 -25.02 -9.78 6.06
C ALA F 64 -26.29 -9.44 5.29
N THR F 65 -26.17 -8.79 4.13
CA THR F 65 -27.32 -8.59 3.25
C THR F 65 -27.77 -9.89 2.60
N ALA F 66 -26.89 -10.90 2.51
CA ALA F 66 -27.26 -12.21 2.00
C ALA F 66 -27.53 -13.22 3.11
N MET F 67 -27.07 -12.94 4.33
CA MET F 67 -27.36 -13.84 5.45
C MET F 67 -28.73 -13.55 6.03
N LEU F 68 -29.09 -12.27 6.15
CA LEU F 68 -30.39 -11.90 6.71
C LEU F 68 -31.54 -12.35 5.83
N VAL F 69 -31.31 -12.41 4.52
CA VAL F 69 -32.26 -12.98 3.57
C VAL F 69 -32.59 -14.42 3.93
N THR F 70 -31.57 -15.21 4.28
CA THR F 70 -31.81 -16.57 4.76
C THR F 70 -32.50 -16.56 6.12
N ALA F 71 -32.20 -15.56 6.94
CA ALA F 71 -32.81 -15.50 8.27
C ALA F 71 -34.25 -15.05 8.21
N LEU F 72 -34.63 -14.28 7.18
CA LEU F 72 -36.02 -13.86 7.04
C LEU F 72 -36.84 -14.85 6.25
N LYS F 73 -36.22 -15.61 5.34
CA LYS F 73 -36.96 -16.56 4.53
C LYS F 73 -37.27 -17.85 5.31
N ASP F 74 -36.25 -18.41 5.97
CA ASP F 74 -36.44 -19.63 6.74
C ASP F 74 -37.11 -19.39 8.09
N SER F 75 -37.43 -18.14 8.44
CA SER F 75 -38.21 -17.87 9.64
C SER F 75 -39.69 -18.15 9.47
N ARG F 76 -40.14 -18.35 8.21
CA ARG F 76 -41.54 -18.50 7.83
C ARG F 76 -42.39 -17.32 8.30
N TRP F 77 -41.80 -16.13 8.30
CA TRP F 77 -42.46 -14.89 8.68
C TRP F 77 -42.37 -13.82 7.61
N PHE F 78 -41.36 -13.86 6.75
CA PHE F 78 -41.10 -12.82 5.78
C PHE F 78 -40.91 -13.43 4.41
N ILE F 79 -41.35 -12.69 3.38
CA ILE F 79 -40.96 -12.99 2.01
C ILE F 79 -39.90 -11.97 1.63
N PRO F 80 -38.62 -12.33 1.67
CA PRO F 80 -37.59 -11.35 1.33
C PRO F 80 -37.54 -11.09 -0.16
N LEU F 81 -37.15 -9.87 -0.52
CA LEU F 81 -37.02 -9.47 -1.90
C LEU F 81 -35.55 -9.22 -2.22
N GLU F 82 -35.15 -9.57 -3.44
CA GLU F 82 -33.77 -9.40 -3.86
C GLU F 82 -33.52 -7.93 -4.15
N ARG F 83 -32.81 -7.27 -3.24
CA ARG F 83 -32.40 -5.90 -3.43
C ARG F 83 -30.90 -5.70 -3.28
N GLN F 84 -30.14 -6.75 -3.03
CA GLN F 84 -28.68 -6.64 -3.02
C GLN F 84 -28.17 -6.40 -4.44
N GLY F 85 -28.41 -7.34 -5.34
CA GLY F 85 -28.15 -7.12 -6.74
C GLY F 85 -29.41 -6.66 -7.46
N LEU F 86 -29.98 -5.54 -7.01
CA LEU F 86 -31.20 -5.02 -7.64
C LEU F 86 -30.90 -4.50 -9.03
N GLN F 87 -29.74 -3.87 -9.22
CA GLN F 87 -29.32 -3.47 -10.56
C GLN F 87 -28.95 -4.67 -11.42
N ASN F 88 -28.68 -5.82 -10.82
CA ASN F 88 -28.52 -7.07 -11.57
C ASN F 88 -29.87 -7.71 -11.87
N LEU F 89 -30.91 -7.39 -11.11
CA LEU F 89 -32.24 -7.92 -11.39
C LEU F 89 -32.98 -7.03 -12.38
N LEU F 90 -32.75 -5.72 -12.34
CA LEU F 90 -33.39 -4.81 -13.28
C LEU F 90 -32.81 -4.96 -14.68
N ASN F 91 -31.55 -5.40 -14.78
CA ASN F 91 -30.99 -5.74 -16.09
C ASN F 91 -31.62 -6.99 -16.67
N GLU F 92 -32.16 -7.87 -15.83
CA GLU F 92 -32.88 -9.03 -16.30
C GLU F 92 -34.32 -8.70 -16.68
N ARG F 93 -34.96 -7.77 -15.96
CA ARG F 93 -36.32 -7.37 -16.29
C ARG F 93 -36.36 -6.59 -17.59
N LYS F 94 -35.31 -5.81 -17.88
CA LYS F 94 -35.24 -5.10 -19.15
C LYS F 94 -35.03 -6.04 -20.34
N ILE F 95 -34.53 -7.25 -20.09
CA ILE F 95 -34.38 -8.23 -21.15
C ILE F 95 -35.74 -8.84 -21.52
N ILE F 96 -36.58 -9.10 -20.53
CA ILE F 96 -37.92 -9.65 -20.78
C ILE F 96 -38.80 -8.61 -21.46
N ARG F 97 -38.55 -7.33 -21.23
CA ARG F 97 -39.25 -6.28 -21.98
C ARG F 97 -38.88 -6.31 -23.46
N ALA F 98 -37.67 -6.76 -23.79
CA ALA F 98 -37.25 -6.94 -25.16
C ALA F 98 -37.44 -8.38 -25.65
N ALA F 99 -37.90 -9.29 -24.79
CA ALA F 99 -38.11 -10.68 -25.16
C ALA F 99 -39.55 -10.98 -25.54
N GLN F 100 -40.51 -10.50 -24.72
CA GLN F 100 -41.92 -10.72 -25.03
C GLN F 100 -42.43 -9.83 -26.16
N GLU F 101 -41.70 -8.76 -26.50
CA GLU F 101 -42.09 -7.87 -27.59
C GLU F 101 -41.30 -8.26 -28.83
N ASN F 102 -41.73 -9.35 -29.46
CA ASN F 102 -41.09 -9.84 -30.67
C ASN F 102 -42.10 -10.01 -31.80
N ILE F 111 -45.84 -15.57 -21.18
CA ILE F 111 -46.49 -14.91 -20.06
C ILE F 111 -46.07 -13.43 -20.03
N PRO F 112 -47.04 -12.54 -19.79
CA PRO F 112 -46.69 -11.12 -19.59
C PRO F 112 -45.98 -10.92 -18.26
N LEU F 113 -45.09 -9.93 -18.24
CA LEU F 113 -44.27 -9.69 -17.07
C LEU F 113 -45.05 -8.96 -15.98
N GLN F 114 -44.94 -9.47 -14.76
CA GLN F 114 -45.51 -8.80 -13.60
C GLN F 114 -44.55 -7.72 -13.09
N SER F 115 -44.99 -6.98 -12.09
CA SER F 115 -44.16 -5.96 -11.46
C SER F 115 -43.59 -6.49 -10.14
N LEU F 116 -42.58 -5.79 -9.65
CA LEU F 116 -41.99 -6.14 -8.35
C LEU F 116 -42.98 -5.79 -7.24
N THR F 117 -42.99 -6.61 -6.19
CA THR F 117 -43.93 -6.40 -5.11
C THR F 117 -43.51 -5.21 -4.25
N ALA F 118 -44.45 -4.76 -3.41
CA ALA F 118 -44.34 -3.46 -2.76
C ALA F 118 -43.28 -3.44 -1.67
N ALA F 119 -43.24 -4.49 -0.83
CA ALA F 119 -42.33 -4.63 0.32
C ALA F 119 -42.48 -3.44 1.28
N ASN F 120 -43.66 -3.40 1.92
CA ASN F 120 -44.08 -2.25 2.73
C ASN F 120 -43.15 -1.99 3.91
N ILE F 121 -42.47 -3.01 4.40
CA ILE F 121 -41.38 -2.83 5.36
C ILE F 121 -40.09 -3.31 4.71
N MET F 122 -38.98 -2.78 5.20
CA MET F 122 -37.66 -3.21 4.76
C MET F 122 -36.78 -3.34 5.99
N VAL F 123 -35.81 -4.24 5.93
CA VAL F 123 -34.82 -4.37 6.98
C VAL F 123 -33.52 -3.81 6.44
N GLU F 124 -33.33 -2.51 6.63
CA GLU F 124 -32.02 -1.89 6.53
C GLU F 124 -31.29 -2.23 7.82
N GLY F 125 -29.96 -2.22 7.77
CA GLY F 125 -29.21 -2.52 8.97
C GLY F 125 -27.73 -2.46 8.72
N SER F 126 -26.99 -2.88 9.73
CA SER F 126 -25.53 -2.87 9.68
C SER F 126 -24.99 -3.96 10.58
N ILE F 127 -23.76 -4.36 10.29
CA ILE F 127 -22.90 -5.01 11.27
C ILE F 127 -22.20 -3.87 11.99
N ILE F 128 -22.65 -3.55 13.20
CA ILE F 128 -22.23 -2.31 13.84
C ILE F 128 -20.89 -2.40 14.53
N GLY F 129 -20.28 -3.57 14.60
CA GLY F 129 -18.99 -3.64 15.26
C GLY F 129 -18.41 -5.01 15.44
N TYR F 130 -17.10 -5.06 15.64
CA TYR F 130 -16.44 -6.32 15.86
C TYR F 130 -15.08 -6.09 16.50
N GLU F 131 -15.05 -5.95 17.82
CA GLU F 131 -13.82 -5.72 18.55
C GLU F 131 -13.06 -7.03 18.67
N SER F 132 -11.82 -7.05 18.23
CA SER F 132 -11.00 -8.23 18.38
C SER F 132 -10.57 -8.40 19.82
N ASN F 133 -10.69 -9.63 20.33
CA ASN F 133 -10.23 -10.06 21.65
C ASN F 133 -10.89 -9.24 22.77
N VAL F 134 -12.21 -9.42 22.91
CA VAL F 134 -12.96 -8.65 23.88
C VAL F 134 -12.68 -9.14 25.30
N LYS F 135 -13.03 -10.39 25.58
CA LYS F 135 -12.79 -10.98 26.90
C LYS F 135 -11.81 -12.12 26.77
N SER F 136 -10.74 -11.87 26.02
CA SER F 136 -9.77 -12.91 25.71
C SER F 136 -8.92 -13.23 26.93
N GLY F 137 -8.21 -14.35 26.86
CA GLY F 137 -7.39 -14.80 27.97
C GLY F 137 -6.97 -16.24 27.82
N GLY F 138 -6.25 -16.78 28.79
CA GLY F 138 -5.86 -18.17 28.71
C GLY F 138 -5.10 -18.61 29.93
N VAL F 139 -5.36 -19.84 30.36
CA VAL F 139 -4.65 -20.46 31.47
C VAL F 139 -3.58 -21.38 30.90
N GLY F 140 -2.39 -21.31 31.46
CA GLY F 140 -1.32 -22.23 31.11
C GLY F 140 -0.71 -22.96 32.28
N ALA F 141 -0.50 -24.26 32.09
CA ALA F 141 0.11 -25.11 33.10
C ALA F 141 1.08 -26.09 32.47
N ARG F 142 2.25 -26.24 33.08
CA ARG F 142 3.24 -27.18 32.55
C ARG F 142 4.15 -27.63 33.69
N TYR F 143 4.09 -28.92 34.01
CA TYR F 143 5.00 -29.53 34.96
C TYR F 143 6.24 -29.99 34.21
N PHE F 144 7.04 -30.86 34.83
CA PHE F 144 8.22 -31.46 34.20
C PHE F 144 7.81 -32.25 32.97
N GLY F 145 8.17 -31.73 31.80
CA GLY F 145 7.79 -32.36 30.55
C GLY F 145 6.38 -32.04 30.10
N ILE F 146 5.39 -32.62 30.77
CA ILE F 146 3.99 -32.50 30.34
C ILE F 146 3.48 -31.09 30.58
N GLY F 147 2.56 -30.65 29.72
CA GLY F 147 2.02 -29.32 29.83
C GLY F 147 0.94 -29.00 28.82
N ALA F 148 0.02 -28.10 29.19
CA ALA F 148 -1.11 -27.78 28.34
C ALA F 148 -1.60 -26.37 28.66
N ASP F 149 -2.10 -25.69 27.65
CA ASP F 149 -2.70 -24.38 27.81
C ASP F 149 -4.10 -24.38 27.22
N THR F 150 -4.92 -23.44 27.68
CA THR F 150 -6.28 -23.24 27.21
C THR F 150 -6.34 -21.74 26.98
N GLN F 151 -6.15 -21.32 25.73
CA GLN F 151 -6.08 -19.89 25.42
C GLN F 151 -7.34 -19.69 24.59
N TYR F 152 -8.21 -18.79 25.04
CA TYR F 152 -9.44 -18.46 24.33
C TYR F 152 -9.46 -16.97 24.01
N GLN F 153 -9.74 -16.64 22.75
CA GLN F 153 -9.75 -15.26 22.31
C GLN F 153 -11.20 -14.92 21.97
N LEU F 154 -11.93 -14.42 22.97
CA LEU F 154 -13.36 -14.16 22.83
C LEU F 154 -13.55 -12.87 22.05
N ASP F 155 -13.92 -12.99 20.78
CA ASP F 155 -14.31 -11.83 19.99
C ASP F 155 -15.77 -11.50 20.30
N GLN F 156 -16.28 -10.47 19.64
CA GLN F 156 -17.69 -10.12 19.79
C GLN F 156 -18.14 -9.35 18.56
N ILE F 157 -19.03 -9.94 17.79
CA ILE F 157 -19.70 -9.26 16.70
C ILE F 157 -20.97 -8.64 17.25
N ALA F 158 -21.47 -7.62 16.57
CA ALA F 158 -22.77 -7.05 16.89
C ALA F 158 -23.39 -6.55 15.59
N VAL F 159 -24.68 -6.79 15.42
CA VAL F 159 -25.39 -6.38 14.22
C VAL F 159 -26.57 -5.50 14.59
N ASN F 160 -26.91 -4.60 13.68
CA ASN F 160 -28.11 -3.80 13.78
C ASN F 160 -29.11 -4.27 12.74
N LEU F 161 -30.34 -4.51 13.15
CA LEU F 161 -31.43 -4.86 12.24
C LEU F 161 -32.62 -3.99 12.60
N ARG F 162 -32.99 -3.10 11.70
CA ARG F 162 -34.11 -2.21 11.92
C ARG F 162 -35.14 -2.37 10.81
N VAL F 163 -36.39 -2.56 11.19
CA VAL F 163 -37.49 -2.67 10.25
C VAL F 163 -37.93 -1.24 9.95
N VAL F 164 -37.94 -0.86 8.68
CA VAL F 164 -38.29 0.50 8.29
C VAL F 164 -39.52 0.43 7.39
N ASN F 165 -40.57 1.13 7.79
CA ASN F 165 -41.74 1.30 6.95
C ASN F 165 -41.37 2.21 5.79
N VAL F 166 -41.29 1.65 4.57
CA VAL F 166 -40.85 2.43 3.42
C VAL F 166 -41.92 3.42 2.95
N SER F 167 -43.17 3.26 3.40
CA SER F 167 -44.20 4.21 3.06
C SER F 167 -44.05 5.53 3.79
N THR F 168 -43.40 5.53 4.96
CA THR F 168 -43.27 6.76 5.74
C THR F 168 -41.84 7.02 6.18
N GLY F 169 -40.93 6.06 6.01
CA GLY F 169 -39.54 6.24 6.38
C GLY F 169 -39.26 6.02 7.86
N GLU F 170 -40.30 5.69 8.62
CA GLU F 170 -40.15 5.54 10.06
C GLU F 170 -39.47 4.21 10.38
N ILE F 171 -38.46 4.26 11.24
CA ILE F 171 -37.79 3.07 11.73
C ILE F 171 -38.66 2.48 12.85
N LEU F 172 -39.15 1.26 12.64
CA LEU F 172 -40.19 0.70 13.48
C LEU F 172 -39.63 0.02 14.72
N SER F 173 -38.73 -0.94 14.53
CA SER F 173 -38.10 -1.67 15.62
C SER F 173 -36.62 -1.84 15.28
N SER F 174 -35.76 -1.14 16.01
CA SER F 174 -34.34 -1.14 15.74
C SER F 174 -33.62 -1.82 16.91
N VAL F 175 -33.14 -3.03 16.67
CA VAL F 175 -32.52 -3.85 17.71
C VAL F 175 -31.04 -4.02 17.43
N ASN F 176 -30.29 -4.33 18.49
CA ASN F 176 -28.85 -4.55 18.42
C ASN F 176 -28.54 -5.85 19.14
N THR F 177 -28.22 -6.90 18.38
CA THR F 177 -27.89 -8.19 18.95
C THR F 177 -26.42 -8.47 18.77
N SER F 178 -25.81 -9.08 19.78
CA SER F 178 -24.40 -9.41 19.76
C SER F 178 -24.22 -10.91 19.92
N LYS F 179 -23.02 -11.38 19.61
CA LYS F 179 -22.66 -12.77 19.84
C LYS F 179 -21.16 -12.85 20.08
N THR F 180 -20.76 -13.51 21.16
CA THR F 180 -19.36 -13.64 21.51
C THR F 180 -18.75 -14.80 20.74
N ILE F 181 -17.84 -14.50 19.82
CA ILE F 181 -17.12 -15.51 19.06
C ILE F 181 -16.11 -16.17 20.00
N LEU F 182 -16.27 -17.47 20.24
CA LEU F 182 -15.38 -18.20 21.14
C LEU F 182 -14.33 -18.90 20.29
N SER F 183 -13.13 -18.32 20.24
CA SER F 183 -12.01 -18.88 19.51
C SER F 183 -10.98 -19.37 20.51
N TYR F 184 -11.09 -20.64 20.91
CA TYR F 184 -10.23 -21.21 21.92
C TYR F 184 -9.24 -22.19 21.30
N GLU F 185 -8.07 -22.30 21.91
CA GLU F 185 -7.07 -23.30 21.52
C GLU F 185 -6.68 -24.10 22.76
N VAL F 186 -6.48 -25.40 22.58
CA VAL F 186 -5.97 -26.29 23.61
C VAL F 186 -4.77 -27.01 23.01
N GLN F 187 -3.58 -26.59 23.41
CA GLN F 187 -2.33 -27.17 22.97
C GLN F 187 -1.75 -27.91 24.16
N ALA F 188 -1.61 -29.23 24.03
CA ALA F 188 -1.11 -30.03 25.14
C ALA F 188 0.21 -30.53 24.59
N GLY F 189 1.30 -29.83 24.93
CA GLY F 189 2.60 -30.18 24.42
C GLY F 189 3.56 -30.67 25.50
N VAL F 190 4.19 -31.82 25.26
CA VAL F 190 5.12 -32.41 26.21
C VAL F 190 6.54 -32.31 25.65
N PHE F 191 7.52 -32.20 26.55
CA PHE F 191 8.92 -32.19 26.15
C PHE F 191 9.70 -32.77 27.34
N ARG F 192 9.93 -34.07 27.31
CA ARG F 192 10.41 -34.77 28.50
C ARG F 192 11.46 -35.79 28.14
N PHE F 193 12.60 -35.72 28.81
CA PHE F 193 13.59 -36.78 28.69
C PHE F 193 13.08 -38.05 29.37
N ILE F 194 13.38 -39.20 28.76
CA ILE F 194 12.89 -40.49 29.23
C ILE F 194 14.03 -41.34 29.77
N ASP F 195 15.09 -41.51 28.98
CA ASP F 195 16.29 -42.19 29.42
C ASP F 195 17.46 -41.24 29.30
N TYR F 196 18.66 -41.75 29.60
CA TYR F 196 19.87 -40.97 29.37
C TYR F 196 20.11 -40.87 27.88
N GLN F 197 20.18 -39.62 27.39
CA GLN F 197 20.28 -39.29 25.96
C GLN F 197 19.13 -39.92 25.16
N ARG F 198 17.92 -39.78 25.70
CA ARG F 198 16.68 -40.12 25.00
C ARG F 198 15.65 -39.06 25.35
N LEU F 199 14.81 -38.70 24.38
CA LEU F 199 13.86 -37.62 24.58
C LEU F 199 12.56 -37.92 23.85
N LEU F 200 11.46 -37.96 24.60
CA LEU F 200 10.14 -38.02 24.00
C LEU F 200 9.53 -36.62 24.02
N GLU F 201 8.83 -36.29 22.95
CA GLU F 201 8.09 -35.05 22.87
C GLU F 201 6.89 -35.24 21.95
N GLY F 202 5.91 -34.36 22.11
CA GLY F 202 4.68 -34.46 21.37
C GLY F 202 3.78 -33.31 21.74
N GLU F 203 3.00 -32.83 20.78
CA GLU F 203 2.17 -31.65 21.01
C GLU F 203 0.85 -31.86 20.26
N VAL F 204 -0.18 -32.25 21.00
CA VAL F 204 -1.52 -32.31 20.46
C VAL F 204 -2.18 -30.94 20.64
N GLY F 205 -2.70 -30.39 19.55
CA GLY F 205 -3.29 -29.07 19.59
C GLY F 205 -4.59 -28.95 18.79
N TYR F 206 -5.53 -28.21 19.36
CA TYR F 206 -6.84 -28.04 18.74
C TYR F 206 -7.35 -26.63 18.97
N THR F 207 -7.40 -25.83 17.90
CA THR F 207 -7.95 -24.47 17.98
C THR F 207 -9.29 -24.43 17.24
N SER F 208 -10.37 -24.47 18.02
CA SER F 208 -11.71 -24.39 17.45
C SER F 208 -12.14 -22.94 17.47
N ASN F 209 -11.76 -22.20 16.42
CA ASN F 209 -12.30 -20.87 16.20
C ASN F 209 -13.78 -21.00 15.86
N GLU F 210 -14.61 -20.26 16.59
CA GLU F 210 -15.97 -20.10 16.15
C GLU F 210 -15.94 -19.26 14.88
N PRO F 211 -16.49 -19.74 13.77
CA PRO F 211 -16.42 -18.97 12.52
C PRO F 211 -17.28 -17.72 12.62
N VAL F 212 -16.70 -16.59 12.20
CA VAL F 212 -17.38 -15.31 12.31
C VAL F 212 -18.59 -15.25 11.38
N MET F 213 -18.58 -16.03 10.29
CA MET F 213 -19.75 -16.11 9.42
C MET F 213 -20.91 -16.82 10.10
N LEU F 214 -20.65 -17.77 11.00
CA LEU F 214 -21.72 -18.46 11.67
C LEU F 214 -22.26 -17.64 12.83
N CYS F 215 -21.39 -16.85 13.47
CA CYS F 215 -21.84 -15.94 14.51
C CYS F 215 -22.46 -14.67 13.95
N LEU F 216 -22.07 -14.27 12.74
CA LEU F 216 -22.86 -13.27 12.02
C LEU F 216 -24.22 -13.82 11.66
N MET F 217 -24.28 -15.11 11.31
CA MET F 217 -25.55 -15.74 10.97
C MET F 217 -26.42 -15.94 12.19
N SER F 218 -25.82 -16.28 13.33
CA SER F 218 -26.62 -16.59 14.51
C SER F 218 -27.06 -15.34 15.26
N ALA F 219 -26.27 -14.26 15.20
CA ALA F 219 -26.71 -13.00 15.79
C ALA F 219 -27.76 -12.30 14.94
N ILE F 220 -27.76 -12.54 13.63
CA ILE F 220 -28.81 -12.00 12.78
C ILE F 220 -30.11 -12.78 12.98
N GLU F 221 -30.01 -14.11 13.11
CA GLU F 221 -31.19 -14.92 13.41
C GLU F 221 -31.73 -14.63 14.80
N THR F 222 -30.86 -14.21 15.72
CA THR F 222 -31.33 -13.67 16.99
C THR F 222 -32.07 -12.36 16.76
N GLY F 223 -31.57 -11.54 15.83
CA GLY F 223 -32.19 -10.25 15.59
C GLY F 223 -33.54 -10.35 14.89
N VAL F 224 -33.72 -11.39 14.08
CA VAL F 224 -35.00 -11.58 13.38
C VAL F 224 -36.09 -11.93 14.38
N ILE F 225 -35.76 -12.76 15.38
CA ILE F 225 -36.69 -13.01 16.47
C ILE F 225 -36.89 -11.75 17.30
N PHE F 226 -35.84 -10.93 17.42
CA PHE F 226 -35.98 -9.65 18.12
C PHE F 226 -36.68 -8.62 17.25
N LEU F 227 -36.68 -8.79 15.93
CA LEU F 227 -37.51 -7.96 15.08
C LEU F 227 -38.98 -8.35 15.21
N ILE F 228 -39.23 -9.65 15.32
CA ILE F 228 -40.62 -10.13 15.35
C ILE F 228 -41.24 -9.90 16.72
N ASN F 229 -40.50 -10.18 17.79
CA ASN F 229 -41.04 -10.04 19.15
C ASN F 229 -41.26 -8.57 19.50
N ASP F 230 -40.34 -7.70 19.08
CA ASP F 230 -40.54 -6.27 19.28
C ASP F 230 -41.42 -5.66 18.20
N GLY F 231 -41.75 -6.41 17.16
CA GLY F 231 -42.73 -6.01 16.16
C GLY F 231 -44.15 -6.43 16.46
N ILE F 232 -44.37 -7.16 17.55
CA ILE F 232 -45.71 -7.61 17.94
C ILE F 232 -46.31 -6.69 18.99
N ASP F 233 -45.54 -6.33 20.02
CA ASP F 233 -46.06 -5.48 21.08
C ASP F 233 -46.29 -4.05 20.62
N ARG F 234 -45.58 -3.60 19.58
CA ARG F 234 -45.81 -2.27 19.03
C ARG F 234 -47.01 -2.21 18.11
N GLY F 235 -47.61 -3.35 17.77
CA GLY F 235 -48.73 -3.36 16.85
C GLY F 235 -48.35 -3.15 15.40
N LEU F 236 -47.10 -3.41 15.04
CA LEU F 236 -46.67 -3.22 13.66
C LEU F 236 -47.22 -4.29 12.73
N TRP F 237 -47.25 -5.53 13.20
CA TRP F 237 -47.85 -6.62 12.44
C TRP F 237 -48.35 -7.68 13.41
N ASP F 238 -49.42 -8.35 13.02
CA ASP F 238 -50.07 -9.35 13.87
C ASP F 238 -49.82 -10.74 13.32
N LEU F 239 -49.64 -11.70 14.23
CA LEU F 239 -49.47 -13.09 13.89
C LEU F 239 -50.82 -13.79 13.87
N GLN F 240 -50.84 -15.00 13.30
CA GLN F 240 -52.03 -15.83 13.31
C GLN F 240 -52.31 -16.30 14.74
N ASN F 241 -53.57 -16.17 15.15
CA ASN F 241 -54.06 -16.48 16.50
C ASN F 241 -53.30 -15.67 17.56
N LYS F 242 -53.51 -14.35 17.51
CA LYS F 242 -52.84 -13.40 18.40
C LYS F 242 -53.50 -13.37 19.78
N ALA F 243 -53.52 -14.54 20.42
CA ALA F 243 -53.98 -14.67 21.80
C ALA F 243 -53.11 -15.59 22.64
N GLU F 244 -52.16 -16.30 22.06
CA GLU F 244 -51.47 -17.38 22.78
C GLU F 244 -50.41 -16.83 23.73
N ARG F 245 -49.35 -16.23 23.18
CA ARG F 245 -48.15 -15.80 23.91
C ARG F 245 -47.57 -16.90 24.81
N GLN F 246 -47.56 -18.14 24.33
CA GLN F 246 -47.17 -19.29 25.15
C GLN F 246 -45.91 -19.99 24.68
N ASN F 247 -45.51 -19.81 23.43
CA ASN F 247 -44.38 -20.57 22.89
C ASN F 247 -43.07 -20.08 23.49
N ASP F 248 -42.15 -21.02 23.73
CA ASP F 248 -40.89 -20.74 24.40
C ASP F 248 -39.85 -20.10 23.50
N ILE F 249 -40.24 -19.55 22.34
CA ILE F 249 -39.35 -18.72 21.56
C ILE F 249 -39.60 -17.25 21.87
N LEU F 250 -40.88 -16.85 21.88
CA LEU F 250 -41.20 -15.44 22.09
C LEU F 250 -41.01 -15.03 23.54
N VAL F 251 -41.36 -15.89 24.49
CA VAL F 251 -41.18 -15.52 25.90
C VAL F 251 -39.72 -15.64 26.31
N LYS F 252 -38.93 -16.47 25.60
CA LYS F 252 -37.49 -16.52 25.86
C LYS F 252 -36.80 -15.26 25.33
N TYR F 253 -37.20 -14.81 24.15
CA TYR F 253 -36.69 -13.58 23.58
C TYR F 253 -37.43 -12.34 24.06
N ARG F 254 -38.32 -12.49 25.04
CA ARG F 254 -38.83 -11.37 25.82
C ARG F 254 -38.12 -11.24 27.16
N HIS F 255 -37.69 -12.36 27.74
CA HIS F 255 -36.80 -12.33 28.90
C HIS F 255 -35.37 -11.99 28.52
N MET F 256 -35.00 -12.17 27.24
CA MET F 256 -33.73 -11.72 26.72
C MET F 256 -33.79 -10.30 26.19
N SER F 257 -34.95 -9.64 26.31
CA SER F 257 -35.11 -8.27 25.84
C SER F 257 -34.55 -7.24 26.80
N VAL F 258 -34.10 -7.64 27.99
CA VAL F 258 -33.37 -6.72 28.86
C VAL F 258 -31.87 -6.92 28.61
N PRO F 259 -31.19 -5.91 28.09
CA PRO F 259 -29.79 -6.09 27.70
C PRO F 259 -28.87 -6.06 28.92
N PRO F 260 -27.91 -6.99 29.00
CA PRO F 260 -26.94 -7.00 30.10
C PRO F 260 -25.91 -5.88 30.00
N GLY G 1 21.99 11.76 -1.68
CA GLY G 1 22.51 11.12 -0.47
C GLY G 1 21.45 11.01 0.61
N THR G 2 20.66 12.07 0.82
CA THR G 2 19.51 11.94 1.71
C THR G 2 19.96 11.08 2.86
N MET G 3 21.08 11.43 3.45
CA MET G 3 21.66 10.60 4.51
C MET G 3 21.53 11.29 5.86
N THR G 4 20.74 10.69 6.74
CA THR G 4 20.54 11.20 8.09
C THR G 4 21.79 10.95 8.93
N PHE G 5 21.74 11.43 10.17
CA PHE G 5 22.84 11.19 11.10
C PHE G 5 22.46 10.08 12.06
N GLN G 6 23.10 8.93 11.94
CA GLN G 6 23.06 7.91 12.95
C GLN G 6 24.47 7.74 13.50
N PHE G 7 24.56 7.48 14.79
CA PHE G 7 25.86 7.19 15.38
C PHE G 7 26.32 5.80 14.95
N ARG G 8 27.61 5.55 15.14
CA ARG G 8 28.14 4.21 14.99
C ARG G 8 28.34 3.53 16.33
N ASN G 9 27.84 4.13 17.41
CA ASN G 9 28.04 3.63 18.77
C ASN G 9 26.71 3.64 19.51
N PRO G 10 26.34 2.53 20.17
CA PRO G 10 24.99 2.42 20.75
C PRO G 10 24.76 3.24 22.01
N ASN G 11 25.80 3.83 22.61
CA ASN G 11 25.57 4.68 23.77
C ASN G 11 24.95 6.02 23.39
N PHE G 12 25.09 6.43 22.14
CA PHE G 12 24.60 7.73 21.69
C PHE G 12 23.38 7.61 20.78
N GLY G 13 22.96 6.40 20.46
CA GLY G 13 21.75 6.19 19.70
C GLY G 13 21.93 5.66 18.29
N GLY G 14 23.03 4.98 18.01
CA GLY G 14 23.26 4.40 16.71
C GLY G 14 22.61 3.04 16.59
N ASN G 15 23.15 2.25 15.67
CA ASN G 15 22.72 0.86 15.52
C ASN G 15 23.22 0.06 16.71
N PRO G 16 22.34 -0.58 17.49
CA PRO G 16 22.82 -1.30 18.68
C PRO G 16 23.52 -2.60 18.40
N ASN G 17 23.51 -3.08 17.15
CA ASN G 17 24.12 -4.37 16.84
C ASN G 17 25.64 -4.30 16.73
N ASN G 18 26.21 -3.11 16.50
CA ASN G 18 27.67 -3.00 16.43
C ASN G 18 28.32 -2.92 17.80
N GLY G 19 27.53 -2.85 18.88
CA GLY G 19 28.11 -2.82 20.21
C GLY G 19 28.73 -4.15 20.62
N ALA G 20 28.18 -5.26 20.11
CA ALA G 20 28.81 -6.57 20.27
C ALA G 20 30.13 -6.67 19.51
N PHE G 21 30.39 -5.77 18.57
CA PHE G 21 31.66 -5.66 17.89
C PHE G 21 32.52 -4.54 18.45
N LEU G 22 31.90 -3.44 18.90
CA LEU G 22 32.66 -2.28 19.37
C LEU G 22 33.40 -2.56 20.66
N LEU G 23 32.69 -3.10 21.66
CA LEU G 23 33.29 -3.30 22.97
C LEU G 23 34.36 -4.38 22.93
N ASN G 24 34.09 -5.47 22.20
CA ASN G 24 35.06 -6.55 22.09
C ASN G 24 36.26 -6.14 21.24
N SER G 25 36.11 -5.09 20.43
CA SER G 25 37.25 -4.55 19.71
C SER G 25 38.28 -3.96 20.68
N ALA G 26 37.83 -3.05 21.55
CA ALA G 26 38.74 -2.52 22.56
C ALA G 26 39.07 -3.55 23.65
N GLN G 27 38.28 -4.61 23.78
CA GLN G 27 38.74 -5.73 24.60
C GLN G 27 39.86 -6.49 23.91
N ALA G 28 39.91 -6.42 22.57
CA ALA G 28 41.03 -6.96 21.81
C ALA G 28 42.12 -5.93 21.54
N GLN G 29 41.87 -4.65 21.77
CA GLN G 29 42.93 -3.64 21.78
C GLN G 29 42.76 -2.74 23.01
N ASN G 30 43.32 -3.18 24.13
CA ASN G 30 43.44 -2.31 25.31
C ASN G 30 44.88 -2.13 25.74
N SER G 31 45.64 -3.23 25.85
CA SER G 31 47.02 -3.27 26.36
C SER G 31 47.14 -2.56 27.71
N TYR G 32 46.20 -2.86 28.61
CA TYR G 32 46.19 -2.27 29.95
C TYR G 32 45.90 -3.37 30.96
N LYS G 33 46.74 -3.45 31.99
CA LYS G 33 46.61 -4.43 33.06
C LYS G 33 46.47 -3.70 34.39
N ASP G 34 46.25 -4.49 35.45
CA ASP G 34 46.05 -3.93 36.78
C ASP G 34 47.37 -3.38 37.33
N PRO G 35 47.33 -2.27 38.08
CA PRO G 35 48.55 -1.72 38.69
C PRO G 35 48.96 -2.48 39.94
N ALA H 10 -21.68 -20.58 23.24
CA ALA H 10 -21.95 -19.16 23.14
C ALA H 10 -23.45 -18.89 23.07
N ARG H 11 -23.92 -17.96 23.90
CA ARG H 11 -25.33 -17.63 23.95
C ARG H 11 -25.57 -16.29 23.26
N PRO H 12 -26.30 -16.25 22.15
CA PRO H 12 -26.49 -14.98 21.44
C PRO H 12 -27.56 -14.11 22.08
N THR H 13 -27.18 -13.34 23.10
CA THR H 13 -28.09 -12.44 23.77
C THR H 13 -28.13 -11.10 23.01
N LEU H 14 -28.72 -10.08 23.63
CA LEU H 14 -28.73 -8.74 23.06
C LEU H 14 -27.34 -8.10 23.19
N MET H 15 -27.22 -6.85 22.77
CA MET H 15 -25.99 -6.11 23.00
C MET H 15 -25.87 -5.80 24.49
N PRO H 16 -24.72 -6.09 25.11
CA PRO H 16 -24.58 -5.87 26.55
C PRO H 16 -24.50 -4.40 26.91
N ARG H 17 -25.66 -3.76 26.96
CA ARG H 17 -25.76 -2.32 27.14
C ARG H 17 -25.31 -1.92 28.53
N ALA H 18 -24.69 -0.75 28.63
CA ALA H 18 -24.07 -0.31 29.89
C ALA H 18 -25.13 0.27 30.83
N GLN H 19 -24.65 0.96 31.86
CA GLN H 19 -25.54 1.59 32.83
C GLN H 19 -26.33 2.75 32.21
N SER H 20 -25.74 3.42 31.22
CA SER H 20 -26.39 4.59 30.61
C SER H 20 -27.63 4.24 29.81
N TYR H 21 -27.74 3.00 29.33
CA TYR H 21 -28.97 2.58 28.67
C TYR H 21 -30.09 2.32 29.67
N LYS H 22 -29.75 1.94 30.90
CA LYS H 22 -30.75 1.77 31.93
C LYS H 22 -31.36 3.11 32.35
N ASP H 23 -30.59 4.19 32.24
CA ASP H 23 -31.16 5.53 32.37
C ASP H 23 -31.89 5.97 31.11
N LEU H 24 -31.62 5.33 29.97
CA LEU H 24 -32.22 5.76 28.72
C LEU H 24 -33.66 5.30 28.58
N THR H 25 -33.96 4.05 28.91
CA THR H 25 -35.32 3.55 28.82
C THR H 25 -36.21 4.12 29.92
N HIS H 26 -35.63 4.53 31.05
CA HIS H 26 -36.39 5.10 32.14
C HIS H 26 -36.56 6.61 32.01
N LEU H 27 -36.26 7.17 30.84
CA LEU H 27 -36.53 8.58 30.61
C LEU H 27 -38.05 8.83 30.57
N PRO H 28 -38.50 9.98 31.03
CA PRO H 28 -39.93 10.29 30.97
C PRO H 28 -40.41 10.50 29.54
N ALA H 29 -41.69 10.26 29.32
CA ALA H 29 -42.23 10.32 27.96
C ALA H 29 -42.44 11.77 27.54
N PRO H 30 -42.20 12.10 26.28
CA PRO H 30 -42.51 13.44 25.78
C PRO H 30 -43.93 13.51 25.23
N THR H 31 -44.35 14.73 24.91
CA THR H 31 -45.67 14.97 24.29
C THR H 31 -45.57 14.58 22.82
N GLY H 32 -45.65 13.27 22.58
CA GLY H 32 -45.43 12.75 21.25
C GLY H 32 -43.95 12.57 20.97
N LYS H 33 -43.56 11.40 20.47
CA LYS H 33 -42.16 11.15 20.17
C LYS H 33 -41.76 11.93 18.92
N ILE H 34 -40.64 12.64 19.01
CA ILE H 34 -40.26 13.59 17.97
C ILE H 34 -39.70 12.85 16.77
N PHE H 35 -40.19 13.19 15.58
CA PHE H 35 -39.62 12.64 14.35
C PHE H 35 -38.22 13.22 14.15
N VAL H 36 -37.24 12.33 14.03
CA VAL H 36 -35.84 12.72 13.93
C VAL H 36 -35.18 11.86 12.86
N SER H 37 -34.08 12.34 12.31
CA SER H 37 -33.43 11.66 11.21
C SER H 37 -31.92 11.65 11.43
N VAL H 38 -31.31 10.48 11.27
CA VAL H 38 -29.89 10.29 11.46
C VAL H 38 -29.30 9.93 10.09
N TYR H 39 -28.59 10.88 9.49
CA TYR H 39 -28.05 10.63 8.16
C TYR H 39 -26.75 9.83 8.22
N ASN H 40 -25.71 10.41 8.81
CA ASN H 40 -24.41 9.75 8.86
C ASN H 40 -23.63 10.37 10.02
N ILE H 41 -23.60 9.67 11.15
CA ILE H 41 -22.73 10.07 12.24
C ILE H 41 -21.34 9.61 11.83
N GLN H 42 -20.62 10.49 11.15
CA GLN H 42 -19.44 10.10 10.40
C GLN H 42 -18.29 9.77 11.33
N ASP H 43 -17.68 8.61 11.11
CA ASP H 43 -16.44 8.28 11.81
C ASP H 43 -15.34 9.13 11.21
N GLU H 44 -15.18 10.34 11.73
CA GLU H 44 -14.07 11.20 11.40
C GLU H 44 -13.13 11.36 12.59
N THR H 45 -12.96 10.26 13.34
CA THR H 45 -11.80 10.13 14.21
C THR H 45 -10.52 10.16 13.40
N GLY H 46 -10.56 9.58 12.19
CA GLY H 46 -9.35 9.39 11.41
C GLY H 46 -8.36 8.48 12.08
N GLN H 47 -8.83 7.56 12.92
CA GLN H 47 -7.97 6.75 13.78
C GLN H 47 -8.22 5.29 13.46
N PHE H 48 -7.17 4.60 13.05
CA PHE H 48 -7.22 3.18 12.73
C PHE H 48 -6.53 2.41 13.84
N LYS H 49 -6.73 1.10 13.84
CA LYS H 49 -6.20 0.32 14.94
C LYS H 49 -4.72 0.07 14.75
N PRO H 50 -3.93 0.12 15.83
CA PRO H 50 -2.48 -0.11 15.72
C PRO H 50 -2.14 -1.58 15.54
N TYR H 51 -0.84 -1.87 15.47
CA TYR H 51 -0.38 -3.25 15.47
C TYR H 51 -0.68 -3.88 16.83
N PRO H 52 -1.04 -5.17 16.89
CA PRO H 52 -1.10 -6.22 15.86
C PRO H 52 -2.32 -6.19 14.96
N ALA H 53 -3.27 -5.29 15.21
CA ALA H 53 -4.45 -5.23 14.37
C ALA H 53 -4.12 -4.60 13.02
N SER H 54 -5.06 -4.69 12.10
CA SER H 54 -4.84 -4.27 10.73
C SER H 54 -4.71 -2.76 10.60
N ASN H 55 -3.98 -2.32 9.58
CA ASN H 55 -3.80 -0.90 9.34
C ASN H 55 -5.05 -0.26 8.75
N PHE H 56 -5.79 -1.02 7.94
CA PHE H 56 -7.04 -0.52 7.37
C PHE H 56 -8.22 -0.65 8.33
N SER H 57 -8.04 -1.32 9.46
CA SER H 57 -9.11 -1.51 10.43
C SER H 57 -9.28 -0.23 11.24
N THR H 58 -10.45 0.38 11.15
CA THR H 58 -10.73 1.59 11.91
C THR H 58 -10.83 1.25 13.39
N ALA H 59 -10.33 2.17 14.23
CA ALA H 59 -10.24 1.89 15.65
C ALA H 59 -11.60 1.91 16.32
N VAL H 60 -12.51 2.75 15.84
CA VAL H 60 -13.90 2.71 16.29
C VAL H 60 -14.72 2.21 15.09
N PRO H 61 -15.95 1.73 15.29
CA PRO H 61 -16.76 1.35 14.13
C PRO H 61 -17.20 2.55 13.32
N GLN H 62 -17.42 2.30 12.02
CA GLN H 62 -18.04 3.28 11.14
C GLN H 62 -19.55 3.15 11.15
N SER H 63 -20.14 3.04 12.34
CA SER H 63 -21.53 2.63 12.45
C SER H 63 -22.28 3.39 13.53
N ALA H 64 -21.83 4.60 13.89
CA ALA H 64 -22.56 5.40 14.85
C ALA H 64 -23.85 5.96 14.28
N THR H 65 -23.99 5.98 12.95
CA THR H 65 -25.27 6.32 12.34
C THR H 65 -26.30 5.22 12.52
N ALA H 66 -25.86 3.99 12.78
CA ALA H 66 -26.77 2.88 13.08
C ALA H 66 -26.89 2.61 14.57
N MET H 67 -25.94 3.09 15.38
CA MET H 67 -26.04 2.92 16.82
C MET H 67 -26.94 3.98 17.44
N LEU H 68 -26.82 5.22 16.97
CA LEU H 68 -27.63 6.31 17.51
C LEU H 68 -29.11 6.11 17.21
N VAL H 69 -29.43 5.46 16.08
CA VAL H 69 -30.79 5.07 15.75
C VAL H 69 -31.37 4.17 16.85
N THR H 70 -30.58 3.22 17.34
CA THR H 70 -31.01 2.40 18.47
C THR H 70 -31.11 3.23 19.74
N ALA H 71 -30.23 4.22 19.88
CA ALA H 71 -30.25 5.04 21.09
C ALA H 71 -31.40 6.03 21.09
N LEU H 72 -31.89 6.43 19.92
CA LEU H 72 -33.03 7.34 19.86
C LEU H 72 -34.36 6.58 19.85
N LYS H 73 -34.37 5.35 19.34
CA LYS H 73 -35.62 4.60 19.28
C LYS H 73 -35.97 3.98 20.63
N ASP H 74 -34.99 3.33 21.27
CA ASP H 74 -35.24 2.72 22.57
C ASP H 74 -35.24 3.72 23.73
N SER H 75 -35.02 5.00 23.45
CA SER H 75 -35.16 6.03 24.48
C SER H 75 -36.61 6.39 24.76
N ARG H 76 -37.53 5.95 23.89
CA ARG H 76 -38.96 6.30 23.92
C ARG H 76 -39.18 7.81 23.88
N TRP H 77 -38.29 8.52 23.17
CA TRP H 77 -38.36 9.95 22.99
C TRP H 77 -38.37 10.38 21.54
N PHE H 78 -37.82 9.57 20.64
CA PHE H 78 -37.64 9.94 19.26
C PHE H 78 -38.18 8.83 18.36
N ILE H 79 -38.74 9.23 17.22
CA ILE H 79 -39.01 8.29 16.14
C ILE H 79 -37.91 8.52 15.09
N PRO H 80 -36.88 7.68 15.06
CA PRO H 80 -35.81 7.89 14.08
C PRO H 80 -36.26 7.50 12.68
N LEU H 81 -35.69 8.18 11.70
CA LEU H 81 -35.98 7.93 10.30
C LEU H 81 -34.74 7.36 9.62
N GLU H 82 -34.96 6.44 8.70
CA GLU H 82 -33.86 5.79 7.99
C GLU H 82 -33.31 6.77 6.96
N ARG H 83 -32.14 7.34 7.26
CA ARG H 83 -31.44 8.21 6.34
C ARG H 83 -30.01 7.77 6.06
N GLN H 84 -29.57 6.67 6.67
CA GLN H 84 -28.25 6.12 6.33
C GLN H 84 -28.27 5.55 4.91
N GLY H 85 -29.10 4.54 4.67
CA GLY H 85 -29.34 4.08 3.33
C GLY H 85 -30.57 4.73 2.74
N LEU H 86 -30.57 6.07 2.67
CA LEU H 86 -31.72 6.79 2.11
C LEU H 86 -31.83 6.55 0.61
N GLN H 87 -30.70 6.48 -0.09
CA GLN H 87 -30.72 6.11 -1.50
C GLN H 87 -31.08 4.64 -1.70
N ASN H 88 -30.96 3.81 -0.66
CA ASN H 88 -31.48 2.45 -0.69
C ASN H 88 -32.96 2.40 -0.37
N LEU H 89 -33.49 3.42 0.31
CA LEU H 89 -34.91 3.47 0.59
C LEU H 89 -35.68 4.13 -0.54
N LEU H 90 -35.07 5.12 -1.20
CA LEU H 90 -35.72 5.78 -2.33
C LEU H 90 -35.78 4.86 -3.55
N ASN H 91 -34.85 3.91 -3.66
CA ASN H 91 -34.96 2.90 -4.70
C ASN H 91 -36.10 1.93 -4.44
N GLU H 92 -36.52 1.78 -3.18
CA GLU H 92 -37.68 0.97 -2.85
C GLU H 92 -38.98 1.74 -3.06
N ARG H 93 -38.99 3.05 -2.80
CA ARG H 93 -40.18 3.85 -3.02
C ARG H 93 -40.48 4.00 -4.51
N LYS H 94 -39.44 4.06 -5.34
CA LYS H 94 -39.64 4.12 -6.79
C LYS H 94 -40.19 2.82 -7.35
N ILE H 95 -40.03 1.71 -6.63
CA ILE H 95 -40.58 0.44 -7.07
C ILE H 95 -42.09 0.40 -6.82
N ILE H 96 -42.53 0.95 -5.68
CA ILE H 96 -43.96 0.99 -5.36
C ILE H 96 -44.70 1.96 -6.27
N ARG H 97 -44.00 2.99 -6.77
CA ARG H 97 -44.58 3.86 -7.80
C ARG H 97 -44.83 3.11 -9.10
N ALA H 98 -44.03 2.08 -9.39
CA ALA H 98 -44.23 1.23 -10.53
C ALA H 98 -45.01 -0.05 -10.19
N ALA H 99 -45.36 -0.24 -8.93
CA ALA H 99 -46.11 -1.43 -8.50
C ALA H 99 -47.59 -1.17 -8.39
N GLN H 100 -47.98 -0.06 -7.76
CA GLN H 100 -49.40 0.27 -7.63
C GLN H 100 -50.01 0.78 -8.93
N GLU H 101 -49.18 1.20 -9.89
CA GLU H 101 -49.66 1.69 -11.18
C GLU H 101 -49.56 0.54 -12.19
N ASN H 102 -50.50 -0.39 -12.10
CA ASN H 102 -50.55 -1.53 -13.00
C ASN H 102 -51.91 -1.66 -13.66
N ILE H 111 -52.83 -0.47 -1.20
CA ILE H 111 -52.77 0.77 -0.46
C ILE H 111 -51.96 1.81 -1.25
N PRO H 112 -52.45 3.05 -1.31
CA PRO H 112 -51.64 4.12 -1.92
C PRO H 112 -50.45 4.47 -1.03
N LEU H 113 -49.37 4.90 -1.68
CA LEU H 113 -48.14 5.17 -0.97
C LEU H 113 -48.19 6.52 -0.28
N GLN H 114 -47.78 6.54 0.99
CA GLN H 114 -47.64 7.77 1.74
C GLN H 114 -46.29 8.41 1.44
N SER H 115 -46.08 9.59 2.01
CA SER H 115 -44.81 10.29 1.88
C SER H 115 -43.97 10.11 3.13
N LEU H 116 -42.68 10.42 3.01
CA LEU H 116 -41.78 10.38 4.15
C LEU H 116 -42.12 11.51 5.10
N THR H 117 -41.98 11.25 6.41
CA THR H 117 -42.33 12.25 7.40
C THR H 117 -41.28 13.36 7.45
N ALA H 118 -41.65 14.46 8.11
CA ALA H 118 -40.92 15.72 7.99
C ALA H 118 -39.58 15.68 8.70
N ALA H 119 -39.54 15.14 9.92
CA ALA H 119 -38.35 15.06 10.79
C ALA H 119 -37.76 16.45 11.02
N ASN H 120 -38.54 17.26 11.78
CA ASN H 120 -38.26 18.67 11.96
C ASN H 120 -36.92 18.92 12.65
N ILE H 121 -36.44 17.98 13.44
CA ILE H 121 -35.07 18.02 13.95
C ILE H 121 -34.33 16.81 13.40
N MET H 122 -33.01 16.94 13.33
CA MET H 122 -32.16 15.84 12.92
C MET H 122 -30.96 15.81 13.85
N VAL H 123 -30.40 14.62 14.06
CA VAL H 123 -29.18 14.49 14.83
C VAL H 123 -28.07 14.16 13.83
N GLU H 124 -27.44 15.21 13.31
CA GLU H 124 -26.15 15.10 12.66
C GLU H 124 -25.11 14.98 13.77
N GLY H 125 -23.97 14.38 13.47
CA GLY H 125 -22.95 14.27 14.48
C GLY H 125 -21.73 13.57 13.96
N SER H 126 -20.82 13.28 14.88
CA SER H 126 -19.56 12.63 14.55
C SER H 126 -19.07 11.84 15.75
N ILE H 127 -18.23 10.87 15.47
CA ILE H 127 -17.30 10.33 16.45
C ILE H 127 -16.07 11.22 16.35
N ILE H 128 -15.91 12.14 17.30
CA ILE H 128 -14.93 13.21 17.14
C ILE H 128 -13.52 12.80 17.51
N GLY H 129 -13.31 11.61 18.03
CA GLY H 129 -11.94 11.25 18.37
C GLY H 129 -11.79 9.94 19.10
N TYR H 130 -10.58 9.39 19.05
CA TYR H 130 -10.29 8.16 19.72
C TYR H 130 -8.78 8.00 19.89
N GLU H 131 -8.22 8.60 20.93
CA GLU H 131 -6.79 8.53 21.19
C GLU H 131 -6.48 7.17 21.80
N SER H 132 -5.55 6.45 21.20
CA SER H 132 -5.15 5.16 21.76
C SER H 132 -4.27 5.40 22.97
N ASN H 133 -4.55 4.64 24.04
CA ASN H 133 -3.77 4.60 25.28
C ASN H 133 -3.69 5.98 25.95
N VAL H 134 -4.84 6.46 26.40
CA VAL H 134 -4.90 7.80 26.99
C VAL H 134 -4.26 7.80 28.37
N LYS H 135 -4.83 7.06 29.31
CA LYS H 135 -4.31 6.97 30.66
C LYS H 135 -3.83 5.56 30.94
N SER H 136 -3.11 5.00 29.97
CA SER H 136 -2.68 3.62 30.04
C SER H 136 -1.57 3.45 31.07
N GLY H 137 -1.32 2.20 31.43
CA GLY H 137 -0.32 1.89 32.44
C GLY H 137 -0.43 0.47 32.95
N GLY H 138 0.41 0.10 33.90
CA GLY H 138 0.31 -1.24 34.45
C GLY H 138 1.30 -1.46 35.56
N VAL H 139 0.87 -2.19 36.59
CA VAL H 139 1.72 -2.58 37.70
C VAL H 139 2.17 -4.02 37.47
N GLY H 140 3.44 -4.27 37.68
CA GLY H 140 3.98 -5.62 37.63
C GLY H 140 4.73 -6.04 38.87
N ALA H 141 4.46 -7.26 39.31
CA ALA H 141 5.12 -7.85 40.47
C ALA H 141 5.44 -9.31 40.24
N ARG H 142 6.66 -9.71 40.60
CA ARG H 142 7.03 -11.11 40.45
C ARG H 142 8.13 -11.44 41.45
N TYR H 143 7.82 -12.35 42.38
CA TYR H 143 8.79 -12.88 43.32
C TYR H 143 9.46 -14.10 42.67
N PHE H 144 10.13 -14.92 43.47
CA PHE H 144 10.74 -16.16 43.02
C PHE H 144 9.68 -17.09 42.45
N GLY H 145 9.71 -17.27 41.13
CA GLY H 145 8.71 -18.09 40.47
C GLY H 145 7.41 -17.38 40.20
N ILE H 146 6.61 -17.16 41.25
CA ILE H 146 5.27 -16.62 41.09
C ILE H 146 5.33 -15.15 40.68
N GLY H 147 4.33 -14.72 39.93
CA GLY H 147 4.30 -13.35 39.46
C GLY H 147 3.06 -12.99 38.65
N ALA H 148 2.67 -11.73 38.69
CA ALA H 148 1.46 -11.29 38.03
C ALA H 148 1.56 -9.80 37.70
N ASP H 149 0.95 -9.42 36.59
CA ASP H 149 0.88 -8.01 36.19
C ASP H 149 -0.58 -7.63 35.96
N THR H 150 -0.84 -6.33 36.04
CA THR H 150 -2.15 -5.75 35.81
C THR H 150 -1.84 -4.58 34.88
N GLN H 151 -2.01 -4.80 33.57
CA GLN H 151 -1.66 -3.79 32.59
C GLN H 151 -3.00 -3.38 32.03
N TYR H 152 -3.33 -2.10 32.13
CA TYR H 152 -4.58 -1.56 31.60
C TYR H 152 -4.27 -0.47 30.58
N GLN H 153 -4.90 -0.56 29.42
CA GLN H 153 -4.65 0.41 28.35
C GLN H 153 -5.96 1.19 28.18
N LEU H 154 -6.07 2.30 28.91
CA LEU H 154 -7.29 3.09 28.93
C LEU H 154 -7.37 3.93 27.67
N ASP H 155 -8.21 3.51 26.73
CA ASP H 155 -8.51 4.32 25.56
C ASP H 155 -9.57 5.35 25.94
N GLN H 156 -9.96 6.17 24.97
CA GLN H 156 -11.03 7.13 25.20
C GLN H 156 -11.66 7.49 23.86
N ILE H 157 -12.91 7.10 23.68
CA ILE H 157 -13.70 7.53 22.54
C ILE H 157 -14.42 8.82 22.95
N ALA H 158 -14.81 9.60 21.96
CA ALA H 158 -15.67 10.76 22.18
C ALA H 158 -16.55 10.95 20.96
N VAL H 159 -17.81 11.26 21.19
CA VAL H 159 -18.76 11.43 20.11
C VAL H 159 -19.39 12.82 20.21
N ASN H 160 -19.77 13.36 19.06
CA ASN H 160 -20.55 14.57 18.98
C ASN H 160 -21.96 14.23 18.52
N LEU H 161 -22.95 14.74 19.23
CA LEU H 161 -24.35 14.59 18.84
C LEU H 161 -25.01 15.96 18.95
N ARG H 162 -25.40 16.50 17.81
CA ARG H 162 -26.03 17.81 17.77
C ARG H 162 -27.40 17.71 17.11
N VAL H 163 -28.41 18.25 17.78
CA VAL H 163 -29.76 18.28 17.24
C VAL H 163 -29.84 19.53 16.37
N VAL H 164 -30.22 19.36 15.10
CA VAL H 164 -30.26 20.46 14.15
C VAL H 164 -31.69 20.62 13.67
N ASN H 165 -32.26 21.80 13.87
CA ASN H 165 -33.56 22.14 13.29
C ASN H 165 -33.40 22.27 11.78
N VAL H 166 -33.95 21.32 11.03
CA VAL H 166 -33.77 21.31 9.58
C VAL H 166 -34.58 22.41 8.89
N SER H 167 -35.56 23.00 9.59
CA SER H 167 -36.31 24.11 9.03
C SER H 167 -35.51 25.39 8.96
N THR H 168 -34.49 25.55 9.82
CA THR H 168 -33.72 26.78 9.83
C THR H 168 -32.21 26.53 9.79
N GLY H 169 -31.77 25.28 9.96
CA GLY H 169 -30.36 24.96 9.92
C GLY H 169 -29.63 25.22 11.22
N GLU H 170 -30.34 25.70 12.22
CA GLU H 170 -29.72 26.05 13.49
C GLU H 170 -29.40 24.81 14.29
N ILE H 171 -28.17 24.73 14.80
CA ILE H 171 -27.76 23.65 15.69
C ILE H 171 -28.27 23.98 17.08
N LEU H 172 -29.14 23.12 17.61
CA LEU H 172 -29.90 23.45 18.81
C LEU H 172 -29.15 23.12 20.09
N SER H 173 -28.71 21.87 20.23
CA SER H 173 -27.97 21.42 21.40
C SER H 173 -26.85 20.50 20.91
N SER H 174 -25.62 20.96 21.01
CA SER H 174 -24.46 20.24 20.49
C SER H 174 -23.60 19.81 21.69
N VAL H 175 -23.63 18.52 22.00
CA VAL H 175 -22.94 17.98 23.17
C VAL H 175 -21.80 17.07 22.73
N ASN H 176 -20.83 16.90 23.63
CA ASN H 176 -19.66 16.06 23.40
C ASN H 176 -19.51 15.15 24.60
N THR H 177 -19.83 13.87 24.43
CA THR H 177 -19.71 12.89 25.50
C THR H 177 -18.57 11.94 25.20
N SER H 178 -17.84 11.56 26.23
CA SER H 178 -16.71 10.65 26.11
C SER H 178 -16.94 9.42 26.96
N LYS H 179 -16.14 8.39 26.70
CA LYS H 179 -16.15 7.19 27.51
C LYS H 179 -14.77 6.55 27.47
N THR H 180 -14.21 6.25 28.63
CA THR H 180 -12.89 5.66 28.73
C THR H 180 -13.01 4.15 28.55
N ILE H 181 -12.46 3.65 27.44
CA ILE H 181 -12.42 2.21 27.17
C ILE H 181 -11.38 1.59 28.08
N LEU H 182 -11.82 0.70 28.98
CA LEU H 182 -10.92 0.06 29.93
C LEU H 182 -10.52 -1.30 29.36
N SER H 183 -9.32 -1.37 28.79
CA SER H 183 -8.78 -2.62 28.24
C SER H 183 -7.65 -3.08 29.13
N TYR H 184 -7.97 -3.91 30.13
CA TYR H 184 -7.00 -4.37 31.10
C TYR H 184 -6.66 -5.83 30.87
N GLU H 185 -5.43 -6.21 31.21
CA GLU H 185 -5.01 -7.60 31.19
C GLU H 185 -4.44 -7.96 32.56
N VAL H 186 -4.73 -9.18 33.03
CA VAL H 186 -4.15 -9.73 34.24
C VAL H 186 -3.54 -11.07 33.87
N GLN H 187 -2.22 -11.10 33.77
CA GLN H 187 -1.47 -12.30 33.43
C GLN H 187 -0.73 -12.70 34.70
N ALA H 188 -1.04 -13.88 35.22
CA ALA H 188 -0.43 -14.32 36.47
C ALA H 188 0.37 -15.53 35.99
N GLY H 189 1.66 -15.31 35.72
CA GLY H 189 2.50 -16.36 35.22
C GLY H 189 3.60 -16.78 36.19
N VAL H 190 3.72 -18.07 36.44
CA VAL H 190 4.72 -18.61 37.36
C VAL H 190 5.78 -19.36 36.56
N PHE H 191 7.01 -19.36 37.07
CA PHE H 191 8.09 -20.13 36.46
C PHE H 191 9.05 -20.49 37.59
N ARG H 192 8.85 -21.67 38.18
CA ARG H 192 9.51 -21.98 39.44
C ARG H 192 9.99 -23.42 39.44
N PHE H 193 11.27 -23.61 39.76
CA PHE H 193 11.78 -24.95 39.99
C PHE H 193 11.21 -25.50 41.30
N ILE H 194 10.90 -26.79 41.30
CA ILE H 194 10.26 -27.45 42.44
C ILE H 194 11.20 -28.44 43.10
N ASP H 195 11.78 -29.34 42.33
CA ASP H 195 12.80 -30.27 42.80
C ASP H 195 14.07 -30.06 41.99
N TYR H 196 15.07 -30.89 42.27
CA TYR H 196 16.28 -30.87 41.45
C TYR H 196 15.96 -31.47 40.08
N GLN H 197 16.20 -30.67 39.04
CA GLN H 197 15.85 -30.98 37.65
C GLN H 197 14.36 -31.29 37.51
N ARG H 198 13.54 -30.44 38.14
CA ARG H 198 12.09 -30.44 37.95
C ARG H 198 11.63 -28.99 37.92
N LEU H 199 10.64 -28.69 37.09
CA LEU H 199 10.21 -27.31 36.89
C LEU H 199 8.70 -27.27 36.67
N LEU H 200 8.01 -26.54 37.54
CA LEU H 200 6.60 -26.22 37.33
C LEU H 200 6.50 -24.81 36.75
N GLU H 201 5.58 -24.63 35.83
CA GLU H 201 5.27 -23.33 35.28
C GLU H 201 3.82 -23.31 34.83
N GLY H 202 3.28 -22.10 34.72
CA GLY H 202 1.89 -21.92 34.38
C GLY H 202 1.58 -20.45 34.29
N GLU H 203 0.68 -20.09 33.39
CA GLU H 203 0.40 -18.67 33.15
C GLU H 203 -1.11 -18.54 32.89
N VAL H 204 -1.84 -18.11 33.90
CA VAL H 204 -3.24 -17.78 33.73
C VAL H 204 -3.34 -16.31 33.33
N GLY H 205 -4.04 -16.04 32.24
CA GLY H 205 -4.16 -14.71 31.72
C GLY H 205 -5.55 -14.34 31.24
N TYR H 206 -5.94 -13.10 31.53
CA TYR H 206 -7.28 -12.62 31.18
C TYR H 206 -7.21 -11.16 30.76
N THR H 207 -7.42 -10.89 29.47
CA THR H 207 -7.47 -9.53 28.95
C THR H 207 -8.91 -9.17 28.59
N SER H 208 -9.58 -8.44 29.46
CA SER H 208 -10.94 -7.99 29.21
C SER H 208 -10.87 -6.62 28.57
N ASN H 209 -10.72 -6.59 27.24
CA ASN H 209 -10.88 -5.36 26.50
C ASN H 209 -12.33 -4.93 26.56
N GLU H 210 -12.57 -3.69 26.96
CA GLU H 210 -13.89 -3.12 26.79
C GLU H 210 -14.09 -2.95 25.28
N PRO H 211 -15.14 -3.52 24.69
CA PRO H 211 -15.31 -3.39 23.24
C PRO H 211 -15.65 -1.96 22.86
N VAL H 212 -14.97 -1.46 21.83
CA VAL H 212 -15.15 -0.07 21.42
C VAL H 212 -16.53 0.15 20.83
N MET H 213 -17.17 -0.90 20.31
CA MET H 213 -18.54 -0.78 19.84
C MET H 213 -19.52 -0.58 20.99
N LEU H 214 -19.23 -1.13 22.17
CA LEU H 214 -20.13 -0.96 23.30
C LEU H 214 -19.92 0.39 23.97
N CYS H 215 -18.68 0.88 23.94
CA CYS H 215 -18.41 2.22 24.45
C CYS H 215 -18.78 3.31 23.47
N LEU H 216 -18.78 3.01 22.17
CA LEU H 216 -19.43 3.90 21.21
C LEU H 216 -20.93 3.91 21.44
N MET H 217 -21.51 2.76 21.81
CA MET H 217 -22.92 2.68 22.08
C MET H 217 -23.29 3.37 23.38
N SER H 218 -22.44 3.26 24.40
CA SER H 218 -22.79 3.80 25.70
C SER H 218 -22.51 5.30 25.79
N ALA H 219 -21.53 5.80 25.05
CA ALA H 219 -21.31 7.25 25.01
C ALA H 219 -22.34 7.96 24.14
N ILE H 220 -22.91 7.26 23.15
CA ILE H 220 -23.99 7.84 22.37
C ILE H 220 -25.29 7.86 23.18
N GLU H 221 -25.55 6.78 23.93
CA GLU H 221 -26.71 6.75 24.82
C GLU H 221 -26.57 7.76 25.95
N THR H 222 -25.34 8.06 26.35
CA THR H 222 -25.10 9.19 27.24
C THR H 222 -25.44 10.50 26.54
N GLY H 223 -25.11 10.60 25.25
CA GLY H 223 -25.36 11.83 24.51
C GLY H 223 -26.84 12.07 24.24
N VAL H 224 -27.61 11.00 24.11
CA VAL H 224 -29.05 11.14 23.87
C VAL H 224 -29.74 11.71 25.10
N ILE H 225 -29.32 11.27 26.29
CA ILE H 225 -29.80 11.91 27.52
C ILE H 225 -29.28 13.33 27.61
N PHE H 226 -28.06 13.58 27.11
CA PHE H 226 -27.55 14.95 27.08
C PHE H 226 -28.18 15.77 25.97
N LEU H 227 -28.73 15.12 24.94
CA LEU H 227 -29.53 15.85 23.97
C LEU H 227 -30.88 16.23 24.55
N ILE H 228 -31.46 15.33 25.36
CA ILE H 228 -32.80 15.55 25.89
C ILE H 228 -32.76 16.54 27.05
N ASN H 229 -31.79 16.39 27.95
CA ASN H 229 -31.70 17.26 29.13
C ASN H 229 -31.32 18.68 28.73
N ASP H 230 -30.42 18.82 27.76
CA ASP H 230 -30.09 20.15 27.25
C ASP H 230 -31.09 20.63 26.21
N GLY H 231 -32.00 19.76 25.77
CA GLY H 231 -33.11 20.15 24.92
C GLY H 231 -34.37 20.55 25.66
N ILE H 232 -34.37 20.46 26.98
CA ILE H 232 -35.52 20.83 27.79
C ILE H 232 -35.38 22.25 28.34
N ASP H 233 -34.21 22.59 28.87
CA ASP H 233 -34.01 23.91 29.44
C ASP H 233 -33.96 25.00 28.38
N ARG H 234 -33.60 24.66 27.15
CA ARG H 234 -33.61 25.63 26.05
C ARG H 234 -35.00 25.86 25.49
N GLY H 235 -35.99 25.07 25.89
CA GLY H 235 -37.32 25.20 25.33
C GLY H 235 -37.47 24.66 23.93
N LEU H 236 -36.59 23.75 23.52
CA LEU H 236 -36.67 23.20 22.17
C LEU H 236 -37.83 22.22 22.03
N TRP H 237 -38.06 21.40 23.06
CA TRP H 237 -39.19 20.49 23.07
C TRP H 237 -39.58 20.23 24.53
N ASP H 238 -40.87 20.00 24.74
CA ASP H 238 -41.40 19.80 26.07
C ASP H 238 -41.82 18.35 26.26
N LEU H 239 -41.59 17.84 27.47
CA LEU H 239 -41.99 16.50 27.86
C LEU H 239 -43.40 16.52 28.45
N GLN H 240 -43.98 15.33 28.57
CA GLN H 240 -45.27 15.18 29.23
C GLN H 240 -45.12 15.47 30.73
N ASN H 241 -46.03 16.29 31.25
CA ASN H 241 -46.04 16.77 32.64
C ASN H 241 -44.72 17.49 32.97
N LYS H 242 -44.54 18.64 32.32
CA LYS H 242 -43.33 19.46 32.47
C LYS H 242 -43.38 20.30 33.75
N ALA H 243 -43.49 19.60 34.87
CA ALA H 243 -43.42 20.23 36.19
C ALA H 243 -42.62 19.42 37.20
N GLU H 244 -42.21 18.19 36.87
CA GLU H 244 -41.66 17.29 37.88
C GLU H 244 -40.21 17.63 38.21
N ARG H 245 -39.30 17.44 37.24
CA ARG H 245 -37.85 17.53 37.40
C ARG H 245 -37.34 16.73 38.60
N GLN H 246 -37.87 15.53 38.82
CA GLN H 246 -37.57 14.74 40.01
C GLN H 246 -36.86 13.44 39.73
N ASN H 247 -36.92 12.92 38.49
CA ASN H 247 -36.36 11.61 38.21
C ASN H 247 -34.84 11.65 38.22
N ASP H 248 -34.23 10.57 38.71
CA ASP H 248 -32.78 10.51 38.89
C ASP H 248 -32.02 10.21 37.60
N ILE H 249 -32.64 10.39 36.44
CA ILE H 249 -31.90 10.39 35.18
C ILE H 249 -31.57 11.80 34.75
N LEU H 250 -32.57 12.70 34.82
CA LEU H 250 -32.35 14.07 34.34
C LEU H 250 -31.51 14.87 35.33
N VAL H 251 -31.71 14.68 36.63
CA VAL H 251 -30.91 15.44 37.59
C VAL H 251 -29.51 14.85 37.71
N LYS H 252 -29.34 13.57 37.38
CA LYS H 252 -27.99 12.99 37.35
C LYS H 252 -27.22 13.50 36.14
N TYR H 253 -27.88 13.60 34.99
CA TYR H 253 -27.27 14.14 33.79
C TYR H 253 -27.37 15.67 33.73
N ARG H 254 -27.83 16.31 34.81
CA ARG H 254 -27.64 17.74 35.00
C ARG H 254 -26.48 18.05 35.93
N HIS H 255 -26.21 17.17 36.89
CA HIS H 255 -24.99 17.24 37.68
C HIS H 255 -23.77 16.74 36.91
N MET H 256 -23.99 15.95 35.86
CA MET H 256 -22.94 15.55 34.94
C MET H 256 -22.76 16.54 33.79
N SER H 257 -23.54 17.62 33.78
CA SER H 257 -23.45 18.62 32.73
C SER H 257 -22.29 19.58 32.92
N VAL H 258 -21.56 19.52 34.04
CA VAL H 258 -20.32 20.26 34.18
C VAL H 258 -19.16 19.34 33.78
N PRO H 259 -18.45 19.67 32.70
CA PRO H 259 -17.44 18.76 32.19
C PRO H 259 -16.16 18.84 33.02
N PRO H 260 -15.56 17.69 33.36
CA PRO H 260 -14.31 17.67 34.11
C PRO H 260 -13.11 18.09 33.27
N GLY I 1 22.14 -0.79 -11.56
CA GLY I 1 22.86 -1.08 -10.32
C GLY I 1 22.31 -0.29 -9.15
N THR I 2 22.02 0.99 -9.36
CA THR I 2 21.31 1.73 -8.32
C THR I 2 21.88 1.28 -7.00
N MET I 3 23.19 1.28 -6.89
CA MET I 3 23.85 0.76 -5.70
C MET I 3 24.45 1.90 -4.88
N THR I 4 23.92 2.09 -3.68
CA THR I 4 24.40 3.10 -2.76
C THR I 4 25.74 2.67 -2.17
N PHE I 5 26.31 3.55 -1.36
CA PHE I 5 27.55 3.23 -0.66
C PHE I 5 27.25 2.87 0.78
N GLN I 6 27.43 1.60 1.12
CA GLN I 6 27.47 1.18 2.50
C GLN I 6 28.86 0.62 2.77
N PHE I 7 29.35 0.87 3.97
CA PHE I 7 30.62 0.28 4.36
C PHE I 7 30.45 -1.22 4.62
N ARG I 8 31.57 -1.92 4.65
CA ARG I 8 31.59 -3.31 5.09
C ARG I 8 32.06 -3.43 6.52
N ASN I 9 32.21 -2.31 7.23
CA ASN I 9 32.76 -2.28 8.58
C ASN I 9 31.86 -1.41 9.47
N PRO I 10 31.47 -1.89 10.64
CA PRO I 10 30.48 -1.17 11.45
C PRO I 10 30.99 0.08 12.15
N ASN I 11 32.30 0.33 12.16
CA ASN I 11 32.80 1.57 12.76
C ASN I 11 32.51 2.79 11.89
N PHE I 12 32.28 2.58 10.59
CA PHE I 12 32.07 3.68 9.67
C PHE I 12 30.62 3.77 9.19
N GLY I 13 29.76 2.85 9.62
CA GLY I 13 28.36 2.93 9.30
C GLY I 13 27.82 1.89 8.35
N GLY I 14 28.48 0.74 8.24
CA GLY I 14 28.01 -0.33 7.39
C GLY I 14 26.99 -1.21 8.10
N ASN I 15 26.88 -2.43 7.61
CA ASN I 15 26.03 -3.41 8.27
C ASN I 15 26.69 -3.84 9.57
N PRO I 16 26.02 -3.68 10.71
CA PRO I 16 26.67 -4.01 11.99
C PRO I 16 26.79 -5.50 12.27
N ASN I 17 26.16 -6.36 11.46
CA ASN I 17 26.20 -7.79 11.72
C ASN I 17 27.51 -8.44 11.31
N ASN I 18 28.27 -7.82 10.41
CA ASN I 18 29.56 -8.39 10.01
C ASN I 18 30.67 -8.10 11.00
N GLY I 19 30.42 -7.28 12.02
CA GLY I 19 31.43 -7.01 13.02
C GLY I 19 31.72 -8.21 13.91
N ALA I 20 30.72 -9.06 14.14
CA ALA I 20 30.95 -10.33 14.81
C ALA I 20 31.78 -11.30 13.98
N PHE I 21 31.92 -11.03 12.68
CA PHE I 21 32.82 -11.76 11.79
C PHE I 21 34.13 -11.02 11.54
N LEU I 22 34.08 -9.68 11.49
CA LEU I 22 35.26 -8.89 11.16
C LEU I 22 36.32 -8.95 12.24
N LEU I 23 35.91 -8.70 13.50
CA LEU I 23 36.88 -8.63 14.59
C LEU I 23 37.47 -10.00 14.88
N ASN I 24 36.63 -11.04 14.88
CA ASN I 24 37.12 -12.39 15.13
C ASN I 24 37.97 -12.91 13.98
N SER I 25 37.84 -12.30 12.79
CA SER I 25 38.73 -12.64 11.69
C SER I 25 40.17 -12.24 12.02
N ALA I 26 40.39 -10.97 12.38
CA ALA I 26 41.72 -10.56 12.80
C ALA I 26 42.12 -11.13 14.16
N GLN I 27 41.16 -11.60 14.96
CA GLN I 27 41.53 -12.39 16.12
C GLN I 27 42.03 -13.77 15.69
N ALA I 28 41.59 -14.24 14.53
CA ALA I 28 42.11 -15.47 13.94
C ALA I 28 43.28 -15.22 12.98
N GLN I 29 43.54 -13.97 12.59
CA GLN I 29 44.77 -13.62 11.88
C GLN I 29 45.35 -12.35 12.50
N ASN I 30 46.14 -12.51 13.56
CA ASN I 30 46.94 -11.43 14.10
C ASN I 30 48.42 -11.75 14.10
N SER I 31 48.80 -12.93 14.59
CA SER I 31 50.19 -13.38 14.78
C SER I 31 51.02 -12.35 15.54
N TYR I 32 50.44 -11.83 16.62
CA TYR I 32 51.12 -10.84 17.46
C TYR I 32 50.92 -11.21 18.93
N LYS I 33 52.02 -11.26 19.67
CA LYS I 33 52.02 -11.59 21.08
C LYS I 33 52.62 -10.42 21.87
N ASP I 34 52.59 -10.57 23.19
CA ASP I 34 53.09 -9.52 24.07
C ASP I 34 54.62 -9.45 24.02
N PRO I 35 55.20 -8.24 24.10
CA PRO I 35 56.66 -8.10 24.11
C PRO I 35 57.27 -8.42 25.46
N ALA J 10 -16.35 1.70 34.10
CA ALA J 10 -16.19 2.94 33.36
C ALA J 10 -17.46 3.79 33.46
N ARG J 11 -17.27 5.08 33.78
CA ARG J 11 -18.40 5.99 33.93
C ARG J 11 -18.47 6.91 32.74
N PRO J 12 -19.51 6.84 31.91
CA PRO J 12 -19.58 7.69 30.72
C PRO J 12 -20.00 9.12 31.03
N THR J 13 -19.06 9.96 31.43
CA THR J 13 -19.33 11.35 31.72
C THR J 13 -19.25 12.17 30.42
N LEU J 14 -19.23 13.49 30.55
CA LEU J 14 -19.05 14.37 29.39
C LEU J 14 -17.60 14.33 28.92
N MET J 15 -17.28 15.13 27.92
CA MET J 15 -15.89 15.27 27.50
C MET J 15 -15.12 16.05 28.57
N PRO J 16 -13.97 15.53 29.02
CA PRO J 16 -13.24 16.19 30.10
C PRO J 16 -12.59 17.49 29.65
N ARG J 17 -13.40 18.55 29.60
CA ARG J 17 -12.99 19.82 29.04
C ARG J 17 -11.94 20.48 29.93
N ALA J 18 -11.02 21.21 29.32
CA ALA J 18 -9.87 21.76 30.03
C ALA J 18 -10.26 23.06 30.74
N GLN J 19 -9.26 23.80 31.17
CA GLN J 19 -9.47 25.08 31.84
C GLN J 19 -10.06 26.13 30.90
N SER J 20 -9.71 26.04 29.61
CA SER J 20 -10.16 27.03 28.63
C SER J 20 -11.66 27.00 28.38
N TYR J 21 -12.32 25.86 28.62
CA TYR J 21 -13.76 25.81 28.50
C TYR J 21 -14.44 26.46 29.70
N LYS J 22 -13.79 26.48 30.86
CA LYS J 22 -14.33 27.18 32.01
C LYS J 22 -14.30 28.69 31.81
N ASP J 23 -13.35 29.19 31.03
CA ASP J 23 -13.39 30.58 30.56
C ASP J 23 -14.38 30.78 29.43
N LEU J 24 -14.77 29.71 28.74
CA LEU J 24 -15.63 29.84 27.57
C LEU J 24 -17.09 30.06 27.97
N THR J 25 -17.59 29.30 28.94
CA THR J 25 -18.98 29.46 29.38
C THR J 25 -19.18 30.73 30.19
N HIS J 26 -18.11 31.23 30.82
CA HIS J 26 -18.19 32.46 31.60
C HIS J 26 -17.93 33.71 30.77
N LEU J 27 -17.96 33.59 29.46
CA LEU J 27 -17.86 34.76 28.59
C LEU J 27 -19.13 35.61 28.73
N PRO J 28 -19.01 36.94 28.64
CA PRO J 28 -20.19 37.78 28.71
C PRO J 28 -21.09 37.63 27.48
N ALA J 29 -22.36 37.91 27.67
CA ALA J 29 -23.33 37.68 26.60
C ALA J 29 -23.24 38.80 25.55
N PRO J 30 -23.40 38.48 24.28
CA PRO J 30 -23.47 39.51 23.25
C PRO J 30 -24.90 39.98 23.03
N THR J 31 -25.03 41.04 22.23
CA THR J 31 -26.34 41.58 21.84
C THR J 31 -26.94 40.66 20.78
N GLY J 32 -27.48 39.54 21.24
CA GLY J 32 -27.95 38.50 20.34
C GLY J 32 -26.81 37.60 19.90
N LYS J 33 -27.01 36.29 19.99
CA LYS J 33 -25.97 35.36 19.60
C LYS J 33 -25.87 35.34 18.07
N ILE J 34 -24.63 35.46 17.57
CA ILE J 34 -24.41 35.67 16.15
C ILE J 34 -24.60 34.36 15.40
N PHE J 35 -25.37 34.39 14.32
CA PHE J 35 -25.50 33.23 13.45
C PHE J 35 -24.18 33.00 12.72
N VAL J 36 -23.63 31.81 12.87
CA VAL J 36 -22.33 31.46 12.32
C VAL J 36 -22.41 30.07 11.73
N SER J 37 -21.51 29.76 10.81
CA SER J 37 -21.56 28.49 10.09
C SER J 37 -20.16 27.91 9.98
N VAL J 38 -20.04 26.63 10.32
CA VAL J 38 -18.78 25.91 10.30
C VAL J 38 -18.88 24.85 9.22
N TYR J 39 -18.20 25.08 8.10
CA TYR J 39 -18.31 24.13 6.99
C TYR J 39 -17.39 22.93 7.19
N ASN J 40 -16.08 23.16 7.20
CA ASN J 40 -15.12 22.08 7.32
C ASN J 40 -13.82 22.67 7.84
N ILE J 41 -13.57 22.52 9.14
CA ILE J 41 -12.27 22.88 9.69
C ILE J 41 -11.34 21.74 9.30
N GLN J 42 -10.71 21.88 8.15
CA GLN J 42 -10.08 20.75 7.48
C GLN J 42 -8.82 20.33 8.21
N ASP J 43 -8.72 19.03 8.49
CA ASP J 43 -7.46 18.48 9.00
C ASP J 43 -6.47 18.46 7.86
N GLU J 44 -5.78 19.57 7.67
CA GLU J 44 -4.67 19.65 6.73
C GLU J 44 -3.35 19.82 7.48
N THR J 45 -3.24 19.13 8.63
CA THR J 45 -1.93 18.85 9.20
C THR J 45 -1.11 18.00 8.25
N GLY J 46 -1.77 17.08 7.53
CA GLY J 46 -1.07 16.10 6.73
C GLY J 46 -0.21 15.17 7.56
N GLN J 47 -0.59 14.95 8.82
CA GLN J 47 0.24 14.25 9.79
C GLN J 47 -0.53 13.06 10.30
N PHE J 48 0.03 11.87 10.09
CA PHE J 48 -0.55 10.63 10.54
C PHE J 48 0.24 10.11 11.73
N LYS J 49 -0.33 9.14 12.43
CA LYS J 49 0.31 8.68 13.65
C LYS J 49 1.48 7.76 13.32
N PRO J 50 2.58 7.86 14.06
CA PRO J 50 3.75 6.99 13.80
C PRO J 50 3.53 5.58 14.32
N TYR J 51 4.55 4.75 14.15
CA TYR J 51 4.55 3.42 14.75
C TYR J 51 4.61 3.56 16.28
N PRO J 52 3.94 2.70 17.04
CA PRO J 52 3.19 1.48 16.71
C PRO J 52 1.78 1.69 16.17
N ALA J 53 1.31 2.93 16.11
CA ALA J 53 -0.02 3.18 15.60
C ALA J 53 -0.05 3.04 14.08
N SER J 54 -1.26 3.04 13.54
CA SER J 54 -1.46 2.75 12.13
C SER J 54 -0.93 3.88 11.24
N ASN J 55 -0.56 3.52 10.02
CA ASN J 55 -0.06 4.51 9.07
C ASN J 55 -1.19 5.35 8.49
N PHE J 56 -2.38 4.76 8.33
CA PHE J 56 -3.53 5.49 7.85
C PHE J 56 -4.24 6.27 8.95
N SER J 57 -3.85 6.09 10.20
CA SER J 57 -4.48 6.77 11.32
C SER J 57 -3.95 8.19 11.40
N THR J 58 -4.83 9.17 11.24
CA THR J 58 -4.42 10.57 11.33
C THR J 58 -4.05 10.91 12.76
N ALA J 59 -3.02 11.75 12.92
CA ALA J 59 -2.48 12.01 14.24
C ALA J 59 -3.41 12.90 15.06
N VAL J 60 -4.15 13.79 14.42
CA VAL J 60 -5.21 14.54 15.07
C VAL J 60 -6.53 14.04 14.48
N PRO J 61 -7.67 14.27 15.12
CA PRO J 61 -8.93 13.88 14.49
C PRO J 61 -9.26 14.74 13.28
N GLN J 62 -10.02 14.14 12.36
CA GLN J 62 -10.61 14.88 11.25
C GLN J 62 -11.97 15.43 11.62
N SER J 63 -12.07 16.06 12.78
CA SER J 63 -13.37 16.38 13.36
C SER J 63 -13.38 17.75 14.03
N ALA J 64 -12.49 18.66 13.63
CA ALA J 64 -12.53 20.00 14.19
C ALA J 64 -13.71 20.81 13.68
N THR J 65 -14.33 20.39 12.58
CA THR J 65 -15.59 20.99 12.13
C THR J 65 -16.74 20.62 13.04
N ALA J 66 -16.63 19.52 13.80
CA ALA J 66 -17.64 19.14 14.77
C ALA J 66 -17.27 19.53 16.19
N MET J 67 -15.98 19.82 16.45
CA MET J 67 -15.57 20.28 17.78
C MET J 67 -15.81 21.77 17.94
N LEU J 68 -15.52 22.55 16.89
CA LEU J 68 -15.69 24.00 16.95
C LEU J 68 -17.17 24.38 17.09
N VAL J 69 -18.06 23.56 16.53
CA VAL J 69 -19.50 23.71 16.72
C VAL J 69 -19.86 23.66 18.20
N THR J 70 -19.27 22.73 18.94
CA THR J 70 -19.46 22.68 20.39
C THR J 70 -18.81 23.88 21.06
N ALA J 71 -17.70 24.35 20.52
CA ALA J 71 -17.00 25.49 21.12
C ALA J 71 -17.73 26.79 20.86
N LEU J 72 -18.48 26.89 19.76
CA LEU J 72 -19.23 28.11 19.48
C LEU J 72 -20.62 28.07 20.10
N LYS J 73 -21.20 26.88 20.29
CA LYS J 73 -22.54 26.80 20.86
C LYS J 73 -22.52 26.97 22.37
N ASP J 74 -21.61 26.26 23.05
CA ASP J 74 -21.52 26.37 24.51
C ASP J 74 -20.79 27.62 24.98
N SER J 75 -20.31 28.46 24.06
CA SER J 75 -19.74 29.74 24.44
C SER J 75 -20.79 30.78 24.77
N ARG J 76 -22.07 30.50 24.44
CA ARG J 76 -23.20 31.43 24.57
C ARG J 76 -22.95 32.73 23.82
N TRP J 77 -22.24 32.65 22.70
CA TRP J 77 -21.93 33.79 21.84
C TRP J 77 -22.36 33.58 20.41
N PHE J 78 -22.47 32.34 19.95
CA PHE J 78 -22.72 32.02 18.55
C PHE J 78 -23.86 31.02 18.47
N ILE J 79 -24.66 31.16 17.40
CA ILE J 79 -25.59 30.10 17.01
C ILE J 79 -24.96 29.41 15.81
N PRO J 80 -24.32 28.26 16.00
CA PRO J 80 -23.69 27.58 14.87
C PRO J 80 -24.72 26.94 13.97
N LEU J 81 -24.39 26.87 12.69
CA LEU J 81 -25.26 26.25 11.69
C LEU J 81 -24.59 24.98 11.16
N GLU J 82 -25.41 23.98 10.88
CA GLU J 82 -24.91 22.70 10.39
C GLU J 82 -24.52 22.86 8.93
N ARG J 83 -23.21 22.93 8.67
CA ARG J 83 -22.69 22.97 7.32
C ARG J 83 -21.67 21.88 7.04
N GLN J 84 -21.39 21.01 8.01
CA GLN J 84 -20.53 19.86 7.74
C GLN J 84 -21.25 18.86 6.84
N GLY J 85 -22.37 18.32 7.31
CA GLY J 85 -23.22 17.54 6.45
C GLY J 85 -24.33 18.39 5.86
N LEU J 86 -23.96 19.45 5.14
CA LEU J 86 -24.96 20.32 4.53
C LEU J 86 -25.70 19.61 3.41
N GLN J 87 -25.00 18.78 2.63
CA GLN J 87 -25.66 17.95 1.63
C GLN J 87 -26.49 16.85 2.27
N ASN J 88 -26.23 16.52 3.53
CA ASN J 88 -27.11 15.63 4.28
C ASN J 88 -28.30 16.36 4.86
N LEU J 89 -28.20 17.68 5.04
CA LEU J 89 -29.33 18.46 5.52
C LEU J 89 -30.23 18.90 4.39
N LEU J 90 -29.65 19.18 3.21
CA LEU J 90 -30.45 19.58 2.06
C LEU J 90 -31.23 18.40 1.49
N ASN J 91 -30.75 17.17 1.70
CA ASN J 91 -31.54 16.00 1.36
C ASN J 91 -32.73 15.82 2.27
N GLU J 92 -32.66 16.36 3.50
CA GLU J 92 -33.80 16.34 4.40
C GLU J 92 -34.79 17.46 4.09
N ARG J 93 -34.31 18.63 3.66
CA ARG J 93 -35.20 19.72 3.31
C ARG J 93 -35.98 19.41 2.03
N LYS J 94 -35.36 18.68 1.10
CA LYS J 94 -36.06 18.28 -0.11
C LYS J 94 -37.15 17.24 0.17
N ILE J 95 -37.06 16.54 1.30
CA ILE J 95 -38.10 15.59 1.68
C ILE J 95 -39.33 16.32 2.20
N ILE J 96 -39.13 17.39 2.98
CA ILE J 96 -40.25 18.17 3.50
C ILE J 96 -40.95 18.94 2.38
N ARG J 97 -40.22 19.28 1.31
CA ARG J 97 -40.85 19.85 0.12
C ARG J 97 -41.79 18.85 -0.55
N ALA J 98 -41.50 17.56 -0.44
CA ALA J 98 -42.38 16.52 -0.93
C ALA J 98 -43.30 15.96 0.14
N ALA J 99 -43.19 16.43 1.37
CA ALA J 99 -44.03 15.96 2.47
C ALA J 99 -45.22 16.88 2.73
N GLN J 100 -44.99 18.19 2.78
CA GLN J 100 -46.08 19.13 3.00
C GLN J 100 -46.96 19.32 1.76
N GLU J 101 -46.47 18.93 0.58
CA GLU J 101 -47.24 19.04 -0.66
C GLU J 101 -47.87 17.68 -0.96
N ASN J 102 -48.94 17.38 -0.24
CA ASN J 102 -49.66 16.12 -0.41
C ASN J 102 -51.14 16.38 -0.64
N ILE J 111 -46.88 22.48 9.46
CA ILE J 111 -46.17 23.76 9.45
C ILE J 111 -45.45 23.94 8.10
N PRO J 112 -45.53 25.14 7.53
CA PRO J 112 -44.74 25.43 6.32
C PRO J 112 -43.26 25.52 6.66
N LEU J 113 -42.43 25.14 5.69
CA LEU J 113 -41.00 25.09 5.90
C LEU J 113 -40.37 26.48 5.84
N GLN J 114 -39.53 26.79 6.81
CA GLN J 114 -38.76 28.01 6.80
C GLN J 114 -37.49 27.83 5.97
N SER J 115 -36.74 28.90 5.82
CA SER J 115 -35.47 28.86 5.11
C SER J 115 -34.31 28.83 6.10
N LEU J 116 -33.14 28.45 5.58
CA LEU J 116 -31.93 28.46 6.40
C LEU J 116 -31.53 29.90 6.70
N THR J 117 -30.99 30.12 7.90
CA THR J 117 -30.62 31.47 8.30
C THR J 117 -29.35 31.92 7.58
N ALA J 118 -29.10 33.23 7.66
CA ALA J 118 -28.13 33.88 6.79
C ALA J 118 -26.69 33.53 7.15
N ALA J 119 -26.36 33.53 8.45
CA ALA J 119 -25.01 33.28 8.98
C ALA J 119 -23.99 34.24 8.37
N ASN J 120 -24.15 35.52 8.75
CA ASN J 120 -23.41 36.62 8.15
C ASN J 120 -21.90 36.49 8.34
N ILE J 121 -21.46 35.82 9.40
CA ILE J 121 -20.07 35.44 9.54
C ILE J 121 -19.98 33.92 9.54
N MET J 122 -18.82 33.41 9.16
CA MET J 122 -18.55 31.98 9.20
C MET J 122 -17.16 31.78 9.76
N VAL J 123 -16.95 30.65 10.43
CA VAL J 123 -15.62 30.30 10.90
C VAL J 123 -15.13 29.16 10.01
N GLU J 124 -14.46 29.54 8.93
CA GLU J 124 -13.60 28.63 8.18
C GLU J 124 -12.31 28.50 8.98
N GLY J 125 -11.60 27.39 8.80
CA GLY J 125 -10.36 27.25 9.52
C GLY J 125 -9.69 25.94 9.19
N SER J 126 -8.64 25.65 9.94
CA SER J 126 -7.85 24.44 9.73
C SER J 126 -7.21 24.04 11.05
N ILE J 127 -6.87 22.77 11.14
CA ILE J 127 -5.85 22.30 12.05
C ILE J 127 -4.54 22.43 11.28
N ILE J 128 -3.76 23.48 11.60
CA ILE J 128 -2.65 23.85 10.74
C ILE J 128 -1.40 23.03 10.97
N GLY J 129 -1.37 22.17 11.97
CA GLY J 129 -0.15 21.41 12.18
C GLY J 129 -0.13 20.56 13.42
N TYR J 130 0.74 19.56 13.41
CA TYR J 130 0.89 18.68 14.54
C TYR J 130 2.22 17.95 14.47
N GLU J 131 3.29 18.59 14.95
CA GLU J 131 4.61 17.99 14.92
C GLU J 131 4.72 16.99 16.06
N SER J 132 5.08 15.76 15.73
CA SER J 132 5.27 14.76 16.77
C SER J 132 6.57 15.02 17.50
N ASN J 133 6.50 14.94 18.84
CA ASN J 133 7.64 15.03 19.76
C ASN J 133 8.37 16.37 19.61
N VAL J 134 7.68 17.44 19.98
CA VAL J 134 8.25 18.78 19.81
C VAL J 134 9.33 19.03 20.86
N LYS J 135 8.97 19.03 22.12
CA LYS J 135 9.91 19.25 23.22
C LYS J 135 10.01 18.00 24.06
N SER J 136 10.11 16.85 23.38
CA SER J 136 10.11 15.57 24.05
C SER J 136 11.41 15.33 24.79
N GLY J 137 11.39 14.34 25.68
CA GLY J 137 12.57 14.03 26.47
C GLY J 137 12.24 13.13 27.64
N GLY J 138 13.22 12.81 28.48
CA GLY J 138 12.93 11.98 29.63
C GLY J 138 14.16 11.78 30.48
N VAL J 139 13.95 11.77 31.79
CA VAL J 139 15.01 11.50 32.76
C VAL J 139 14.87 10.05 33.21
N GLY J 140 16.00 9.35 33.26
CA GLY J 140 16.04 8.01 33.80
C GLY J 140 17.05 7.80 34.90
N ALA J 141 16.61 7.11 35.95
CA ALA J 141 17.46 6.78 37.09
C ALA J 141 17.22 5.36 37.56
N ARG J 142 18.29 4.64 37.84
CA ARG J 142 18.15 3.27 38.32
C ARG J 142 19.39 2.90 39.13
N TYR J 143 19.20 2.66 40.42
CA TYR J 143 20.24 2.16 41.29
C TYR J 143 20.23 0.62 41.22
N PHE J 144 20.87 -0.04 42.18
CA PHE J 144 20.86 -1.49 42.30
C PHE J 144 19.44 -1.99 42.50
N GLY J 145 18.91 -2.66 41.47
CA GLY J 145 17.54 -3.13 41.51
C GLY J 145 16.51 -2.07 41.18
N ILE J 146 16.28 -1.15 42.11
CA ILE J 146 15.20 -0.17 41.97
C ILE J 146 15.54 0.83 40.88
N GLY J 147 14.50 1.34 40.22
CA GLY J 147 14.71 2.28 39.14
C GLY J 147 13.43 2.81 38.52
N ALA J 148 13.48 4.03 38.00
CA ALA J 148 12.30 4.68 37.45
C ALA J 148 12.70 5.71 36.41
N ASP J 149 11.86 5.87 35.40
CA ASP J 149 12.07 6.88 34.37
C ASP J 149 10.83 7.76 34.27
N THR J 150 11.01 8.95 33.74
CA THR J 150 9.95 9.92 33.50
C THR J 150 10.21 10.37 32.08
N GLN J 151 9.50 9.77 31.12
CA GLN J 151 9.75 10.06 29.72
C GLN J 151 8.48 10.78 29.30
N TYR J 152 8.61 12.00 28.80
CA TYR J 152 7.48 12.78 28.32
C TYR J 152 7.69 13.15 26.86
N GLN J 153 6.68 12.91 26.04
CA GLN J 153 6.77 13.19 24.61
C GLN J 153 5.81 14.33 24.32
N LEU J 154 6.31 15.56 24.41
CA LEU J 154 5.49 16.75 24.28
C LEU J 154 5.18 16.99 22.81
N ASP J 155 3.97 16.66 22.38
CA ASP J 155 3.51 17.00 21.05
C ASP J 155 3.03 18.45 21.06
N GLN J 156 2.57 18.92 19.90
CA GLN J 156 2.00 20.26 19.83
C GLN J 156 1.05 20.32 18.64
N ILE J 157 -0.23 20.48 18.92
CA ILE J 157 -1.23 20.75 17.90
C ILE J 157 -1.32 22.26 17.73
N ALA J 158 -1.80 22.71 16.58
CA ALA J 158 -2.11 24.11 16.36
C ALA J 158 -3.29 24.18 15.40
N VAL J 159 -4.23 25.08 15.69
CA VAL J 159 -5.41 25.24 14.87
C VAL J 159 -5.52 26.68 14.39
N ASN J 160 -6.12 26.84 13.22
CA ASN J 160 -6.46 28.14 12.68
C ASN J 160 -7.98 28.31 12.74
N LEU J 161 -8.42 29.44 13.28
CA LEU J 161 -9.84 29.78 13.31
C LEU J 161 -9.97 31.21 12.83
N ARG J 162 -10.59 31.41 11.68
CA ARG J 162 -10.76 32.73 11.11
C ARG J 162 -12.24 33.00 10.87
N VAL J 163 -12.71 34.14 11.36
CA VAL J 163 -14.09 34.56 11.15
C VAL J 163 -14.11 35.27 9.80
N VAL J 164 -14.97 34.81 8.89
CA VAL J 164 -15.05 35.37 7.56
C VAL J 164 -16.44 35.95 7.35
N ASN J 165 -16.50 37.24 7.03
CA ASN J 165 -17.75 37.87 6.62
C ASN J 165 -18.15 37.33 5.26
N VAL J 166 -19.20 36.50 5.20
CA VAL J 166 -19.59 35.87 3.95
C VAL J 166 -20.23 36.87 2.97
N SER J 167 -20.65 38.04 3.45
CA SER J 167 -21.19 39.05 2.58
C SER J 167 -20.12 39.72 1.71
N THR J 168 -18.87 39.72 2.17
CA THR J 168 -17.82 40.39 1.41
C THR J 168 -16.59 39.51 1.21
N GLY J 169 -16.52 38.36 1.89
CA GLY J 169 -15.39 37.46 1.75
C GLY J 169 -14.17 37.84 2.57
N GLU J 170 -14.28 38.94 3.32
CA GLU J 170 -13.15 39.43 4.09
C GLU J 170 -12.93 38.58 5.33
N ILE J 171 -11.69 38.16 5.55
CA ILE J 171 -11.32 37.44 6.77
C ILE J 171 -11.13 38.47 7.87
N LEU J 172 -11.95 38.36 8.92
CA LEU J 172 -12.07 39.41 9.91
C LEU J 172 -11.02 39.30 11.01
N SER J 173 -10.96 38.15 11.67
CA SER J 173 -10.01 37.89 12.74
C SER J 173 -9.49 36.47 12.57
N SER J 174 -8.22 36.35 12.18
CA SER J 174 -7.63 35.04 11.89
C SER J 174 -6.55 34.78 12.95
N VAL J 175 -6.84 33.85 13.85
CA VAL J 175 -5.95 33.56 14.98
C VAL J 175 -5.39 32.15 14.84
N ASN J 176 -4.26 31.93 15.50
CA ASN J 176 -3.57 30.65 15.51
C ASN J 176 -3.25 30.28 16.94
N THR J 177 -3.98 29.32 17.51
CA THR J 177 -3.77 28.88 18.88
C THR J 177 -3.17 27.49 18.87
N SER J 178 -2.25 27.25 19.80
CA SER J 178 -1.58 25.98 19.92
C SER J 178 -1.82 25.40 21.31
N LYS J 179 -1.53 24.11 21.45
CA LYS J 179 -1.59 23.46 22.75
C LYS J 179 -0.59 22.31 22.75
N THR J 180 0.25 22.26 23.79
CA THR J 180 1.27 21.23 23.89
C THR J 180 0.65 19.98 24.52
N ILE J 181 0.56 18.91 23.73
CA ILE J 181 0.06 17.63 24.21
C ILE J 181 1.14 17.02 25.10
N LEU J 182 0.83 16.82 26.38
CA LEU J 182 1.77 16.26 27.33
C LEU J 182 1.50 14.77 27.46
N SER J 183 2.32 13.96 26.78
CA SER J 183 2.22 12.51 26.83
C SER J 183 3.41 11.97 27.60
N TYR J 184 3.25 11.81 28.91
CA TYR J 184 4.33 11.39 29.79
C TYR J 184 4.10 9.96 30.26
N GLU J 185 5.20 9.24 30.49
CA GLU J 185 5.14 7.91 31.09
C GLU J 185 6.05 7.90 32.32
N VAL J 186 5.61 7.21 33.37
CA VAL J 186 6.41 6.96 34.56
C VAL J 186 6.41 5.46 34.80
N GLN J 187 7.52 4.83 34.47
CA GLN J 187 7.69 3.39 34.65
C GLN J 187 8.69 3.22 35.77
N ALA J 188 8.27 2.60 36.86
CA ALA J 188 9.14 2.44 38.02
C ALA J 188 9.31 0.93 38.07
N GLY J 189 10.39 0.43 37.48
CA GLY J 189 10.64 -0.98 37.42
C GLY J 189 11.83 -1.44 38.23
N VAL J 190 11.65 -2.46 39.07
CA VAL J 190 12.71 -2.97 39.92
C VAL J 190 13.11 -4.35 39.42
N PHE J 191 14.38 -4.71 39.61
CA PHE J 191 14.87 -6.04 39.27
C PHE J 191 16.03 -6.33 40.22
N ARG J 192 15.73 -6.97 41.35
CA ARG J 192 16.69 -7.03 42.45
C ARG J 192 16.69 -8.41 43.07
N PHE J 193 17.86 -9.02 43.18
CA PHE J 193 18.00 -10.24 43.95
C PHE J 193 17.83 -9.94 45.44
N ILE J 194 17.17 -10.85 46.16
CA ILE J 194 16.85 -10.67 47.56
C ILE J 194 17.62 -11.64 48.44
N ASP J 195 17.57 -12.92 48.12
CA ASP J 195 18.37 -13.93 48.79
C ASP J 195 19.23 -14.64 47.74
N TYR J 196 19.98 -15.65 48.20
CA TYR J 196 20.72 -16.49 47.27
C TYR J 196 19.76 -17.34 46.48
N GLN J 197 19.81 -17.20 45.16
CA GLN J 197 18.88 -17.83 44.21
C GLN J 197 17.42 -17.48 44.53
N ARG J 198 17.20 -16.19 44.79
CA ARG J 198 15.86 -15.61 44.92
C ARG J 198 15.87 -14.24 44.25
N LEU J 199 14.78 -13.89 43.59
CA LEU J 199 14.75 -12.65 42.82
C LEU J 199 13.35 -12.02 42.91
N LEU J 200 13.29 -10.80 43.41
CA LEU J 200 12.08 -9.99 43.34
C LEU J 200 12.19 -9.02 42.18
N GLU J 201 11.08 -8.83 41.49
CA GLU J 201 11.00 -7.84 40.42
C GLU J 201 9.56 -7.35 40.32
N GLY J 202 9.41 -6.18 39.72
CA GLY J 202 8.12 -5.55 39.62
C GLY J 202 8.25 -4.25 38.86
N GLU J 203 7.24 -3.89 38.09
CA GLU J 203 7.32 -2.71 37.24
C GLU J 203 5.94 -2.05 37.24
N VAL J 204 5.80 -0.99 38.03
CA VAL J 204 4.61 -0.16 37.99
C VAL J 204 4.82 0.92 36.93
N GLY J 205 3.87 1.03 36.01
CA GLY J 205 3.97 1.97 34.93
C GLY J 205 2.67 2.71 34.61
N TYR J 206 2.82 3.99 34.31
CA TYR J 206 1.65 4.84 34.03
C TYR J 206 1.99 5.84 32.93
N THR J 207 1.40 5.65 31.75
CA THR J 207 1.57 6.59 30.65
C THR J 207 0.27 7.37 30.44
N SER J 208 0.24 8.60 30.93
CA SER J 208 -0.92 9.47 30.76
C SER J 208 -0.69 10.31 29.52
N ASN J 209 -1.05 9.76 28.36
CA ASN J 209 -1.10 10.55 27.14
C ASN J 209 -2.23 11.56 27.26
N GLU J 210 -1.91 12.82 27.03
CA GLU J 210 -2.96 13.79 26.85
C GLU J 210 -3.66 13.46 25.54
N PRO J 211 -4.97 13.23 25.52
CA PRO J 211 -5.63 12.86 24.27
C PRO J 211 -5.65 14.03 23.30
N VAL J 212 -5.29 13.74 22.05
CA VAL J 212 -5.19 14.78 21.04
C VAL J 212 -6.55 15.36 20.70
N MET J 213 -7.62 14.59 20.91
CA MET J 213 -8.97 15.11 20.71
C MET J 213 -9.33 16.15 21.79
N LEU J 214 -8.79 16.02 23.00
CA LEU J 214 -9.10 16.98 24.04
C LEU J 214 -8.26 18.24 23.89
N CYS J 215 -7.04 18.10 23.37
CA CYS J 215 -6.21 19.25 23.09
C CYS J 215 -6.58 19.92 21.77
N LEU J 216 -7.17 19.18 20.84
CA LEU J 216 -7.84 19.83 19.71
C LEU J 216 -9.06 20.59 20.19
N MET J 217 -9.76 20.04 21.17
CA MET J 217 -10.94 20.70 21.73
C MET J 217 -10.55 21.92 22.55
N SER J 218 -9.45 21.84 23.30
CA SER J 218 -9.10 22.94 24.19
C SER J 218 -8.37 24.07 23.47
N ALA J 219 -7.65 23.76 22.40
CA ALA J 219 -7.04 24.82 21.59
C ALA J 219 -8.06 25.53 20.71
N ILE J 220 -9.13 24.84 20.33
CA ILE J 220 -10.21 25.48 19.59
C ILE J 220 -11.03 26.38 20.51
N GLU J 221 -11.30 25.90 21.74
CA GLU J 221 -11.99 26.73 22.73
C GLU J 221 -11.14 27.92 23.15
N THR J 222 -9.82 27.78 23.10
CA THR J 222 -8.94 28.94 23.24
C THR J 222 -9.10 29.88 22.06
N GLY J 223 -9.28 29.32 20.85
CA GLY J 223 -9.41 30.15 19.67
C GLY J 223 -10.73 30.89 19.60
N VAL J 224 -11.79 30.31 20.18
CA VAL J 224 -13.09 30.97 20.18
C VAL J 224 -13.06 32.21 21.06
N ILE J 225 -12.37 32.12 22.21
CA ILE J 225 -12.14 33.31 23.02
C ILE J 225 -11.22 34.27 22.29
N PHE J 226 -10.27 33.75 21.50
CA PHE J 226 -9.43 34.62 20.70
C PHE J 226 -10.15 35.15 19.47
N LEU J 227 -11.22 34.47 19.03
CA LEU J 227 -12.07 35.04 18.01
C LEU J 227 -12.92 36.17 18.57
N ILE J 228 -13.39 36.00 19.81
CA ILE J 228 -14.29 36.98 20.40
C ILE J 228 -13.52 38.20 20.88
N ASN J 229 -12.37 38.00 21.53
CA ASN J 229 -11.60 39.11 22.07
C ASN J 229 -10.99 39.95 20.95
N ASP J 230 -10.52 39.30 19.89
CA ASP J 230 -10.03 40.04 18.73
C ASP J 230 -11.16 40.47 17.81
N GLY J 231 -12.38 40.00 18.04
CA GLY J 231 -13.55 40.48 17.35
C GLY J 231 -14.26 41.64 18.01
N ILE J 232 -13.79 42.08 19.18
CA ILE J 232 -14.38 43.20 19.89
C ILE J 232 -13.63 44.49 19.62
N ASP J 233 -12.29 44.45 19.67
CA ASP J 233 -11.51 45.66 19.45
C ASP J 233 -11.54 46.12 18.00
N ARG J 234 -11.79 45.21 17.06
CA ARG J 234 -11.93 45.59 15.66
C ARG J 234 -13.29 46.17 15.34
N GLY J 235 -14.24 46.12 16.25
CA GLY J 235 -15.58 46.61 15.98
C GLY J 235 -16.40 45.69 15.10
N LEU J 236 -16.06 44.41 15.03
CA LEU J 236 -16.81 43.48 14.19
C LEU J 236 -18.16 43.15 14.79
N TRP J 237 -18.22 42.97 16.11
CA TRP J 237 -19.48 42.74 16.80
C TRP J 237 -19.35 43.25 18.23
N ASP J 238 -20.46 43.72 18.77
CA ASP J 238 -20.49 44.29 20.10
C ASP J 238 -21.22 43.37 21.06
N LEU J 239 -20.71 43.32 22.30
CA LEU J 239 -21.32 42.55 23.37
C LEU J 239 -22.32 43.42 24.14
N GLN J 240 -23.14 42.76 24.95
CA GLN J 240 -24.06 43.47 25.83
C GLN J 240 -23.27 44.19 26.91
N ASN J 241 -23.63 45.47 27.12
CA ASN J 241 -22.97 46.39 28.05
C ASN J 241 -21.48 46.52 27.72
N LYS J 242 -21.22 47.12 26.55
CA LYS J 242 -19.86 47.31 26.04
C LYS J 242 -19.17 48.50 26.71
N ALA J 243 -19.05 48.41 28.02
CA ALA J 243 -18.30 49.39 28.81
C ALA J 243 -17.46 48.76 29.91
N GLU J 244 -17.60 47.46 30.18
CA GLU J 244 -17.00 46.87 31.37
C GLU J 244 -15.50 46.63 31.19
N ARG J 245 -15.13 45.71 30.30
CA ARG J 245 -13.77 45.20 30.10
C ARG J 245 -13.10 44.78 31.42
N GLN J 246 -13.85 44.12 32.31
CA GLN J 246 -13.37 43.81 33.65
C GLN J 246 -13.24 42.32 33.92
N ASN J 247 -13.91 41.47 33.16
CA ASN J 247 -13.93 40.04 33.46
C ASN J 247 -12.58 39.41 33.16
N ASP J 248 -12.18 38.45 33.99
CA ASP J 248 -10.86 37.82 33.89
C ASP J 248 -10.77 36.76 32.81
N ILE J 249 -11.70 36.73 31.85
CA ILE J 249 -11.54 35.92 30.66
C ILE J 249 -10.98 36.77 29.53
N LEU J 250 -11.56 37.96 29.31
CA LEU J 250 -11.15 38.79 28.19
C LEU J 250 -9.78 39.45 28.46
N VAL J 251 -9.53 39.89 29.69
CA VAL J 251 -8.24 40.50 29.96
C VAL J 251 -7.15 39.46 30.10
N LYS J 252 -7.50 38.21 30.42
CA LYS J 252 -6.51 37.14 30.43
C LYS J 252 -6.14 36.75 29.00
N TYR J 253 -7.12 36.69 28.11
CA TYR J 253 -6.88 36.41 26.71
C TYR J 253 -6.53 37.66 25.91
N ARG J 254 -6.34 38.79 26.58
CA ARG J 254 -5.67 39.95 25.99
C ARG J 254 -4.21 40.04 26.40
N HIS J 255 -3.87 39.57 27.60
CA HIS J 255 -2.48 39.39 27.99
C HIS J 255 -1.86 38.16 27.36
N MET J 256 -2.68 37.20 26.91
CA MET J 256 -2.22 36.06 26.12
C MET J 256 -2.22 36.35 24.64
N SER J 257 -2.57 37.58 24.24
CA SER J 257 -2.59 37.96 22.83
C SER J 257 -1.22 38.29 22.28
N VAL J 258 -0.18 38.34 23.12
CA VAL J 258 1.19 38.45 22.63
C VAL J 258 1.77 37.04 22.52
N PRO J 259 2.08 36.58 21.31
CA PRO J 259 2.51 35.19 21.13
C PRO J 259 3.97 35.01 21.55
N PRO J 260 4.28 33.95 22.31
CA PRO J 260 5.65 33.66 22.70
C PRO J 260 6.52 33.15 21.54
N GLY K 1 14.79 -14.83 -13.65
CA GLY K 1 15.80 -14.91 -12.60
C GLY K 1 16.00 -13.58 -11.90
N THR K 2 16.04 -12.49 -12.65
CA THR K 2 16.04 -11.17 -12.01
C THR K 2 16.90 -11.29 -10.78
N MET K 3 18.09 -11.82 -10.95
CA MET K 3 18.96 -12.08 -9.81
C MET K 3 20.14 -11.11 -9.81
N THR K 4 20.18 -10.27 -8.79
CA THR K 4 21.25 -9.31 -8.61
C THR K 4 22.52 -10.02 -8.15
N PHE K 5 23.60 -9.24 -8.02
CA PHE K 5 24.85 -9.79 -7.52
C PHE K 5 25.03 -9.40 -6.06
N GLN K 6 24.93 -10.39 -5.17
CA GLN K 6 25.36 -10.22 -3.80
C GLN K 6 26.52 -11.18 -3.56
N PHE K 7 27.48 -10.74 -2.77
CA PHE K 7 28.56 -11.63 -2.38
C PHE K 7 28.06 -12.67 -1.39
N ARG K 8 28.84 -13.73 -1.24
CA ARG K 8 28.61 -14.70 -0.16
C ARG K 8 29.53 -14.46 1.01
N ASN K 9 30.27 -13.34 1.02
CA ASN K 9 31.26 -13.05 2.04
C ASN K 9 31.08 -11.62 2.52
N PRO K 10 31.03 -11.38 3.83
CA PRO K 10 30.68 -10.05 4.34
C PRO K 10 31.77 -8.99 4.21
N ASN K 11 33.01 -9.36 3.84
CA ASN K 11 34.03 -8.35 3.63
C ASN K 11 33.81 -7.57 2.34
N PHE K 12 33.06 -8.12 1.40
CA PHE K 12 32.85 -7.49 0.10
C PHE K 12 31.44 -6.95 -0.07
N GLY K 13 30.57 -7.16 0.92
CA GLY K 13 29.24 -6.60 0.89
C GLY K 13 28.10 -7.58 0.71
N GLY K 14 28.29 -8.83 1.07
CA GLY K 14 27.23 -9.82 0.98
C GLY K 14 26.36 -9.82 2.20
N ASN K 15 25.71 -10.95 2.43
CA ASN K 15 24.91 -11.12 3.64
C ASN K 15 25.85 -11.26 4.83
N PRO K 16 25.75 -10.40 5.84
CA PRO K 16 26.70 -10.47 6.96
C PRO K 16 26.46 -11.63 7.92
N ASN K 17 25.36 -12.36 7.78
CA ASN K 17 25.06 -13.44 8.71
C ASN K 17 25.86 -14.70 8.43
N ASN K 18 26.38 -14.87 7.22
CA ASN K 18 27.18 -16.06 6.93
C ASN K 18 28.61 -15.93 7.40
N GLY K 19 29.02 -14.77 7.90
CA GLY K 19 30.37 -14.61 8.41
C GLY K 19 30.61 -15.38 9.70
N ALA K 20 29.56 -15.54 10.51
CA ALA K 20 29.63 -16.42 11.67
C ALA K 20 29.76 -17.89 11.29
N PHE K 21 29.47 -18.23 10.04
CA PHE K 21 29.70 -19.56 9.48
C PHE K 21 30.97 -19.63 8.65
N LEU K 22 31.30 -18.54 7.94
CA LEU K 22 32.46 -18.55 7.03
C LEU K 22 33.77 -18.64 7.79
N LEU K 23 33.97 -17.78 8.79
CA LEU K 23 35.25 -17.74 9.49
C LEU K 23 35.47 -19.01 10.31
N ASN K 24 34.42 -19.48 10.98
CA ASN K 24 34.54 -20.70 11.78
C ASN K 24 34.69 -21.93 10.91
N SER K 25 34.32 -21.83 9.62
CA SER K 25 34.58 -22.92 8.69
C SER K 25 36.09 -23.11 8.50
N ALA K 26 36.79 -22.04 8.12
CA ALA K 26 38.24 -22.13 8.00
C ALA K 26 38.93 -22.24 9.36
N GLN K 27 38.26 -21.90 10.46
CA GLN K 27 38.78 -22.26 11.77
C GLN K 27 38.65 -23.77 12.00
N ALA K 28 37.69 -24.41 11.33
CA ALA K 28 37.55 -25.86 11.35
C ALA K 28 38.28 -26.54 10.19
N GLN K 29 38.73 -25.79 9.18
CA GLN K 29 39.65 -26.31 8.17
C GLN K 29 40.77 -25.29 7.95
N ASN K 30 41.81 -25.38 8.78
CA ASN K 30 43.04 -24.64 8.53
C ASN K 30 44.24 -25.56 8.40
N SER K 31 44.41 -26.49 9.34
CA SER K 31 45.57 -27.40 9.45
C SER K 31 46.89 -26.64 9.41
N TYR K 32 46.95 -25.56 10.18
CA TYR K 32 48.15 -24.73 10.26
C TYR K 32 48.43 -24.39 11.72
N LYS K 33 49.66 -24.63 12.15
CA LYS K 33 50.10 -24.35 13.51
C LYS K 33 51.26 -23.37 13.49
N ASP K 34 51.70 -22.98 14.67
CA ASP K 34 52.78 -22.01 14.79
C ASP K 34 54.12 -22.64 14.42
N PRO K 35 55.02 -21.90 13.77
CA PRO K 35 56.34 -22.42 13.42
C PRO K 35 57.29 -22.44 14.61
N ALA L 10 -0.91 21.59 31.09
CA ALA L 10 -0.68 22.25 29.81
C ALA L 10 -1.49 23.54 29.71
N ARG L 11 -0.83 24.62 29.30
CA ARG L 11 -1.49 25.91 29.19
C ARG L 11 -1.72 26.24 27.73
N PRO L 12 -2.97 26.33 27.27
CA PRO L 12 -3.23 26.59 25.85
C PRO L 12 -3.06 28.06 25.49
N THR L 13 -1.83 28.47 25.22
CA THR L 13 -1.54 29.84 24.82
C THR L 13 -1.72 29.98 23.30
N LEU L 14 -1.25 31.08 22.74
CA LEU L 14 -1.27 31.29 21.29
C LEU L 14 -0.19 30.43 20.63
N MET L 15 -0.06 30.55 19.32
CA MET L 15 1.04 29.89 18.63
C MET L 15 2.36 30.59 18.99
N PRO L 16 3.38 29.84 19.41
CA PRO L 16 4.63 30.46 19.85
C PRO L 16 5.41 31.06 18.69
N ARG L 17 5.00 32.25 18.27
CA ARG L 17 5.53 32.90 17.09
C ARG L 17 6.98 33.31 17.31
N ALA L 18 7.78 33.26 16.25
CA ALA L 18 9.22 33.47 16.35
C ALA L 18 9.53 34.97 16.37
N GLN L 19 10.80 35.29 16.16
CA GLN L 19 11.24 36.68 16.14
C GLN L 19 10.69 37.43 14.93
N SER L 20 10.47 36.72 13.82
CA SER L 20 10.02 37.36 12.58
C SER L 20 8.59 37.89 12.68
N TYR L 21 7.77 37.34 13.58
CA TYR L 21 6.44 37.90 13.79
C TYR L 21 6.50 39.19 14.59
N LYS L 22 7.51 39.35 15.44
CA LYS L 22 7.69 40.61 16.17
C LYS L 22 8.08 41.74 15.24
N ASP L 23 8.77 41.43 14.14
CA ASP L 23 8.97 42.39 13.06
C ASP L 23 7.74 42.56 12.20
N LEU L 24 6.81 41.61 12.23
CA LEU L 24 5.66 41.65 11.35
C LEU L 24 4.60 42.62 11.85
N THR L 25 4.29 42.59 13.15
CA THR L 25 3.29 43.50 13.70
C THR L 25 3.81 44.92 13.79
N HIS L 26 5.13 45.11 13.87
CA HIS L 26 5.71 46.44 13.94
C HIS L 26 6.00 47.02 12.56
N LEU L 27 5.45 46.43 11.50
CA LEU L 27 5.56 47.02 10.18
C LEU L 27 4.75 48.32 10.11
N PRO L 28 5.22 49.31 9.34
CA PRO L 28 4.47 50.55 9.21
C PRO L 28 3.17 50.34 8.42
N ALA L 29 2.21 51.21 8.69
CA ALA L 29 0.89 51.04 8.08
C ALA L 29 0.90 51.52 6.64
N PRO L 30 0.18 50.84 5.75
CA PRO L 30 0.04 51.31 4.37
C PRO L 30 -1.16 52.25 4.23
N THR L 31 -1.25 52.86 3.04
CA THR L 31 -2.39 53.73 2.70
C THR L 31 -3.58 52.84 2.38
N GLY L 32 -4.22 52.35 3.44
CA GLY L 32 -5.28 51.37 3.29
C GLY L 32 -4.72 49.97 3.15
N LYS L 33 -5.25 49.03 3.92
CA LYS L 33 -4.78 47.65 3.86
C LYS L 33 -5.26 47.01 2.55
N ILE L 34 -4.34 46.37 1.84
CA ILE L 34 -4.62 45.90 0.49
C ILE L 34 -5.45 44.64 0.55
N PHE L 35 -6.53 44.60 -0.23
CA PHE L 35 -7.31 43.38 -0.36
C PHE L 35 -6.51 42.34 -1.12
N VAL L 36 -6.33 41.18 -0.49
CA VAL L 36 -5.49 40.11 -1.04
C VAL L 36 -6.21 38.79 -0.82
N SER L 37 -5.85 37.79 -1.63
CA SER L 37 -6.56 36.51 -1.59
C SER L 37 -5.54 35.38 -1.65
N VAL L 38 -5.69 34.42 -0.75
CA VAL L 38 -4.81 33.27 -0.65
C VAL L 38 -5.62 32.03 -1.02
N TYR L 39 -5.39 31.49 -2.20
CA TYR L 39 -6.19 30.35 -2.64
C TYR L 39 -5.66 29.04 -2.05
N ASN L 40 -4.44 28.66 -2.41
CA ASN L 40 -3.88 27.40 -1.95
C ASN L 40 -2.36 27.51 -2.06
N ILE L 41 -1.70 27.77 -0.94
CA ILE L 41 -0.25 27.69 -0.92
C ILE L 41 0.07 26.21 -0.84
N GLN L 42 0.24 25.60 -2.01
CA GLN L 42 0.20 24.16 -2.13
C GLN L 42 1.46 23.53 -1.55
N ASP L 43 1.27 22.55 -0.68
CA ASP L 43 2.39 21.74 -0.21
C ASP L 43 2.82 20.85 -1.36
N GLU L 44 3.69 21.37 -2.22
CA GLU L 44 4.33 20.59 -3.26
C GLU L 44 5.82 20.43 -2.97
N THR L 45 6.15 20.26 -1.68
CA THR L 45 7.42 19.67 -1.31
C THR L 45 7.53 18.25 -1.84
N GLY L 46 6.40 17.53 -1.85
CA GLY L 46 6.43 16.12 -2.18
C GLY L 46 7.20 15.30 -1.18
N GLN L 47 7.30 15.77 0.06
CA GLN L 47 8.18 15.20 1.07
C GLN L 47 7.34 14.76 2.26
N PHE L 48 7.39 13.48 2.57
CA PHE L 48 6.68 12.89 3.68
C PHE L 48 7.67 12.58 4.79
N LYS L 49 7.15 12.30 5.96
CA LYS L 49 8.04 12.12 7.11
C LYS L 49 8.65 10.72 7.07
N PRO L 50 9.93 10.59 7.42
CA PRO L 50 10.59 9.29 7.42
C PRO L 50 10.18 8.43 8.60
N TYR L 51 10.76 7.24 8.68
CA TYR L 51 10.59 6.39 9.85
C TYR L 51 11.26 7.05 11.05
N PRO L 52 10.70 6.94 12.26
CA PRO L 52 9.55 6.15 12.74
C PRO L 52 8.18 6.74 12.45
N ALA L 53 8.12 7.94 11.87
CA ALA L 53 6.84 8.54 11.57
C ALA L 53 6.19 7.85 10.37
N SER L 54 4.93 8.18 10.14
CA SER L 54 4.14 7.50 9.13
C SER L 54 4.59 7.84 7.72
N ASN L 55 4.36 6.92 6.80
CA ASN L 55 4.72 7.15 5.41
C ASN L 55 3.76 8.11 4.72
N PHE L 56 2.49 8.09 5.11
CA PHE L 56 1.51 9.02 4.56
C PHE L 56 1.55 10.38 5.23
N SER L 57 2.30 10.53 6.30
CA SER L 57 2.38 11.79 7.03
C SER L 57 3.30 12.74 6.28
N THR L 58 2.77 13.86 5.82
CA THR L 58 3.57 14.85 5.12
C THR L 58 4.54 15.50 6.08
N ALA L 59 5.75 15.79 5.60
CA ALA L 59 6.81 16.28 6.47
C ALA L 59 6.56 17.72 6.91
N VAL L 60 5.94 18.52 6.06
CA VAL L 60 5.48 19.85 6.45
C VAL L 60 3.96 19.80 6.44
N PRO L 61 3.27 20.73 7.10
CA PRO L 61 1.81 20.74 7.00
C PRO L 61 1.32 21.13 5.62
N GLN L 62 0.12 20.63 5.30
CA GLN L 62 -0.60 21.05 4.09
C GLN L 62 -1.48 22.25 4.39
N SER L 63 -0.93 23.25 5.08
CA SER L 63 -1.76 24.31 5.66
C SER L 63 -1.11 25.67 5.54
N ALA L 64 -0.21 25.87 4.58
CA ALA L 64 0.38 27.19 4.38
C ALA L 64 -0.62 28.17 3.77
N THR L 65 -1.70 27.68 3.17
CA THR L 65 -2.79 28.55 2.75
C THR L 65 -3.57 29.12 3.92
N ALA L 66 -3.51 28.46 5.08
CA ALA L 66 -4.14 28.97 6.29
C ALA L 66 -3.16 29.67 7.22
N MET L 67 -1.85 29.43 7.05
CA MET L 67 -0.86 30.12 7.85
C MET L 67 -0.56 31.50 7.29
N LEU L 68 -0.46 31.61 5.96
CA LEU L 68 -0.16 32.89 5.33
C LEU L 68 -1.29 33.90 5.54
N VAL L 69 -2.52 33.41 5.64
CA VAL L 69 -3.68 34.24 6.01
C VAL L 69 -3.45 34.93 7.36
N THR L 70 -2.92 34.18 8.33
CA THR L 70 -2.56 34.78 9.61
C THR L 70 -1.37 35.73 9.45
N ALA L 71 -0.46 35.41 8.54
CA ALA L 71 0.71 36.25 8.35
C ALA L 71 0.37 37.54 7.61
N LEU L 72 -0.67 37.53 6.78
CA LEU L 72 -1.08 38.75 6.09
C LEU L 72 -2.07 39.57 6.89
N LYS L 73 -2.86 38.93 7.76
CA LYS L 73 -3.84 39.67 8.54
C LYS L 73 -3.20 40.37 9.72
N ASP L 74 -2.36 39.66 10.49
CA ASP L 74 -1.70 40.25 11.64
C ASP L 74 -0.50 41.12 11.27
N SER L 75 -0.19 41.25 9.98
CA SER L 75 0.84 42.19 9.55
C SER L 75 0.36 43.62 9.51
N ARG L 76 -0.97 43.84 9.62
CA ARG L 76 -1.64 45.13 9.48
C ARG L 76 -1.31 45.80 8.15
N TRP L 77 -1.14 44.99 7.11
CA TRP L 77 -0.86 45.45 5.76
C TRP L 77 -1.83 44.93 4.72
N PHE L 78 -2.47 43.79 4.98
CA PHE L 78 -3.31 43.12 4.02
C PHE L 78 -4.65 42.77 4.66
N ILE L 79 -5.71 42.84 3.85
CA ILE L 79 -6.98 42.23 4.23
C ILE L 79 -7.10 40.93 3.45
N PRO L 80 -6.81 39.79 4.06
CA PRO L 80 -6.89 38.53 3.32
C PRO L 80 -8.32 38.12 3.08
N LEU L 81 -8.54 37.42 1.97
CA LEU L 81 -9.86 36.93 1.60
C LEU L 81 -9.85 35.41 1.66
N GLU L 82 -10.98 34.85 2.09
CA GLU L 82 -11.10 33.40 2.22
C GLU L 82 -11.27 32.81 0.84
N ARG L 83 -10.21 32.17 0.33
CA ARG L 83 -10.25 31.47 -0.93
C ARG L 83 -9.79 30.03 -0.82
N GLN L 84 -9.43 29.56 0.37
CA GLN L 84 -9.12 28.15 0.57
C GLN L 84 -10.39 27.31 0.44
N GLY L 85 -11.36 27.55 1.32
CA GLY L 85 -12.67 26.96 1.16
C GLY L 85 -13.61 27.92 0.45
N LEU L 86 -13.23 28.34 -0.77
CA LEU L 86 -14.09 29.26 -1.52
C LEU L 86 -15.37 28.57 -1.97
N GLN L 87 -15.29 27.30 -2.35
CA GLN L 87 -16.50 26.54 -2.65
C GLN L 87 -17.32 26.24 -1.40
N ASN L 88 -16.71 26.35 -0.22
CA ASN L 88 -17.46 26.29 1.03
C ASN L 88 -18.06 27.64 1.39
N LEU L 89 -17.52 28.74 0.86
CA LEU L 89 -18.09 30.05 1.10
C LEU L 89 -19.17 30.38 0.09
N LEU L 90 -19.02 29.90 -1.16
CA LEU L 90 -20.05 30.13 -2.17
C LEU L 90 -21.30 29.31 -1.91
N ASN L 91 -21.16 28.18 -1.21
CA ASN L 91 -22.34 27.44 -0.76
C ASN L 91 -23.09 28.17 0.33
N GLU L 92 -22.40 29.05 1.08
CA GLU L 92 -23.07 29.88 2.08
C GLU L 92 -23.71 31.10 1.45
N ARG L 93 -23.10 31.67 0.40
CA ARG L 93 -23.69 32.82 -0.27
C ARG L 93 -24.95 32.43 -1.04
N LYS L 94 -24.98 31.21 -1.58
CA LYS L 94 -26.18 30.73 -2.26
C LYS L 94 -27.33 30.46 -1.30
N ILE L 95 -27.03 30.30 -0.01
CA ILE L 95 -28.08 30.13 0.99
C ILE L 95 -28.75 31.46 1.30
N ILE L 96 -27.96 32.54 1.38
CA ILE L 96 -28.51 33.87 1.64
C ILE L 96 -29.31 34.37 0.45
N ARG L 97 -28.98 33.92 -0.76
CA ARG L 97 -29.81 34.22 -1.92
C ARG L 97 -31.19 33.56 -1.82
N ALA L 98 -31.28 32.42 -1.13
CA ALA L 98 -32.54 31.77 -0.85
C ALA L 98 -33.12 32.14 0.51
N ALA L 99 -32.41 32.94 1.30
CA ALA L 99 -32.87 33.35 2.62
C ALA L 99 -33.54 34.72 2.61
N GLN L 100 -32.93 35.70 1.95
CA GLN L 100 -33.53 37.03 1.88
C GLN L 100 -34.70 37.10 0.90
N GLU L 101 -34.84 36.12 0.01
CA GLU L 101 -35.95 36.07 -0.94
C GLU L 101 -37.02 35.13 -0.40
N ASN L 102 -37.77 35.64 0.58
CA ASN L 102 -38.84 34.87 1.20
C ASN L 102 -40.15 35.64 1.16
N ILE L 111 -30.77 42.57 5.80
CA ILE L 111 -29.77 43.29 5.01
C ILE L 111 -29.60 42.60 3.65
N PRO L 112 -29.53 43.39 2.58
CA PRO L 112 -29.21 42.82 1.27
C PRO L 112 -27.76 42.37 1.21
N LEU L 113 -27.51 41.33 0.42
CA LEU L 113 -26.18 40.74 0.36
C LEU L 113 -25.25 41.56 -0.52
N GLN L 114 -24.05 41.81 -0.02
CA GLN L 114 -23.01 42.46 -0.79
C GLN L 114 -22.28 41.44 -1.63
N SER L 115 -21.35 41.92 -2.46
CA SER L 115 -20.52 41.06 -3.28
C SER L 115 -19.14 40.89 -2.65
N LEU L 116 -18.42 39.88 -3.13
CA LEU L 116 -17.05 39.66 -2.67
C LEU L 116 -16.15 40.77 -3.22
N THR L 117 -15.17 41.16 -2.41
CA THR L 117 -14.28 42.25 -2.82
C THR L 117 -13.31 41.78 -3.90
N ALA L 118 -12.66 42.77 -4.54
CA ALA L 118 -11.95 42.53 -5.79
C ALA L 118 -10.66 41.75 -5.59
N ALA L 119 -9.88 42.10 -4.57
CA ALA L 119 -8.57 41.50 -4.24
C ALA L 119 -7.62 41.60 -5.44
N ASN L 120 -7.24 42.85 -5.72
CA ASN L 120 -6.48 43.20 -6.93
C ASN L 120 -5.13 42.49 -7.00
N ILE L 121 -4.55 42.15 -5.86
CA ILE L 121 -3.38 41.28 -5.82
C ILE L 121 -3.77 40.01 -5.07
N MET L 122 -3.04 38.94 -5.36
CA MET L 122 -3.21 37.68 -4.67
C MET L 122 -1.84 37.11 -4.36
N VAL L 123 -1.74 36.36 -3.27
CA VAL L 123 -0.51 35.66 -2.96
C VAL L 123 -0.75 34.18 -3.23
N GLU L 124 -0.47 33.78 -4.46
CA GLU L 124 -0.27 32.38 -4.80
C GLU L 124 1.13 32.01 -4.32
N GLY L 125 1.35 30.73 -4.04
CA GLY L 125 2.67 30.34 -3.60
C GLY L 125 2.73 28.85 -3.36
N SER L 126 3.86 28.44 -2.79
CA SER L 126 4.10 27.03 -2.51
C SER L 126 5.05 26.92 -1.33
N ILE L 127 5.00 25.77 -0.68
CA ILE L 127 6.10 25.28 0.13
C ILE L 127 6.99 24.52 -0.84
N ILE L 128 8.10 25.15 -1.24
CA ILE L 128 8.87 24.63 -2.37
C ILE L 128 9.81 23.51 -2.01
N GLY L 129 9.95 23.18 -0.73
CA GLY L 129 10.87 22.10 -0.41
C GLY L 129 11.11 21.87 1.05
N TYR L 130 11.58 20.67 1.37
CA TYR L 130 11.87 20.32 2.74
C TYR L 130 12.79 19.11 2.79
N GLU L 131 14.09 19.34 2.66
CA GLU L 131 15.07 18.26 2.68
C GLU L 131 15.29 17.84 4.13
N SER L 132 15.11 16.55 4.39
CA SER L 132 15.37 16.05 5.73
C SER L 132 16.87 15.96 5.97
N ASN L 133 17.29 16.44 7.16
CA ASN L 133 18.66 16.36 7.67
C ASN L 133 19.65 17.06 6.72
N VAL L 134 19.50 18.39 6.63
CA VAL L 134 20.33 19.16 5.72
C VAL L 134 21.75 19.27 6.25
N LYS L 135 21.91 19.93 7.40
CA LYS L 135 23.22 20.10 8.03
C LYS L 135 23.25 19.36 9.35
N SER L 136 22.75 18.13 9.33
CA SER L 136 22.61 17.35 10.54
C SER L 136 23.96 16.86 11.03
N GLY L 137 23.99 16.40 12.27
CA GLY L 137 25.21 15.93 12.88
C GLY L 137 25.10 15.79 14.38
N GLY L 138 26.18 15.42 15.05
CA GLY L 138 26.12 15.31 16.49
C GLY L 138 27.46 14.93 17.07
N VAL L 139 27.77 15.51 18.23
CA VAL L 139 28.98 15.19 18.97
C VAL L 139 28.60 14.24 20.10
N GLY L 140 29.40 13.20 20.27
CA GLY L 140 29.24 12.30 21.40
C GLY L 140 30.48 12.10 22.23
N ALA L 141 30.28 12.12 23.55
CA ALA L 141 31.36 11.93 24.51
C ALA L 141 30.90 11.06 25.67
N ARG L 142 31.73 10.09 26.05
CA ARG L 142 31.38 9.23 27.17
C ARG L 142 32.66 8.70 27.81
N TYR L 143 32.92 9.08 29.05
CA TYR L 143 34.00 8.54 29.83
C TYR L 143 33.50 7.28 30.55
N PHE L 144 34.24 6.82 31.56
CA PHE L 144 33.84 5.69 32.39
C PHE L 144 32.52 5.98 33.09
N GLY L 145 31.47 5.29 32.66
CA GLY L 145 30.15 5.52 33.19
C GLY L 145 29.43 6.71 32.59
N ILE L 146 29.86 7.92 32.95
CA ILE L 146 29.15 9.13 32.55
C ILE L 146 29.34 9.38 31.06
N GLY L 147 28.33 10.01 30.45
CA GLY L 147 28.38 10.26 29.02
C GLY L 147 27.18 11.03 28.49
N ALA L 148 27.39 11.80 27.43
CA ALA L 148 26.34 12.63 26.88
C ALA L 148 26.61 12.89 25.40
N ASP L 149 25.55 13.01 24.63
CA ASP L 149 25.64 13.35 23.22
C ASP L 149 24.77 14.58 22.94
N THR L 150 25.10 15.26 21.85
CA THR L 150 24.35 16.42 21.37
C THR L 150 24.18 16.13 19.89
N GLN L 151 23.02 15.59 19.52
CA GLN L 151 22.79 15.19 18.14
C GLN L 151 21.73 16.17 17.68
N TYR L 152 22.03 16.91 16.62
CA TYR L 152 21.09 17.87 16.05
C TYR L 152 20.84 17.52 14.58
N GLN L 153 19.56 17.46 14.21
CA GLN L 153 19.19 17.10 12.85
C GLN L 153 18.57 18.34 12.22
N LEU L 154 19.42 19.16 11.58
CA LEU L 154 19.00 20.43 11.03
C LEU L 154 18.25 20.20 9.73
N ASP L 155 16.93 20.31 9.78
CA ASP L 155 16.12 20.28 8.56
C ASP L 155 16.13 21.66 7.94
N GLN L 156 15.43 21.82 6.82
CA GLN L 156 15.31 23.13 6.19
C GLN L 156 14.04 23.14 5.35
N ILE L 157 13.08 23.95 5.74
CA ILE L 157 11.90 24.22 4.94
C ILE L 157 12.21 25.43 4.07
N ALA L 158 11.48 25.56 2.97
CA ALA L 158 11.54 26.75 2.14
C ALA L 158 10.17 26.96 1.52
N VAL L 159 9.73 28.22 1.49
CA VAL L 159 8.43 28.55 0.95
C VAL L 159 8.58 29.59 -0.15
N ASN L 160 7.66 29.54 -1.10
CA ASN L 160 7.55 30.55 -2.14
C ASN L 160 6.29 31.38 -1.88
N LEU L 161 6.44 32.69 -1.91
CA LEU L 161 5.31 33.61 -1.78
C LEU L 161 5.45 34.65 -2.87
N ARG L 162 4.53 34.63 -3.82
CA ARG L 162 4.55 35.58 -4.93
C ARG L 162 3.25 36.35 -4.99
N VAL L 163 3.37 37.68 -5.05
CA VAL L 163 2.21 38.55 -5.17
C VAL L 163 1.89 38.62 -6.66
N VAL L 164 0.65 38.29 -7.03
CA VAL L 164 0.25 38.26 -8.43
C VAL L 164 -0.87 39.26 -8.63
N ASN L 165 -0.67 40.21 -9.52
CA ASN L 165 -1.73 41.12 -9.93
C ASN L 165 -2.76 40.34 -10.74
N VAL L 166 -3.94 40.12 -10.18
CA VAL L 166 -4.95 39.30 -10.84
C VAL L 166 -5.58 40.02 -12.03
N SER L 167 -5.42 41.34 -12.13
CA SER L 167 -5.92 42.07 -13.28
C SER L 167 -5.12 41.81 -14.54
N THR L 168 -3.84 41.43 -14.41
CA THR L 168 -3.01 41.21 -15.59
C THR L 168 -2.27 39.89 -15.54
N GLY L 169 -2.29 39.18 -14.42
CA GLY L 169 -1.62 37.89 -14.31
C GLY L 169 -0.14 37.98 -14.03
N GLU L 170 0.38 39.20 -13.93
CA GLU L 170 1.82 39.40 -13.75
C GLU L 170 2.22 39.08 -12.32
N ILE L 171 3.27 38.27 -12.16
CA ILE L 171 3.83 38.00 -10.85
C ILE L 171 4.72 39.17 -10.46
N LEU L 172 4.37 39.84 -9.37
CA LEU L 172 4.95 41.13 -9.04
C LEU L 172 6.25 40.99 -8.25
N SER L 173 6.22 40.27 -7.14
CA SER L 173 7.38 40.05 -6.29
C SER L 173 7.34 38.61 -5.82
N SER L 174 8.26 37.80 -6.33
CA SER L 174 8.29 36.37 -6.04
C SER L 174 9.56 36.08 -5.22
N VAL L 175 9.36 35.81 -3.93
CA VAL L 175 10.48 35.60 -3.01
C VAL L 175 10.50 34.16 -2.53
N ASN L 176 11.68 33.72 -2.08
CA ASN L 176 11.89 32.38 -1.57
C ASN L 176 12.61 32.49 -0.24
N THR L 177 11.90 32.25 0.86
CA THR L 177 12.47 32.31 2.19
C THR L 177 12.58 30.92 2.77
N SER L 178 13.67 30.68 3.48
CA SER L 178 13.92 29.39 4.10
C SER L 178 14.06 29.55 5.61
N LYS L 179 13.98 28.43 6.32
CA LYS L 179 14.22 28.42 7.75
C LYS L 179 14.76 27.05 8.14
N THR L 180 15.87 27.04 8.87
CA THR L 180 16.50 25.79 9.28
C THR L 180 15.82 25.29 10.55
N ILE L 181 15.12 24.16 10.44
CA ILE L 181 14.49 23.52 11.59
C ILE L 181 15.58 22.88 12.43
N LEU L 182 15.73 23.35 13.67
CA LEU L 182 16.76 22.84 14.57
C LEU L 182 16.12 21.79 15.47
N SER L 183 16.34 20.52 15.16
CA SER L 183 15.83 19.40 15.94
C SER L 183 17.00 18.74 16.63
N TYR L 184 17.32 19.17 17.84
CA TYR L 184 18.46 18.68 18.59
C TYR L 184 18.02 17.81 19.74
N GLU L 185 18.86 16.83 20.09
CA GLU L 185 18.64 16.01 21.27
C GLU L 185 19.90 16.05 22.14
N VAL L 186 19.70 16.09 23.46
CA VAL L 186 20.78 15.99 24.43
C VAL L 186 20.41 14.86 25.38
N GLN L 187 21.07 13.72 25.21
CA GLN L 187 20.87 12.55 26.05
C GLN L 187 22.12 12.41 26.89
N ALA L 188 21.97 12.50 28.19
CA ALA L 188 23.12 12.42 29.09
C ALA L 188 22.84 11.14 29.85
N GLY L 189 23.42 10.04 29.40
CA GLY L 189 23.18 8.75 30.01
C GLY L 189 24.41 8.17 30.68
N VAL L 190 24.26 7.74 31.93
CA VAL L 190 25.36 7.17 32.70
C VAL L 190 25.10 5.68 32.90
N PHE L 191 26.18 4.91 32.99
CA PHE L 191 26.08 3.48 33.28
C PHE L 191 27.38 3.11 34.00
N ARG L 192 27.35 3.14 35.32
CA ARG L 192 28.58 3.07 36.10
C ARG L 192 28.40 2.20 37.32
N PHE L 193 29.30 1.23 37.48
CA PHE L 193 29.34 0.47 38.73
C PHE L 193 29.85 1.36 39.86
N ILE L 194 29.27 1.18 41.04
CA ILE L 194 29.57 2.01 42.20
C ILE L 194 30.30 1.21 43.28
N ASP L 195 29.74 0.07 43.67
CA ASP L 195 30.39 -0.85 44.58
C ASP L 195 30.55 -2.20 43.89
N TYR L 196 31.07 -3.18 44.63
CA TYR L 196 31.12 -4.54 44.12
C TYR L 196 29.71 -5.11 44.08
N GLN L 197 29.30 -5.52 42.88
CA GLN L 197 27.94 -5.98 42.57
C GLN L 197 26.89 -4.92 42.95
N ARG L 198 27.18 -3.68 42.57
CA ARG L 198 26.23 -2.57 42.64
C ARG L 198 26.40 -1.73 41.39
N LEU L 199 25.30 -1.20 40.87
CA LEU L 199 25.34 -0.47 39.61
C LEU L 199 24.34 0.68 39.64
N LEU L 200 24.85 1.89 39.46
CA LEU L 200 24.00 3.06 39.23
C LEU L 200 23.94 3.35 37.74
N GLU L 201 22.77 3.73 37.27
CA GLU L 201 22.59 4.17 35.90
C GLU L 201 21.44 5.16 35.85
N GLY L 202 21.43 5.96 34.79
CA GLY L 202 20.45 7.00 34.63
C GLY L 202 20.67 7.70 33.32
N GLU L 203 19.59 8.15 32.69
CA GLU L 203 19.69 8.75 31.36
C GLU L 203 18.69 9.90 31.29
N VAL L 204 19.17 11.11 31.46
CA VAL L 204 18.37 12.30 31.24
C VAL L 204 18.47 12.69 29.76
N GLY L 205 17.32 12.84 29.12
CA GLY L 205 17.29 13.15 27.71
C GLY L 205 16.25 14.20 27.33
N TYR L 206 16.64 15.07 26.40
CA TYR L 206 15.77 16.16 25.97
C TYR L 206 15.94 16.40 24.48
N THR L 207 14.93 16.07 23.69
CA THR L 207 14.94 16.33 22.25
C THR L 207 13.95 17.46 21.94
N SER L 208 14.48 18.66 21.74
CA SER L 208 13.66 19.81 21.39
C SER L 208 13.64 19.92 19.88
N ASN L 209 12.73 19.19 19.25
CA ASN L 209 12.45 19.39 17.83
C ASN L 209 11.82 20.75 17.64
N GLU L 210 12.39 21.56 16.76
CA GLU L 210 11.68 22.74 16.32
C GLU L 210 10.48 22.26 15.51
N PRO L 211 9.26 22.66 15.86
CA PRO L 211 8.10 22.18 15.12
C PRO L 211 8.06 22.77 13.73
N VAL L 212 7.82 21.90 12.74
CA VAL L 212 7.84 22.31 11.35
C VAL L 212 6.68 23.26 11.04
N MET L 213 5.59 23.19 11.82
CA MET L 213 4.50 24.13 11.65
C MET L 213 4.89 25.53 12.10
N LEU L 214 5.79 25.66 13.07
CA LEU L 214 6.19 26.97 13.54
C LEU L 214 7.25 27.56 12.62
N CYS L 215 8.09 26.71 12.02
CA CYS L 215 9.05 27.17 11.04
C CYS L 215 8.42 27.38 9.67
N LEU L 216 7.34 26.68 9.36
CA LEU L 216 6.51 27.07 8.21
C LEU L 216 5.85 28.41 8.48
N MET L 217 5.45 28.66 9.72
CA MET L 217 4.83 29.92 10.08
C MET L 217 5.84 31.06 10.09
N SER L 218 7.06 30.80 10.55
CA SER L 218 8.04 31.87 10.68
C SER L 218 8.74 32.19 9.37
N ALA L 219 8.88 31.21 8.47
CA ALA L 219 9.42 31.50 7.15
C ALA L 219 8.41 32.19 6.25
N ILE L 220 7.11 31.96 6.49
CA ILE L 220 6.08 32.67 5.75
C ILE L 220 5.99 34.12 6.23
N GLU L 221 6.07 34.31 7.56
CA GLU L 221 6.09 35.67 8.11
C GLU L 221 7.35 36.42 7.71
N THR L 222 8.44 35.70 7.48
CA THR L 222 9.61 36.31 6.85
C THR L 222 9.29 36.69 5.41
N GLY L 223 8.53 35.86 4.71
CA GLY L 223 8.21 36.13 3.32
C GLY L 223 7.25 37.30 3.14
N VAL L 224 6.37 37.51 4.12
CA VAL L 224 5.42 38.62 4.05
C VAL L 224 6.16 39.95 4.17
N ILE L 225 7.16 40.01 5.05
CA ILE L 225 8.03 41.18 5.09
C ILE L 225 8.85 41.29 3.81
N PHE L 226 9.23 40.14 3.23
CA PHE L 226 9.92 40.17 1.95
C PHE L 226 8.98 40.45 0.79
N LEU L 227 7.67 40.20 0.97
CA LEU L 227 6.71 40.65 -0.02
C LEU L 227 6.52 42.16 0.05
N ILE L 228 6.53 42.70 1.28
CA ILE L 228 6.24 44.12 1.46
C ILE L 228 7.47 44.96 1.10
N ASN L 229 8.66 44.54 1.53
CA ASN L 229 9.88 45.30 1.28
C ASN L 229 10.24 45.29 -0.20
N ASP L 230 10.05 44.14 -0.87
CA ASP L 230 10.26 44.08 -2.31
C ASP L 230 9.06 44.58 -3.09
N GLY L 231 7.94 44.84 -2.41
CA GLY L 231 6.78 45.47 -3.01
C GLY L 231 6.76 46.98 -2.90
N ILE L 232 7.74 47.57 -2.22
CA ILE L 232 7.83 49.02 -2.06
C ILE L 232 8.77 49.63 -3.09
N ASP L 233 9.95 49.04 -3.28
CA ASP L 233 10.93 49.58 -4.23
C ASP L 233 10.48 49.41 -5.68
N ARG L 234 9.64 48.43 -5.97
CA ARG L 234 9.09 48.26 -7.31
C ARG L 234 7.96 49.22 -7.61
N GLY L 235 7.45 49.94 -6.62
CA GLY L 235 6.32 50.82 -6.84
C GLY L 235 5.00 50.12 -6.97
N LEU L 236 4.89 48.89 -6.45
CA LEU L 236 3.63 48.15 -6.55
C LEU L 236 2.58 48.70 -5.62
N TRP L 237 2.97 49.08 -4.40
CA TRP L 237 2.06 49.72 -3.46
C TRP L 237 2.87 50.62 -2.53
N ASP L 238 2.24 51.70 -2.10
CA ASP L 238 2.89 52.69 -1.25
C ASP L 238 2.34 52.62 0.16
N LEU L 239 3.24 52.83 1.12
CA LEU L 239 2.89 52.89 2.53
C LEU L 239 2.55 54.32 2.94
N GLN L 240 1.95 54.46 4.11
CA GLN L 240 1.68 55.77 4.68
C GLN L 240 3.00 56.43 5.09
N ASN L 241 3.15 57.70 4.69
CA ASN L 241 4.36 58.51 4.88
C ASN L 241 5.57 57.83 4.24
N LYS L 242 5.54 57.76 2.91
CA LYS L 242 6.59 57.12 2.12
C LYS L 242 7.80 58.04 1.96
N ALA L 243 8.38 58.41 3.09
CA ALA L 243 9.62 59.17 3.11
C ALA L 243 10.59 58.71 4.19
N GLU L 244 10.18 57.82 5.10
CA GLU L 244 10.98 57.53 6.29
C GLU L 244 12.15 56.62 5.97
N ARG L 245 11.87 55.35 5.60
CA ARG L 245 12.84 54.27 5.42
C ARG L 245 13.79 54.13 6.62
N GLN L 246 13.28 54.27 7.84
CA GLN L 246 14.11 54.31 9.03
C GLN L 246 13.88 53.14 9.99
N ASN L 247 12.75 52.45 9.90
CA ASN L 247 12.42 51.42 10.88
C ASN L 247 13.30 50.20 10.68
N ASP L 248 13.68 49.56 11.78
CA ASP L 248 14.62 48.43 11.76
C ASP L 248 13.96 47.12 11.36
N ILE L 249 12.78 47.15 10.74
CA ILE L 249 12.24 45.96 10.11
C ILE L 249 12.54 45.97 8.62
N LEU L 250 12.30 47.10 7.96
CA LEU L 250 12.50 47.18 6.52
C LEU L 250 13.98 47.20 6.15
N VAL L 251 14.80 47.92 6.92
CA VAL L 251 16.22 47.95 6.59
C VAL L 251 16.92 46.67 7.01
N LYS L 252 16.36 45.94 7.98
CA LYS L 252 16.91 44.63 8.33
C LYS L 252 16.58 43.61 7.25
N TYR L 253 15.36 43.65 6.72
CA TYR L 253 14.96 42.79 5.63
C TYR L 253 15.34 43.35 4.27
N ARG L 254 16.10 44.43 4.22
CA ARG L 254 16.80 44.85 3.02
C ARG L 254 18.27 44.43 3.03
N HIS L 255 18.87 44.36 4.22
CA HIS L 255 20.19 43.76 4.37
C HIS L 255 20.12 42.23 4.34
N MET L 256 18.95 41.66 4.59
CA MET L 256 18.71 40.23 4.42
C MET L 256 18.24 39.90 3.01
N SER L 257 18.15 40.90 2.13
CA SER L 257 17.71 40.67 0.76
C SER L 257 18.81 40.13 -0.14
N VAL L 258 20.05 40.03 0.34
CA VAL L 258 21.09 39.33 -0.40
C VAL L 258 21.15 37.89 0.11
N PRO L 259 20.82 36.92 -0.74
CA PRO L 259 20.72 35.53 -0.28
C PRO L 259 22.09 34.90 -0.12
N PRO L 260 22.33 34.18 0.98
CA PRO L 260 23.61 33.50 1.20
C PRO L 260 23.77 32.27 0.31
N GLY M 1 3.36 -23.77 -6.95
CA GLY M 1 4.62 -23.88 -6.22
C GLY M 1 5.45 -22.62 -6.33
N THR M 2 5.54 -22.04 -7.53
CA THR M 2 6.17 -20.73 -7.65
C THR M 2 7.34 -20.74 -6.71
N MET M 3 8.17 -21.77 -6.82
CA MET M 3 9.29 -21.93 -5.90
C MET M 3 10.62 -21.66 -6.61
N THR M 4 11.29 -20.60 -6.18
CA THR M 4 12.59 -20.22 -6.72
C THR M 4 13.66 -21.19 -6.22
N PHE M 5 14.88 -20.99 -6.70
CA PHE M 5 16.00 -21.79 -6.25
C PHE M 5 16.82 -21.00 -5.25
N GLN M 6 16.78 -21.42 -3.99
CA GLN M 6 17.73 -20.94 -3.00
C GLN M 6 18.54 -22.15 -2.53
N PHE M 7 19.81 -21.91 -2.27
CA PHE M 7 20.64 -22.97 -1.71
C PHE M 7 20.27 -23.22 -0.26
N ARG M 8 20.70 -24.36 0.25
CA ARG M 8 20.61 -24.63 1.68
C ARG M 8 21.94 -24.40 2.38
N ASN M 9 22.92 -23.81 1.68
CA ASN M 9 24.26 -23.63 2.20
C ASN M 9 24.70 -22.20 1.93
N PRO M 10 25.24 -21.49 2.92
CA PRO M 10 25.52 -20.05 2.75
C PRO M 10 26.74 -19.73 1.90
N ASN M 11 27.57 -20.72 1.54
CA ASN M 11 28.69 -20.43 0.65
C ASN M 11 28.25 -20.18 -0.78
N PHE M 12 27.07 -20.66 -1.16
CA PHE M 12 26.59 -20.54 -2.52
C PHE M 12 25.44 -19.55 -2.66
N GLY M 13 24.99 -18.97 -1.56
CA GLY M 13 23.98 -17.93 -1.60
C GLY M 13 22.62 -18.29 -1.04
N GLY M 14 22.55 -19.26 -0.15
CA GLY M 14 21.30 -19.63 0.47
C GLY M 14 20.99 -18.78 1.67
N ASN M 15 20.17 -19.32 2.56
CA ASN M 15 19.88 -18.65 3.82
C ASN M 15 21.11 -18.73 4.70
N PRO M 16 21.67 -17.59 5.15
CA PRO M 16 22.90 -17.64 5.95
C PRO M 16 22.71 -18.12 7.37
N ASN M 17 21.47 -18.27 7.84
CA ASN M 17 21.24 -18.66 9.22
C ASN M 17 21.45 -20.15 9.47
N ASN M 18 21.39 -20.98 8.43
CA ASN M 18 21.63 -22.41 8.62
C ASN M 18 23.10 -22.76 8.68
N GLY M 19 24.00 -21.80 8.44
CA GLY M 19 25.42 -22.08 8.54
C GLY M 19 25.89 -22.32 9.96
N ALA M 20 25.23 -21.67 10.93
CA ALA M 20 25.47 -21.98 12.33
C ALA M 20 25.00 -23.37 12.73
N PHE M 21 24.17 -24.00 11.89
CA PHE M 21 23.76 -25.39 12.04
C PHE M 21 24.54 -26.32 11.13
N LEU M 22 24.89 -25.86 9.92
CA LEU M 22 25.55 -26.72 8.94
C LEU M 22 26.96 -27.09 9.37
N LEU M 23 27.77 -26.10 9.75
CA LEU M 23 29.17 -26.36 10.07
C LEU M 23 29.30 -27.18 11.35
N ASN M 24 28.49 -26.85 12.35
CA ASN M 24 28.54 -27.58 13.61
C ASN M 24 27.97 -28.98 13.46
N SER M 25 27.19 -29.22 12.41
CA SER M 25 26.74 -30.58 12.11
C SER M 25 27.93 -31.47 11.75
N ALA M 26 28.72 -31.06 10.76
CA ALA M 26 29.92 -31.82 10.43
C ALA M 26 31.00 -31.70 11.50
N GLN M 27 30.93 -30.70 12.38
CA GLN M 27 31.77 -30.74 13.57
C GLN M 27 31.30 -31.80 14.54
N ALA M 28 30.01 -32.15 14.49
CA ALA M 28 29.47 -33.26 15.25
C ALA M 28 29.47 -34.58 14.47
N GLN M 29 29.70 -34.55 13.16
CA GLN M 29 29.97 -35.77 12.39
C GLN M 29 31.17 -35.52 11.47
N ASN M 30 32.37 -35.74 12.01
CA ASN M 30 33.57 -35.78 11.19
C ASN M 30 34.30 -37.11 11.31
N SER M 31 34.52 -37.58 12.55
CA SER M 31 35.31 -38.78 12.87
C SER M 31 36.68 -38.76 12.20
N TYR M 32 37.34 -37.62 12.30
CA TYR M 32 38.68 -37.44 11.71
C TYR M 32 39.57 -36.73 12.72
N LYS M 33 40.74 -37.31 12.96
CA LYS M 33 41.72 -36.76 13.90
C LYS M 33 43.03 -36.48 13.15
N ASP M 34 43.98 -35.91 13.88
CA ASP M 34 45.26 -35.55 13.29
C ASP M 34 46.10 -36.80 13.03
N PRO M 35 46.87 -36.83 11.93
CA PRO M 35 47.74 -37.98 11.64
C PRO M 35 49.01 -37.96 12.47
N ALA N 10 17.42 29.78 15.59
CA ALA N 10 17.33 29.73 14.14
C ALA N 10 16.97 31.09 13.56
N ARG N 11 17.72 31.53 12.56
CA ARG N 11 17.49 32.83 11.94
C ARG N 11 16.82 32.63 10.59
N PRO N 12 15.59 33.09 10.39
CA PRO N 12 14.90 32.88 9.12
C PRO N 12 15.35 33.86 8.04
N THR N 13 16.45 33.55 7.38
CA THR N 13 16.96 34.37 6.29
C THR N 13 16.27 33.98 4.98
N LEU N 14 16.80 34.47 3.86
CA LEU N 14 16.29 34.09 2.54
C LEU N 14 16.73 32.66 2.21
N MET N 15 16.39 32.20 1.01
CA MET N 15 16.90 30.93 0.55
C MET N 15 18.39 31.04 0.25
N PRO N 16 19.22 30.13 0.78
CA PRO N 16 20.67 30.26 0.59
C PRO N 16 21.09 29.96 -0.83
N ARG N 17 20.93 30.95 -1.70
CA ARG N 17 21.15 30.80 -3.13
C ARG N 17 22.62 30.57 -3.43
N ALA N 18 22.90 29.77 -4.45
CA ALA N 18 24.26 29.35 -4.75
C ALA N 18 24.99 30.43 -5.55
N GLN N 19 26.13 30.06 -6.13
CA GLN N 19 26.92 30.99 -6.93
C GLN N 19 26.19 31.37 -8.21
N SER N 20 25.37 30.47 -8.76
CA SER N 20 24.70 30.72 -10.03
C SER N 20 23.64 31.82 -9.94
N TYR N 21 23.11 32.08 -8.75
CA TYR N 21 22.18 33.19 -8.60
C TYR N 21 22.92 34.52 -8.57
N LYS N 22 24.18 34.53 -8.14
CA LYS N 22 24.98 35.75 -8.18
C LYS N 22 25.31 36.14 -9.61
N ASP N 23 25.41 35.17 -10.52
CA ASP N 23 25.47 35.46 -11.94
C ASP N 23 24.11 35.80 -12.52
N LEU N 24 23.03 35.45 -11.84
CA LEU N 24 21.70 35.66 -12.38
C LEU N 24 21.25 37.11 -12.24
N THR N 25 21.46 37.72 -11.06
CA THR N 25 21.06 39.10 -10.86
C THR N 25 21.98 40.07 -11.60
N HIS N 26 23.22 39.66 -11.88
CA HIS N 26 24.15 40.50 -12.60
C HIS N 26 24.06 40.33 -14.12
N LEU N 27 23.01 39.70 -14.60
CA LEU N 27 22.77 39.62 -16.04
C LEU N 27 22.43 41.00 -16.59
N PRO N 28 22.84 41.31 -17.82
CA PRO N 28 22.50 42.60 -18.40
C PRO N 28 21.01 42.70 -18.72
N ALA N 29 20.52 43.94 -18.74
CA ALA N 29 19.09 44.15 -18.91
C ALA N 29 18.69 43.98 -20.37
N PRO N 30 17.52 43.41 -20.65
CA PRO N 30 17.02 43.34 -22.01
C PRO N 30 16.20 44.57 -22.37
N THR N 31 15.84 44.65 -23.66
CA THR N 31 14.98 45.73 -24.16
C THR N 31 13.55 45.41 -23.76
N GLY N 32 13.24 45.70 -22.49
CA GLY N 32 11.97 45.32 -21.93
C GLY N 32 11.99 43.87 -21.45
N LYS N 33 11.53 43.65 -20.22
CA LYS N 33 11.51 42.28 -19.69
C LYS N 33 10.41 41.49 -20.37
N ILE N 34 10.76 40.29 -20.83
CA ILE N 34 9.86 39.51 -21.68
C ILE N 34 8.76 38.88 -20.83
N PHE N 35 7.51 39.03 -21.26
CA PHE N 35 6.41 38.33 -20.61
C PHE N 35 6.52 36.84 -20.88
N VAL N 36 6.57 36.06 -19.81
CA VAL N 36 6.78 34.62 -19.90
C VAL N 36 5.83 33.94 -18.91
N SER N 37 5.55 32.67 -19.16
CA SER N 37 4.57 31.96 -18.35
C SER N 37 5.09 30.56 -18.04
N VAL N 38 5.01 30.18 -16.76
CA VAL N 38 5.48 28.90 -16.28
C VAL N 38 4.26 28.12 -15.81
N TYR N 39 3.85 27.12 -16.59
CA TYR N 39 2.65 26.38 -16.23
C TYR N 39 2.94 25.31 -15.18
N ASN N 40 3.76 24.32 -15.53
CA ASN N 40 4.05 23.23 -14.61
C ASN N 40 5.37 22.60 -15.06
N ILE N 41 6.45 22.95 -14.37
CA ILE N 41 7.71 22.26 -14.59
C ILE N 41 7.58 20.95 -13.85
N GLN N 42 7.09 19.92 -14.56
CA GLN N 42 6.58 18.72 -13.93
C GLN N 42 7.72 17.88 -13.37
N ASP N 43 7.59 17.50 -12.11
CA ASP N 43 8.51 16.53 -11.53
C ASP N 43 8.18 15.17 -12.13
N GLU N 44 8.78 14.88 -13.29
CA GLU N 44 8.71 13.57 -13.90
C GLU N 44 10.08 12.90 -13.86
N THR N 45 10.80 13.11 -12.75
CA THR N 45 11.88 12.20 -12.40
C THR N 45 11.36 10.80 -12.16
N GLY N 46 10.14 10.70 -11.59
CA GLY N 46 9.62 9.42 -11.15
C GLY N 46 10.44 8.80 -10.06
N GLN N 47 11.12 9.62 -9.25
CA GLN N 47 12.11 9.14 -8.30
C GLN N 47 11.69 9.61 -6.91
N PHE N 48 11.48 8.66 -6.02
CA PHE N 48 11.09 8.92 -4.64
C PHE N 48 12.29 8.65 -3.74
N LYS N 49 12.19 9.11 -2.51
CA LYS N 49 13.35 9.00 -1.63
C LYS N 49 13.46 7.58 -1.08
N PRO N 50 14.68 7.05 -0.97
CA PRO N 50 14.86 5.69 -0.44
C PRO N 50 14.68 5.62 1.07
N TYR N 51 14.88 4.43 1.62
CA TYR N 51 14.91 4.27 3.06
C TYR N 51 16.16 4.96 3.61
N PRO N 52 16.09 5.58 4.80
CA PRO N 52 15.03 5.63 5.82
C PRO N 52 13.90 6.61 5.54
N ALA N 53 13.98 7.39 4.46
CA ALA N 53 12.92 8.32 4.16
C ALA N 53 11.69 7.59 3.61
N SER N 54 10.60 8.33 3.51
CA SER N 54 9.32 7.74 3.15
C SER N 54 9.29 7.29 1.69
N ASN N 55 8.45 6.28 1.42
CA ASN N 55 8.32 5.78 0.06
C ASN N 55 7.50 6.72 -0.81
N PHE N 56 6.53 7.41 -0.23
CA PHE N 56 5.74 8.39 -0.96
C PHE N 56 6.43 9.74 -1.09
N SER N 57 7.55 9.94 -0.40
CA SER N 57 8.26 11.20 -0.44
C SER N 57 9.08 11.28 -1.72
N THR N 58 8.77 12.26 -2.56
CA THR N 58 9.51 12.44 -3.81
C THR N 58 10.92 12.91 -3.51
N ALA N 59 11.87 12.42 -4.30
CA ALA N 59 13.27 12.68 -4.01
C ALA N 59 13.66 14.13 -4.32
N VAL N 60 13.03 14.73 -5.31
CA VAL N 60 13.18 16.17 -5.57
C VAL N 60 11.83 16.80 -5.25
N PRO N 61 11.74 18.10 -5.03
CA PRO N 61 10.44 18.73 -4.83
C PRO N 61 9.59 18.72 -6.09
N GLN N 62 8.27 18.71 -5.89
CA GLN N 62 7.32 18.92 -6.98
C GLN N 62 7.01 20.40 -7.15
N SER N 63 8.05 21.23 -7.17
CA SER N 63 7.86 22.68 -7.06
C SER N 63 8.79 23.46 -7.97
N ALA N 64 9.28 22.85 -9.05
CA ALA N 64 10.11 23.59 -9.99
C ALA N 64 9.31 24.60 -10.80
N THR N 65 7.98 24.44 -10.86
CA THR N 65 7.13 25.47 -11.44
C THR N 65 7.05 26.73 -10.58
N ALA N 66 7.35 26.61 -9.28
CA ALA N 66 7.41 27.76 -8.39
C ALA N 66 8.83 28.24 -8.15
N MET N 67 9.84 27.41 -8.43
CA MET N 67 11.21 27.83 -8.29
C MET N 67 11.68 28.61 -9.51
N LEU N 68 11.29 28.15 -10.71
CA LEU N 68 11.70 28.82 -11.94
C LEU N 68 11.09 30.21 -12.06
N VAL N 69 9.90 30.41 -11.48
CA VAL N 69 9.29 31.73 -11.37
C VAL N 69 10.20 32.69 -10.62
N THR N 70 10.81 32.23 -9.53
CA THR N 70 11.78 33.05 -8.81
C THR N 70 13.05 33.24 -9.65
N ALA N 71 13.41 32.22 -10.44
CA ALA N 71 14.61 32.32 -11.25
C ALA N 71 14.42 33.23 -12.45
N LEU N 72 13.18 33.37 -12.94
CA LEU N 72 12.94 34.27 -14.06
C LEU N 72 12.61 35.68 -13.60
N LYS N 73 12.06 35.85 -12.40
CA LYS N 73 11.72 37.17 -11.92
C LYS N 73 12.94 37.92 -11.39
N ASP N 74 13.75 37.25 -10.56
CA ASP N 74 14.94 37.88 -10.02
C ASP N 74 16.11 37.92 -10.99
N SER N 75 15.94 37.40 -12.21
CA SER N 75 16.95 37.54 -13.23
C SER N 75 16.95 38.91 -13.88
N ARG N 76 15.89 39.70 -13.65
CA ARG N 76 15.64 41.01 -14.29
C ARG N 76 15.62 40.89 -15.81
N TRP N 77 15.13 39.76 -16.32
CA TRP N 77 15.01 39.50 -17.74
C TRP N 77 13.61 39.11 -18.16
N PHE N 78 12.81 38.56 -17.25
CA PHE N 78 11.50 38.03 -17.57
C PHE N 78 10.47 38.57 -16.59
N ILE N 79 9.26 38.79 -17.10
CA ILE N 79 8.10 39.00 -16.24
C ILE N 79 7.32 37.70 -16.22
N PRO N 80 7.46 36.87 -15.18
CA PRO N 80 6.73 35.60 -15.16
C PRO N 80 5.26 35.82 -14.88
N LEU N 81 4.45 34.93 -15.43
CA LEU N 81 3.01 34.96 -15.23
C LEU N 81 2.57 33.75 -14.42
N GLU N 82 1.59 33.95 -13.56
CA GLU N 82 1.09 32.88 -12.71
C GLU N 82 0.24 31.94 -13.54
N ARG N 83 0.80 30.77 -13.86
CA ARG N 83 0.07 29.73 -14.56
C ARG N 83 0.09 28.40 -13.83
N GLN N 84 0.71 28.32 -12.66
CA GLN N 84 0.63 27.11 -11.85
C GLN N 84 -0.78 26.94 -11.30
N GLY N 85 -1.22 27.89 -10.48
CA GLY N 85 -2.60 27.94 -10.07
C GLY N 85 -3.41 28.86 -10.97
N LEU N 86 -3.42 28.57 -12.27
CA LEU N 86 -4.18 29.41 -13.21
C LEU N 86 -5.67 29.25 -12.99
N GLN N 87 -6.13 28.03 -12.69
CA GLN N 87 -7.52 27.83 -12.33
C GLN N 87 -7.85 28.43 -10.97
N ASN N 88 -6.85 28.70 -10.13
CA ASN N 88 -7.04 29.46 -8.92
C ASN N 88 -7.04 30.96 -9.17
N LEU N 89 -6.43 31.40 -10.28
CA LEU N 89 -6.45 32.82 -10.62
C LEU N 89 -7.69 33.18 -11.43
N LEU N 90 -8.17 32.25 -12.26
CA LEU N 90 -9.38 32.51 -13.04
C LEU N 90 -10.62 32.49 -12.16
N ASN N 91 -10.58 31.78 -11.04
CA ASN N 91 -11.66 31.87 -10.06
C ASN N 91 -11.68 33.21 -9.36
N GLU N 92 -10.54 33.90 -9.29
CA GLU N 92 -10.49 35.25 -8.75
C GLU N 92 -10.93 36.29 -9.76
N ARG N 93 -10.63 36.08 -11.05
CA ARG N 93 -11.05 37.02 -12.08
C ARG N 93 -12.56 36.97 -12.29
N LYS N 94 -13.16 35.78 -12.12
CA LYS N 94 -14.61 35.66 -12.22
C LYS N 94 -15.33 36.32 -11.06
N ILE N 95 -14.64 36.54 -9.94
CA ILE N 95 -15.23 37.25 -8.82
C ILE N 95 -15.29 38.75 -9.09
N ILE N 96 -14.25 39.30 -9.72
CA ILE N 96 -14.24 40.73 -10.06
C ILE N 96 -15.24 41.04 -11.16
N ARG N 97 -15.54 40.06 -12.02
CA ARG N 97 -16.62 40.23 -12.98
C ARG N 97 -17.98 40.34 -12.30
N ALA N 98 -18.14 39.72 -11.13
CA ALA N 98 -19.34 39.86 -10.33
C ALA N 98 -19.22 40.92 -9.25
N ALA N 99 -18.06 41.57 -9.12
CA ALA N 99 -17.85 42.60 -8.13
C ALA N 99 -18.03 44.01 -8.69
N GLN N 100 -17.44 44.28 -9.86
CA GLN N 100 -17.59 45.60 -10.47
C GLN N 100 -18.97 45.81 -11.10
N GLU N 101 -19.73 44.73 -11.33
CA GLU N 101 -21.07 44.82 -11.90
C GLU N 101 -22.08 44.74 -10.76
N ASN N 102 -22.22 45.85 -10.05
CA ASN N 102 -23.15 45.94 -8.93
C ASN N 102 -24.09 47.13 -9.09
N ILE N 111 -12.04 50.37 -10.48
CA ILE N 111 -11.25 50.23 -11.69
C ILE N 111 -11.82 49.07 -12.53
N PRO N 112 -11.93 49.27 -13.83
CA PRO N 112 -12.32 48.17 -14.72
C PRO N 112 -11.20 47.14 -14.82
N LEU N 113 -11.59 45.88 -15.01
CA LEU N 113 -10.63 44.79 -15.03
C LEU N 113 -9.90 44.72 -16.36
N GLN N 114 -8.59 44.58 -16.29
CA GLN N 114 -7.77 44.36 -17.47
C GLN N 114 -7.75 42.87 -17.82
N SER N 115 -7.11 42.54 -18.93
CA SER N 115 -6.95 41.16 -19.35
C SER N 115 -5.55 40.66 -19.00
N LEU N 116 -5.40 39.34 -19.04
CA LEU N 116 -4.09 38.73 -18.82
C LEU N 116 -3.18 39.02 -20.00
N THR N 117 -1.90 39.21 -19.72
CA THR N 117 -0.95 39.55 -20.77
C THR N 117 -0.65 38.33 -21.64
N ALA N 118 -0.04 38.61 -22.79
CA ALA N 118 0.04 37.62 -23.87
C ALA N 118 1.01 36.49 -23.56
N ALA N 119 2.20 36.82 -23.02
CA ALA N 119 3.29 35.89 -22.70
C ALA N 119 3.70 35.09 -23.94
N ASN N 120 4.30 35.83 -24.89
CA ASN N 120 4.61 35.32 -26.23
C ASN N 120 5.55 34.12 -26.19
N ILE N 121 6.40 34.02 -25.17
CA ILE N 121 7.17 32.82 -24.92
C ILE N 121 6.74 32.24 -23.59
N MET N 122 6.95 30.93 -23.44
CA MET N 122 6.68 30.26 -22.18
C MET N 122 7.83 29.30 -21.91
N VAL N 123 8.10 29.06 -20.63
CA VAL N 123 9.09 28.07 -20.25
C VAL N 123 8.33 26.87 -19.70
N GLU N 124 8.00 25.95 -20.59
CA GLU N 124 7.63 24.59 -20.22
C GLU N 124 8.92 23.87 -19.89
N GLY N 125 8.84 22.83 -19.06
CA GLY N 125 10.03 22.09 -18.75
C GLY N 125 9.74 20.95 -17.81
N SER N 126 10.82 20.34 -17.34
CA SER N 126 10.72 19.19 -16.45
C SER N 126 11.96 19.13 -15.57
N ILE N 127 11.82 18.47 -14.44
CA ILE N 127 12.95 17.90 -13.73
C ILE N 127 13.14 16.51 -14.35
N ILE N 128 14.15 16.38 -15.21
CA ILE N 128 14.23 15.19 -16.05
C ILE N 128 14.87 14.00 -15.37
N GLY N 129 15.37 14.15 -14.15
CA GLY N 129 15.97 12.99 -13.52
C GLY N 129 16.66 13.26 -12.21
N TYR N 130 16.83 12.21 -11.43
CA TYR N 130 17.51 12.32 -10.16
C TYR N 130 17.97 10.94 -9.69
N GLU N 131 19.13 10.50 -10.17
CA GLU N 131 19.68 9.21 -9.80
C GLU N 131 20.29 9.31 -8.41
N SER N 132 19.85 8.45 -7.50
CA SER N 132 20.43 8.43 -6.18
C SER N 132 21.80 7.79 -6.22
N ASN N 133 22.76 8.44 -5.54
CA ASN N 133 24.13 7.97 -5.34
C ASN N 133 24.85 7.75 -6.67
N VAL N 134 25.09 8.85 -7.39
CA VAL N 134 25.70 8.76 -8.71
C VAL N 134 27.18 8.43 -8.59
N LYS N 135 27.95 9.33 -7.98
CA LYS N 135 29.39 9.13 -7.79
C LYS N 135 29.70 9.02 -6.32
N SER N 136 28.88 8.24 -5.62
CA SER N 136 28.98 8.12 -4.18
C SER N 136 30.20 7.31 -3.78
N GLY N 137 30.56 7.40 -2.50
CA GLY N 137 31.72 6.71 -1.99
C GLY N 137 32.15 7.21 -0.63
N GLY N 138 33.24 6.69 -0.09
CA GLY N 138 33.70 7.18 1.19
C GLY N 138 34.98 6.51 1.61
N VAL N 139 35.86 7.27 2.23
CA VAL N 139 37.11 6.77 2.79
C VAL N 139 36.92 6.60 4.29
N GLY N 140 37.37 5.47 4.80
CA GLY N 140 37.39 5.23 6.23
C GLY N 140 38.74 4.84 6.79
N ALA N 141 39.06 5.45 7.93
CA ALA N 141 40.31 5.17 8.63
C ALA N 141 40.09 5.12 10.13
N ARG N 142 40.68 4.11 10.78
CA ARG N 142 40.54 4.00 12.23
C ARG N 142 41.73 3.23 12.78
N TYR N 143 42.54 3.91 13.59
CA TYR N 143 43.63 3.29 14.31
C TYR N 143 43.09 2.75 15.64
N PHE N 144 43.98 2.44 16.58
CA PHE N 144 43.61 2.02 17.92
C PHE N 144 42.80 3.10 18.62
N GLY N 145 41.51 2.84 18.80
CA GLY N 145 40.62 3.82 19.40
C GLY N 145 40.12 4.87 18.43
N ILE N 146 41.00 5.80 18.05
CA ILE N 146 40.59 6.95 17.24
C ILE N 146 40.26 6.50 15.83
N GLY N 147 39.33 7.21 15.19
CA GLY N 147 38.92 6.86 13.85
C GLY N 147 37.89 7.81 13.25
N ALA N 148 37.91 7.93 11.92
CA ALA N 148 37.02 8.86 11.25
C ALA N 148 36.78 8.39 9.81
N ASP N 149 35.59 8.67 9.32
CA ASP N 149 35.24 8.37 7.93
C ASP N 149 34.73 9.64 7.26
N THR N 150 34.81 9.64 5.93
CA THR N 150 34.33 10.73 5.09
C THR N 150 33.54 10.01 4.02
N GLN N 151 32.21 9.93 4.20
CA GLN N 151 31.37 9.18 3.29
C GLN N 151 30.56 10.27 2.61
N TYR N 152 30.64 10.34 1.28
CA TYR N 152 29.89 11.31 0.50
C TYR N 152 29.00 10.59 -0.50
N GLN N 153 27.73 10.96 -0.54
CA GLN N 153 26.79 10.31 -1.44
C GLN N 153 26.38 11.36 -2.47
N LEU N 154 27.11 11.39 -3.58
CA LEU N 154 26.92 12.41 -4.60
C LEU N 154 25.70 12.05 -5.44
N ASP N 155 24.60 12.74 -5.20
CA ASP N 155 23.43 12.62 -6.06
C ASP N 155 23.61 13.50 -7.28
N GLN N 156 22.62 13.50 -8.16
CA GLN N 156 22.67 14.39 -9.32
C GLN N 156 21.24 14.63 -9.80
N ILE N 157 20.79 15.87 -9.68
CA ILE N 157 19.54 16.30 -10.26
C ILE N 157 19.83 16.81 -11.67
N ALA N 158 18.82 16.82 -12.52
CA ALA N 158 18.91 17.45 -13.83
C ALA N 158 17.54 17.99 -14.19
N VAL N 159 17.52 19.19 -14.76
CA VAL N 159 16.28 19.84 -15.12
C VAL N 159 16.30 20.18 -16.61
N ASN N 160 15.12 20.20 -17.20
CA ASN N 160 14.93 20.66 -18.56
C ASN N 160 14.17 21.99 -18.51
N LEU N 161 14.69 22.99 -19.23
CA LEU N 161 14.02 24.28 -19.37
C LEU N 161 14.04 24.65 -20.83
N ARG N 162 12.87 24.68 -21.45
CA ARG N 162 12.75 25.01 -22.86
C ARG N 162 11.83 26.20 -23.04
N VAL N 163 12.29 27.20 -23.78
CA VAL N 163 11.49 28.37 -24.09
C VAL N 163 10.68 28.00 -25.33
N VAL N 164 9.35 28.13 -25.23
CA VAL N 164 8.46 27.76 -26.32
C VAL N 164 7.70 28.99 -26.77
N ASN N 165 7.83 29.34 -28.04
CA ASN N 165 7.01 30.39 -28.64
C ASN N 165 5.57 29.90 -28.73
N VAL N 166 4.68 30.46 -27.91
CA VAL N 166 3.30 29.98 -27.87
C VAL N 166 2.51 30.39 -29.11
N SER N 167 3.01 31.35 -29.89
CA SER N 167 2.36 31.73 -31.12
C SER N 167 2.51 30.68 -32.22
N THR N 168 3.56 29.86 -32.16
CA THR N 168 3.78 28.87 -33.21
C THR N 168 4.05 27.48 -32.65
N GLY N 169 4.25 27.35 -31.34
CA GLY N 169 4.48 26.05 -30.73
C GLY N 169 5.92 25.57 -30.83
N GLU N 170 6.78 26.37 -31.46
CA GLU N 170 8.15 25.97 -31.68
C GLU N 170 8.95 26.07 -30.39
N ILE N 171 9.70 25.02 -30.07
CA ILE N 171 10.60 25.04 -28.92
C ILE N 171 11.87 25.74 -29.35
N LEU N 172 12.18 26.87 -28.70
CA LEU N 172 13.21 27.78 -29.18
C LEU N 172 14.60 27.39 -28.71
N SER N 173 14.78 27.26 -27.39
CA SER N 173 16.05 26.89 -26.80
C SER N 173 15.76 25.90 -25.67
N SER N 174 16.13 24.64 -25.87
CA SER N 174 15.84 23.59 -24.91
C SER N 174 17.17 23.10 -24.32
N VAL N 175 17.41 23.45 -23.07
CA VAL N 175 18.68 23.14 -22.40
C VAL N 175 18.45 22.15 -21.28
N ASN N 176 19.52 21.45 -20.91
CA ASN N 176 19.50 20.45 -19.85
C ASN N 176 20.67 20.73 -18.92
N THR N 177 20.38 21.27 -17.73
CA THR N 177 21.41 21.58 -16.75
C THR N 177 21.31 20.62 -15.59
N SER N 178 22.46 20.21 -15.07
CA SER N 178 22.53 19.29 -13.95
C SER N 178 23.27 19.94 -12.79
N LYS N 179 23.13 19.33 -11.62
CA LYS N 179 23.88 19.75 -10.45
C LYS N 179 24.09 18.55 -9.54
N THR N 180 25.34 18.33 -9.13
CA THR N 180 25.67 17.20 -8.28
C THR N 180 25.41 17.58 -6.83
N ILE N 181 24.42 16.93 -6.22
CA ILE N 181 24.10 17.12 -4.81
C ILE N 181 25.18 16.44 -3.98
N LEU N 182 25.93 17.23 -3.20
CA LEU N 182 27.02 16.70 -2.39
C LEU N 182 26.49 16.48 -0.98
N SER N 183 26.18 15.22 -0.66
CA SER N 183 25.70 14.84 0.67
C SER N 183 26.79 14.05 1.36
N TYR N 184 27.66 14.72 2.10
CA TYR N 184 28.79 14.11 2.75
C TYR N 184 28.57 14.03 4.25
N GLU N 185 29.15 13.00 4.88
CA GLU N 185 29.16 12.87 6.32
C GLU N 185 30.60 12.68 6.79
N VAL N 186 30.95 13.30 7.92
CA VAL N 186 32.23 13.12 8.58
C VAL N 186 31.93 12.73 10.02
N GLN N 187 32.10 11.44 10.31
CA GLN N 187 31.89 10.91 11.65
C GLN N 187 33.26 10.55 12.18
N ALA N 188 33.65 11.19 13.28
CA ALA N 188 34.98 10.96 13.84
C ALA N 188 34.63 10.34 15.18
N GLY N 189 34.64 9.01 15.24
CA GLY N 189 34.28 8.30 16.44
C GLY N 189 35.43 7.55 17.07
N VAL N 190 35.65 7.73 18.36
CA VAL N 190 36.73 7.08 19.09
C VAL N 190 36.14 6.06 20.05
N PHE N 191 36.89 4.99 20.30
CA PHE N 191 36.48 3.98 21.28
C PHE N 191 37.78 3.38 21.82
N ARG N 192 38.27 3.93 22.93
CA ARG N 192 39.63 3.63 23.38
C ARG N 192 39.66 3.46 24.89
N PHE N 193 40.22 2.34 25.34
CA PHE N 193 40.50 2.18 26.76
C PHE N 193 41.64 3.10 27.16
N ILE N 194 41.52 3.67 28.37
CA ILE N 194 42.48 4.65 28.87
C ILE N 194 43.28 4.09 30.04
N ASP N 195 42.60 3.55 31.04
CA ASP N 195 43.23 2.87 32.15
C ASP N 195 42.71 1.44 32.21
N TYR N 196 43.15 0.70 33.23
CA TYR N 196 42.61 -0.62 33.47
C TYR N 196 41.19 -0.48 33.99
N GLN N 197 40.24 -1.10 33.26
CA GLN N 197 38.80 -0.98 33.50
C GLN N 197 38.35 0.48 33.49
N ARG N 198 38.82 1.21 32.49
CA ARG N 198 38.35 2.57 32.19
C ARG N 198 38.28 2.71 30.67
N LEU N 199 37.28 3.42 30.18
CA LEU N 199 37.05 3.51 28.75
C LEU N 199 36.53 4.90 28.39
N LEU N 200 37.27 5.60 27.53
CA LEU N 200 36.79 6.82 26.92
C LEU N 200 36.26 6.52 25.53
N GLU N 201 35.17 7.17 25.17
CA GLU N 201 34.62 7.09 23.83
C GLU N 201 33.89 8.38 23.51
N GLY N 202 33.72 8.62 22.22
CA GLY N 202 33.11 9.84 21.75
C GLY N 202 33.01 9.82 20.25
N GLU N 203 31.97 10.42 19.70
CA GLU N 203 31.73 10.35 18.27
C GLU N 203 31.17 11.71 17.83
N VAL N 204 32.03 12.54 17.25
CA VAL N 204 31.59 13.78 16.64
C VAL N 204 31.23 13.49 15.18
N GLY N 205 30.03 13.88 14.78
CA GLY N 205 29.56 13.60 13.45
C GLY N 205 28.81 14.77 12.80
N TYR N 206 29.07 14.95 11.51
CA TYR N 206 28.47 16.05 10.76
C TYR N 206 28.13 15.61 9.35
N THR N 207 26.85 15.48 9.04
CA THR N 207 26.39 15.15 7.70
C THR N 207 25.74 16.37 7.06
N SER N 208 26.49 17.04 6.19
CA SER N 208 25.98 18.21 5.48
C SER N 208 25.43 17.73 4.15
N ASN N 209 24.17 17.30 4.15
CA ASN N 209 23.45 17.05 2.92
C ASN N 209 23.24 18.36 2.20
N GLU N 210 23.63 18.43 0.95
CA GLU N 210 23.21 19.53 0.12
C GLU N 210 21.70 19.37 -0.09
N PRO N 211 20.89 20.36 0.24
CA PRO N 211 19.44 20.20 0.09
C PRO N 211 19.06 20.16 -1.39
N VAL N 212 18.21 19.19 -1.73
CA VAL N 212 17.83 18.98 -3.12
C VAL N 212 16.98 20.15 -3.62
N MET N 213 16.30 20.86 -2.73
CA MET N 213 15.55 22.05 -3.13
C MET N 213 16.50 23.19 -3.53
N LEU N 214 17.68 23.26 -2.94
CA LEU N 214 18.61 24.34 -3.29
C LEU N 214 19.36 24.00 -4.56
N CYS N 215 19.61 22.71 -4.79
CA CYS N 215 20.22 22.28 -6.05
C CYS N 215 19.22 22.20 -7.19
N LEU N 216 17.94 22.00 -6.88
CA LEU N 216 16.91 22.25 -7.89
C LEU N 216 16.83 23.73 -8.21
N MET N 217 17.02 24.58 -7.21
CA MET N 217 16.99 26.02 -7.42
C MET N 217 18.21 26.50 -8.17
N SER N 218 19.38 25.91 -7.90
CA SER N 218 20.60 26.41 -8.50
C SER N 218 20.82 25.87 -9.91
N ALA N 219 20.31 24.66 -10.20
CA ALA N 219 20.37 24.15 -11.56
C ALA N 219 19.35 24.82 -12.47
N ILE N 220 18.24 25.29 -11.91
CA ILE N 220 17.26 26.05 -12.69
C ILE N 220 17.79 27.45 -12.98
N GLU N 221 18.43 28.07 -11.99
CA GLU N 221 19.06 29.38 -12.20
C GLU N 221 20.24 29.28 -13.16
N THR N 222 20.90 28.13 -13.20
CA THR N 222 21.86 27.85 -14.26
C THR N 222 21.15 27.76 -15.61
N GLY N 223 19.96 27.15 -15.63
CA GLY N 223 19.24 26.99 -16.89
C GLY N 223 18.68 28.29 -17.43
N VAL N 224 18.35 29.23 -16.54
CA VAL N 224 17.82 30.53 -16.97
C VAL N 224 18.91 31.33 -17.68
N ILE N 225 20.14 31.27 -17.17
CA ILE N 225 21.27 31.85 -17.89
C ILE N 225 21.53 31.09 -19.17
N PHE N 226 21.30 29.77 -19.16
CA PHE N 226 21.43 28.99 -20.39
C PHE N 226 20.25 29.20 -21.33
N LEU N 227 19.10 29.64 -20.80
CA LEU N 227 18.02 30.06 -21.67
C LEU N 227 18.33 31.39 -22.33
N ILE N 228 18.96 32.29 -21.57
CA ILE N 228 19.21 33.64 -22.07
C ILE N 228 20.39 33.65 -23.02
N ASN N 229 21.47 32.94 -22.68
CA ASN N 229 22.67 32.92 -23.52
C ASN N 229 22.42 32.19 -24.83
N ASP N 230 21.67 31.09 -24.78
CA ASP N 230 21.29 30.40 -26.01
C ASP N 230 20.08 31.05 -26.68
N GLY N 231 19.43 32.00 -26.02
CA GLY N 231 18.39 32.80 -26.63
C GLY N 231 18.87 34.08 -27.28
N ILE N 232 20.16 34.38 -27.20
CA ILE N 232 20.73 35.57 -27.80
C ILE N 232 21.35 35.27 -29.16
N ASP N 233 22.13 34.19 -29.25
CA ASP N 233 22.78 33.84 -30.51
C ASP N 233 21.80 33.36 -31.56
N ARG N 234 20.65 32.81 -31.15
CA ARG N 234 19.62 32.40 -32.10
C ARG N 234 18.80 33.57 -32.61
N GLY N 235 18.95 34.76 -32.04
CA GLY N 235 18.14 35.89 -32.45
C GLY N 235 16.71 35.85 -31.94
N LEU N 236 16.45 35.11 -30.87
CA LEU N 236 15.09 35.02 -30.34
C LEU N 236 14.69 36.29 -29.62
N TRP N 237 15.61 36.89 -28.87
CA TRP N 237 15.35 38.17 -28.22
C TRP N 237 16.67 38.88 -28.04
N ASP N 238 16.61 40.21 -28.09
CA ASP N 238 17.80 41.05 -28.01
C ASP N 238 17.83 41.78 -26.67
N LEU N 239 19.06 41.92 -26.14
CA LEU N 239 19.28 42.66 -24.90
C LEU N 239 19.58 44.12 -25.22
N GLN N 240 19.53 44.94 -24.17
CA GLN N 240 19.91 46.35 -24.30
C GLN N 240 21.41 46.45 -24.55
N ASN N 241 21.77 47.27 -25.55
CA ASN N 241 23.14 47.47 -26.03
C ASN N 241 23.76 46.13 -26.46
N LYS N 242 23.21 45.59 -27.54
CA LYS N 242 23.64 44.30 -28.09
C LYS N 242 24.92 44.44 -28.93
N ALA N 243 25.96 44.93 -28.27
CA ALA N 243 27.29 45.01 -28.87
C ALA N 243 28.41 44.62 -27.92
N GLU N 244 28.12 44.41 -26.62
CA GLU N 244 29.19 44.28 -25.64
C GLU N 244 29.82 42.89 -25.67
N ARG N 245 29.05 41.86 -25.29
CA ARG N 245 29.52 40.48 -25.09
C ARG N 245 30.76 40.41 -24.20
N GLN N 246 30.81 41.21 -23.13
CA GLN N 246 32.00 41.33 -22.30
C GLN N 246 31.82 40.85 -20.88
N ASN N 247 30.59 40.76 -20.38
CA ASN N 247 30.37 40.43 -18.98
C ASN N 247 30.69 38.97 -18.71
N ASP N 248 31.25 38.70 -17.53
CA ASP N 248 31.73 37.37 -17.16
C ASP N 248 30.61 36.43 -16.72
N ILE N 249 29.35 36.75 -17.02
CA ILE N 249 28.27 35.78 -16.85
C ILE N 249 27.98 35.09 -18.17
N LEU N 250 27.86 35.86 -19.25
CA LEU N 250 27.51 35.29 -20.54
C LEU N 250 28.68 34.52 -21.16
N VAL N 251 29.90 35.03 -21.02
CA VAL N 251 31.04 34.31 -21.60
C VAL N 251 31.42 33.11 -20.74
N LYS N 252 31.08 33.14 -19.44
CA LYS N 252 31.30 31.97 -18.60
C LYS N 252 30.30 30.87 -18.93
N TYR N 253 29.05 31.24 -19.17
CA TYR N 253 28.02 30.30 -19.57
C TYR N 253 28.00 30.07 -21.08
N ARG N 254 28.98 30.59 -21.81
CA ARG N 254 29.27 30.16 -23.17
C ARG N 254 30.43 29.19 -23.23
N HIS N 255 31.39 29.31 -22.31
CA HIS N 255 32.42 28.29 -22.14
C HIS N 255 31.89 27.07 -21.39
N MET N 256 30.78 27.22 -20.65
CA MET N 256 30.09 26.10 -20.05
C MET N 256 29.05 25.50 -20.97
N SER N 257 28.92 26.02 -22.20
CA SER N 257 27.95 25.51 -23.16
C SER N 257 28.42 24.24 -23.86
N VAL N 258 29.65 23.79 -23.64
CA VAL N 258 30.08 22.48 -24.12
C VAL N 258 29.89 21.48 -22.98
N PRO N 259 28.99 20.51 -23.14
CA PRO N 259 28.66 19.61 -22.05
C PRO N 259 29.74 18.55 -21.85
N PRO N 260 30.15 18.28 -20.61
CA PRO N 260 31.14 17.25 -20.34
C PRO N 260 30.58 15.84 -20.50
N GLY O 1 -6.79 -23.44 5.39
CA GLY O 1 -5.44 -23.81 5.82
C GLY O 1 -4.38 -23.20 4.93
N THR O 2 -4.58 -23.22 3.61
CA THR O 2 -3.68 -22.47 2.74
C THR O 2 -2.30 -22.65 3.30
N MET O 3 -1.92 -23.89 3.56
CA MET O 3 -0.65 -24.17 4.21
C MET O 3 0.33 -24.80 3.21
N THR O 4 1.40 -24.07 2.92
CA THR O 4 2.44 -24.55 2.02
C THR O 4 3.28 -25.61 2.72
N PHE O 5 4.23 -26.17 1.97
CA PHE O 5 5.14 -27.15 2.55
C PHE O 5 6.48 -26.49 2.83
N GLN O 6 6.79 -26.33 4.11
CA GLN O 6 8.14 -25.99 4.52
C GLN O 6 8.67 -27.14 5.36
N PHE O 7 9.95 -27.42 5.22
CA PHE O 7 10.57 -28.43 6.06
C PHE O 7 10.72 -27.91 7.48
N ARG O 8 10.95 -28.84 8.40
CA ARG O 8 11.33 -28.47 9.76
C ARG O 8 12.82 -28.61 9.98
N ASN O 9 13.59 -28.83 8.91
CA ASN O 9 15.02 -29.07 9.00
C ASN O 9 15.74 -28.22 7.96
N PRO O 10 16.80 -27.49 8.34
CA PRO O 10 17.41 -26.51 7.42
C PRO O 10 18.25 -27.11 6.31
N ASN O 11 18.54 -28.42 6.33
CA ASN O 11 19.28 -29.02 5.22
C ASN O 11 18.42 -29.17 3.97
N PHE O 12 17.10 -29.18 4.13
CA PHE O 12 16.20 -29.39 3.01
C PHE O 12 15.43 -28.12 2.63
N GLY O 13 15.63 -27.04 3.35
CA GLY O 13 15.05 -25.77 2.98
C GLY O 13 13.96 -25.25 3.90
N GLY O 14 13.94 -25.67 5.15
CA GLY O 14 12.97 -25.17 6.11
C GLY O 14 13.41 -23.89 6.75
N ASN O 15 12.87 -23.63 7.92
CA ASN O 15 13.29 -22.48 8.71
C ASN O 15 14.69 -22.74 9.26
N PRO O 16 15.67 -21.90 8.96
CA PRO O 16 17.05 -22.18 9.41
C PRO O 16 17.27 -21.93 10.90
N ASN O 17 16.32 -21.34 11.61
CA ASN O 17 16.53 -21.02 13.01
C ASN O 17 16.36 -22.23 13.93
N ASN O 18 15.66 -23.28 13.47
CA ASN O 18 15.52 -24.47 14.31
C ASN O 18 16.73 -25.39 14.24
N GLY O 19 17.70 -25.10 13.39
CA GLY O 19 18.90 -25.91 13.33
C GLY O 19 19.78 -25.77 14.56
N ALA O 20 19.77 -24.59 15.19
CA ALA O 20 20.42 -24.40 16.48
C ALA O 20 19.73 -25.18 17.60
N PHE O 21 18.51 -25.64 17.37
CA PHE O 21 17.79 -26.53 18.27
C PHE O 21 17.85 -27.98 17.81
N LEU O 22 17.84 -28.22 16.50
CA LEU O 22 17.79 -29.58 15.97
C LEU O 22 19.07 -30.35 16.25
N LEU O 23 20.22 -29.75 15.91
CA LEU O 23 21.48 -30.46 16.05
C LEU O 23 21.84 -30.70 17.51
N ASN O 24 21.62 -29.69 18.35
CA ASN O 24 21.91 -29.82 19.77
C ASN O 24 20.94 -30.77 20.46
N SER O 25 19.78 -31.02 19.83
CA SER O 25 18.88 -32.03 20.35
C SER O 25 19.51 -33.42 20.27
N ALA O 26 19.96 -33.81 19.07
CA ALA O 26 20.66 -35.08 18.93
C ALA O 26 22.05 -35.06 19.57
N GLN O 27 22.61 -33.89 19.83
CA GLN O 27 23.79 -33.83 20.68
C GLN O 27 23.42 -34.12 22.13
N ALA O 28 22.17 -33.85 22.51
CA ALA O 28 21.65 -34.22 23.82
C ALA O 28 20.96 -35.59 23.82
N GLN O 29 20.68 -36.17 22.65
CA GLN O 29 20.25 -37.57 22.56
C GLN O 29 21.03 -38.26 21.43
N ASN O 30 22.22 -38.75 21.77
CA ASN O 30 22.96 -39.63 20.86
C ASN O 30 23.25 -40.98 21.48
N SER O 31 23.77 -40.99 22.72
CA SER O 31 24.21 -42.20 23.44
C SER O 31 25.17 -43.04 22.61
N TYR O 32 26.13 -42.37 21.98
CA TYR O 32 27.13 -43.03 21.15
C TYR O 32 28.50 -42.47 21.47
N LYS O 33 29.46 -43.36 21.73
CA LYS O 33 30.83 -43.00 22.05
C LYS O 33 31.77 -43.63 21.04
N ASP O 34 33.06 -43.30 21.17
CA ASP O 34 34.06 -43.81 20.25
C ASP O 34 34.32 -45.29 20.49
N PRO O 35 34.57 -46.08 19.43
CA PRO O 35 34.87 -47.50 19.60
C PRO O 35 36.31 -47.74 20.03
N ALA P 10 30.05 22.44 -5.13
CA ALA P 10 29.41 21.88 -6.31
C ALA P 10 29.29 22.94 -7.41
N ARG P 11 29.69 22.57 -8.63
CA ARG P 11 29.65 23.50 -9.75
C ARG P 11 28.49 23.11 -10.67
N PRO P 12 27.48 23.96 -10.82
CA PRO P 12 26.33 23.60 -11.65
C PRO P 12 26.60 23.79 -13.14
N THR P 13 27.23 22.79 -13.77
CA THR P 13 27.51 22.83 -15.19
C THR P 13 26.30 22.32 -15.97
N LEU P 14 26.47 22.05 -17.26
CA LEU P 14 25.42 21.47 -18.08
C LEU P 14 25.25 19.98 -17.74
N MET P 15 24.37 19.31 -18.45
CA MET P 15 24.25 17.86 -18.30
C MET P 15 25.48 17.19 -18.90
N PRO P 16 26.14 16.29 -18.15
CA PRO P 16 27.38 15.68 -18.66
C PRO P 16 27.11 14.71 -19.79
N ARG P 17 26.95 15.25 -20.99
CA ARG P 17 26.54 14.49 -22.16
C ARG P 17 27.65 13.54 -22.58
N ALA P 18 27.27 12.37 -23.10
CA ALA P 18 28.23 11.32 -23.40
C ALA P 18 28.89 11.58 -24.75
N GLN P 19 29.55 10.55 -25.28
CA GLN P 19 30.22 10.65 -26.57
C GLN P 19 29.21 10.79 -27.72
N SER P 20 28.02 10.20 -27.56
CA SER P 20 27.01 10.23 -28.62
C SER P 20 26.46 11.62 -28.90
N TYR P 21 26.51 12.52 -27.92
CA TYR P 21 26.10 13.90 -28.17
C TYR P 21 27.16 14.67 -28.96
N LYS P 22 28.42 14.27 -28.84
CA LYS P 22 29.47 14.89 -29.64
C LYS P 22 29.34 14.52 -31.11
N ASP P 23 28.79 13.34 -31.40
CA ASP P 23 28.39 13.01 -32.76
C ASP P 23 27.09 13.67 -33.16
N LEU P 24 26.29 14.12 -32.20
CA LEU P 24 24.98 14.67 -32.50
C LEU P 24 25.07 16.11 -33.02
N THR P 25 25.88 16.94 -32.38
CA THR P 25 26.03 18.33 -32.82
C THR P 25 26.84 18.43 -34.11
N HIS P 26 27.69 17.45 -34.38
CA HIS P 26 28.49 17.44 -35.59
C HIS P 26 27.79 16.76 -36.77
N LEU P 27 26.48 16.53 -36.65
CA LEU P 27 25.72 16.02 -37.78
C LEU P 27 25.62 17.08 -38.87
N PRO P 28 25.61 16.68 -40.14
CA PRO P 28 25.47 17.66 -41.22
C PRO P 28 24.08 18.29 -41.24
N ALA P 29 24.02 19.49 -41.79
CA ALA P 29 22.76 20.23 -41.76
C ALA P 29 21.80 19.72 -42.83
N PRO P 30 20.51 19.67 -42.54
CA PRO P 30 19.53 19.31 -43.56
C PRO P 30 19.04 20.53 -44.33
N THR P 31 18.27 20.27 -45.39
CA THR P 31 17.64 21.33 -46.18
C THR P 31 16.45 21.86 -45.41
N GLY P 32 16.74 22.71 -44.43
CA GLY P 32 15.72 23.18 -43.51
C GLY P 32 15.49 22.18 -42.39
N LYS P 33 15.49 22.66 -41.15
CA LYS P 33 15.27 21.77 -40.02
C LYS P 33 13.81 21.36 -39.98
N ILE P 34 13.58 20.05 -39.83
CA ILE P 34 12.24 19.49 -39.98
C ILE P 34 11.41 19.78 -38.74
N PHE P 35 10.20 20.28 -38.94
CA PHE P 35 9.28 20.46 -37.83
C PHE P 35 8.82 19.09 -37.33
N VAL P 36 9.03 18.85 -36.04
CA VAL P 36 8.75 17.55 -35.44
C VAL P 36 8.09 17.79 -34.08
N SER P 37 7.37 16.79 -33.60
CA SER P 37 6.60 16.96 -32.37
C SER P 37 6.76 15.72 -31.50
N VAL P 38 7.07 15.93 -30.23
CA VAL P 38 7.27 14.86 -29.26
C VAL P 38 6.16 14.95 -28.25
N TYR P 39 5.20 14.01 -28.32
CA TYR P 39 4.06 14.08 -27.41
C TYR P 39 4.39 13.48 -26.05
N ASN P 40 4.69 12.19 -26.01
CA ASN P 40 4.95 11.52 -24.74
C ASN P 40 5.76 10.26 -25.06
N ILE P 41 7.07 10.32 -24.87
CA ILE P 41 7.89 9.12 -24.95
C ILE P 41 7.66 8.39 -23.64
N GLN P 42 6.66 7.50 -23.64
CA GLN P 42 6.09 6.99 -22.40
C GLN P 42 7.04 6.02 -21.74
N ASP P 43 7.29 6.25 -20.45
CA ASP P 43 8.03 5.27 -19.65
C ASP P 43 7.11 4.09 -19.42
N GLU P 44 7.11 3.16 -20.36
CA GLU P 44 6.43 1.88 -20.21
C GLU P 44 7.44 0.75 -20.10
N THR P 45 8.55 1.02 -19.41
CA THR P 45 9.36 -0.06 -18.86
C THR P 45 8.57 -0.87 -17.86
N GLY P 46 7.70 -0.20 -17.11
CA GLY P 46 7.03 -0.84 -15.99
C GLY P 46 7.97 -1.29 -14.91
N GLN P 47 9.11 -0.63 -14.78
CA GLN P 47 10.20 -1.08 -13.92
C GLN P 47 10.50 0.01 -12.91
N PHE P 48 10.37 -0.32 -11.64
CA PHE P 48 10.63 0.58 -10.53
C PHE P 48 11.94 0.18 -9.87
N LYS P 49 12.46 1.06 -9.05
CA LYS P 49 13.77 0.79 -8.47
C LYS P 49 13.65 -0.19 -7.32
N PRO P 50 14.59 -1.12 -7.18
CA PRO P 50 14.55 -2.11 -6.10
C PRO P 50 14.95 -1.51 -4.76
N TYR P 51 14.97 -2.36 -3.73
CA TYR P 51 15.50 -1.95 -2.45
C TYR P 51 17.01 -1.73 -2.57
N PRO P 52 17.58 -0.74 -1.86
CA PRO P 52 17.06 0.16 -0.83
C PRO P 52 16.24 1.34 -1.32
N ALA P 53 16.15 1.53 -2.64
CA ALA P 53 15.38 2.65 -3.16
C ALA P 53 13.88 2.38 -3.02
N SER P 54 13.10 3.42 -3.26
CA SER P 54 11.66 3.37 -3.02
C SER P 54 10.95 2.47 -4.02
N ASN P 55 9.82 1.91 -3.58
CA ASN P 55 9.04 1.05 -4.45
C ASN P 55 8.28 1.83 -5.50
N PHE P 56 7.85 3.05 -5.17
CA PHE P 56 7.18 3.92 -6.12
C PHE P 56 8.13 4.66 -7.04
N SER P 57 9.43 4.59 -6.77
CA SER P 57 10.42 5.28 -7.58
C SER P 57 10.67 4.50 -8.86
N THR P 58 10.37 5.11 -10.00
CA THR P 58 10.60 4.46 -11.28
C THR P 58 12.09 4.33 -11.54
N ALA P 59 12.49 3.21 -12.14
CA ALA P 59 13.91 2.92 -12.31
C ALA P 59 14.55 3.80 -13.36
N VAL P 60 13.81 4.19 -14.39
CA VAL P 60 14.27 5.19 -15.34
C VAL P 60 13.39 6.42 -15.13
N PRO P 61 13.80 7.61 -15.58
CA PRO P 61 12.91 8.76 -15.47
C PRO P 61 11.69 8.65 -16.37
N GLN P 62 10.61 9.31 -15.95
CA GLN P 62 9.43 9.48 -16.78
C GLN P 62 9.53 10.75 -17.61
N SER P 63 10.68 10.96 -18.25
CA SER P 63 10.99 12.26 -18.84
C SER P 63 11.70 12.14 -20.17
N ALA P 64 11.53 11.02 -20.88
CA ALA P 64 12.12 10.90 -22.20
C ALA P 64 11.41 11.76 -23.23
N THR P 65 10.19 12.20 -22.95
CA THR P 65 9.53 13.19 -23.79
C THR P 65 10.16 14.57 -23.68
N ALA P 66 10.88 14.84 -22.58
CA ALA P 66 11.61 16.08 -22.42
C ALA P 66 13.09 15.94 -22.73
N MET P 67 13.61 14.71 -22.74
CA MET P 67 15.01 14.50 -23.11
C MET P 67 15.18 14.46 -24.62
N LEU P 68 14.25 13.80 -25.32
CA LEU P 68 14.34 13.70 -26.77
C LEU P 68 14.19 15.06 -27.45
N VAL P 69 13.42 15.96 -26.82
CA VAL P 69 13.31 17.35 -27.28
C VAL P 69 14.69 18.01 -27.30
N THR P 70 15.49 17.78 -26.27
CA THR P 70 16.87 18.28 -26.27
C THR P 70 17.71 17.56 -27.31
N ALA P 71 17.42 16.29 -27.54
CA ALA P 71 18.21 15.52 -28.51
C ALA P 71 17.85 15.89 -29.93
N LEU P 72 16.62 16.36 -30.17
CA LEU P 72 16.25 16.77 -31.53
C LEU P 72 16.57 18.23 -31.79
N LYS P 73 16.58 19.07 -30.74
CA LYS P 73 16.87 20.49 -30.94
C LYS P 73 18.36 20.75 -31.11
N ASP P 74 19.18 20.17 -30.22
CA ASP P 74 20.62 20.37 -30.31
C ASP P 74 21.28 19.50 -31.38
N SER P 75 20.52 18.69 -32.11
CA SER P 75 21.06 17.97 -33.24
C SER P 75 21.22 18.84 -34.48
N ARG P 76 20.62 20.03 -34.47
CA ARG P 76 20.54 20.96 -35.61
C ARG P 76 19.92 20.30 -36.84
N TRP P 77 18.96 19.40 -36.60
CA TRP P 77 18.24 18.70 -37.66
C TRP P 77 16.73 18.85 -37.53
N PHE P 78 16.22 19.10 -36.34
CA PHE P 78 14.79 19.12 -36.09
C PHE P 78 14.42 20.39 -35.34
N ILE P 79 13.23 20.91 -35.64
CA ILE P 79 12.62 21.93 -34.80
C ILE P 79 11.54 21.22 -33.98
N PRO P 80 11.81 20.88 -32.72
CA PRO P 80 10.80 20.18 -31.93
C PRO P 80 9.68 21.11 -31.51
N LEU P 81 8.50 20.54 -31.37
CA LEU P 81 7.31 21.27 -30.94
C LEU P 81 6.88 20.79 -29.56
N GLU P 82 6.40 21.72 -28.74
CA GLU P 82 5.97 21.39 -27.39
C GLU P 82 4.63 20.69 -27.46
N ARG P 83 4.65 19.37 -27.25
CA ARG P 83 3.44 18.58 -27.19
C ARG P 83 3.32 17.77 -25.91
N GLN P 84 4.30 17.87 -25.00
CA GLN P 84 4.17 17.23 -23.70
C GLN P 84 3.10 17.93 -22.87
N GLY P 85 3.30 19.21 -22.58
CA GLY P 85 2.25 20.00 -21.99
C GLY P 85 1.49 20.77 -23.05
N LEU P 86 0.90 20.05 -24.00
CA LEU P 86 0.13 20.70 -25.06
C LEU P 86 -1.15 21.32 -24.51
N GLN P 87 -1.80 20.64 -23.56
CA GLN P 87 -2.94 21.24 -22.89
C GLN P 87 -2.54 22.39 -21.97
N ASN P 88 -1.26 22.48 -21.60
CA ASN P 88 -0.75 23.65 -20.91
C ASN P 88 -0.39 24.77 -21.88
N LEU P 89 -0.14 24.44 -23.15
CA LEU P 89 0.13 25.46 -24.15
C LEU P 89 -1.15 25.99 -24.76
N LEU P 90 -2.16 25.14 -24.92
CA LEU P 90 -3.44 25.59 -25.46
C LEU P 90 -4.20 26.46 -24.47
N ASN P 91 -3.95 26.28 -23.17
CA ASN P 91 -4.50 27.20 -22.18
C ASN P 91 -3.85 28.57 -22.27
N GLU P 92 -2.62 28.65 -22.78
CA GLU P 92 -1.97 29.94 -22.99
C GLU P 92 -2.43 30.59 -24.29
N ARG P 93 -2.71 29.79 -25.33
CA ARG P 93 -3.19 30.36 -26.59
C ARG P 93 -4.61 30.90 -26.45
N LYS P 94 -5.42 30.26 -25.60
CA LYS P 94 -6.77 30.76 -25.34
C LYS P 94 -6.76 32.07 -24.55
N ILE P 95 -5.66 32.37 -23.86
CA ILE P 95 -5.55 33.63 -23.14
C ILE P 95 -5.26 34.77 -24.11
N ILE P 96 -4.42 34.53 -25.12
CA ILE P 96 -4.11 35.55 -26.12
C ILE P 96 -5.31 35.82 -27.01
N ARG P 97 -6.20 34.83 -27.19
CA ARG P 97 -7.46 35.08 -27.88
C ARG P 97 -8.36 36.03 -27.09
N ALA P 98 -8.24 36.04 -25.77
CA ALA P 98 -8.95 36.98 -24.93
C ALA P 98 -8.11 38.21 -24.58
N ALA P 99 -6.86 38.26 -25.02
CA ALA P 99 -5.98 39.40 -24.73
C ALA P 99 -5.93 40.40 -25.88
N GLN P 100 -5.78 39.93 -27.12
CA GLN P 100 -5.75 40.82 -28.26
C GLN P 100 -7.14 41.36 -28.63
N GLU P 101 -8.20 40.73 -28.14
CA GLU P 101 -9.58 41.18 -28.40
C GLU P 101 -10.05 42.00 -27.20
N ASN P 102 -9.57 43.23 -27.14
CA ASN P 102 -9.94 44.14 -26.06
C ASN P 102 -10.47 45.46 -26.60
N ILE P 111 0.54 42.26 -31.73
CA ILE P 111 0.72 41.32 -32.83
C ILE P 111 -0.44 40.31 -32.85
N PRO P 112 -0.97 40.03 -34.03
CA PRO P 112 -1.97 38.96 -34.15
C PRO P 112 -1.33 37.59 -33.94
N LEU P 113 -2.12 36.67 -33.40
CA LEU P 113 -1.62 35.35 -33.05
C LEU P 113 -1.50 34.46 -34.28
N GLN P 114 -0.36 33.80 -34.41
CA GLN P 114 -0.16 32.81 -35.45
C GLN P 114 -0.72 31.47 -35.00
N SER P 115 -0.68 30.49 -35.90
CA SER P 115 -1.12 29.14 -35.59
C SER P 115 0.09 28.25 -35.32
N LEU P 116 -0.19 27.09 -34.72
CA LEU P 116 0.86 26.11 -34.47
C LEU P 116 1.30 25.49 -35.80
N THR P 117 2.59 25.19 -35.90
CA THR P 117 3.12 24.65 -37.14
C THR P 117 2.69 23.18 -37.33
N ALA P 118 2.88 22.70 -38.55
CA ALA P 118 2.25 21.45 -38.99
C ALA P 118 2.88 20.22 -38.34
N ALA P 119 4.22 20.18 -38.29
CA ALA P 119 5.01 19.05 -37.76
C ALA P 119 4.66 17.76 -38.49
N ASN P 120 5.05 17.73 -39.77
CA ASN P 120 4.66 16.66 -40.70
C ASN P 120 5.15 15.29 -40.26
N ILE P 121 6.24 15.23 -39.51
CA ILE P 121 6.66 14.00 -38.85
C ILE P 121 6.61 14.23 -37.35
N MET P 122 6.46 13.14 -36.60
CA MET P 122 6.49 13.18 -35.15
C MET P 122 7.32 12.00 -34.67
N VAL P 123 7.97 12.17 -33.53
CA VAL P 123 8.69 11.08 -32.90
C VAL P 123 7.87 10.64 -31.69
N GLU P 124 6.97 9.71 -31.91
CA GLU P 124 6.38 8.92 -30.85
C GLU P 124 7.42 7.88 -30.46
N GLY P 125 7.35 7.39 -29.23
CA GLY P 125 8.30 6.38 -28.82
C GLY P 125 8.06 5.94 -27.40
N SER P 126 8.99 5.14 -26.91
CA SER P 126 8.90 4.59 -25.56
C SER P 126 10.31 4.32 -25.04
N ILE P 127 10.41 4.28 -23.73
CA ILE P 127 11.50 3.59 -23.05
C ILE P 127 11.02 2.15 -22.92
N ILE P 128 11.53 1.26 -23.78
CA ILE P 128 10.93 -0.06 -23.91
C ILE P 128 11.39 -1.04 -22.85
N GLY P 129 12.33 -0.68 -22.00
CA GLY P 129 12.75 -1.65 -21.01
C GLY P 129 13.94 -1.24 -20.17
N TYR P 130 14.07 -1.87 -19.01
CA TYR P 130 15.17 -1.59 -18.13
C TYR P 130 15.35 -2.74 -17.14
N GLU P 131 16.05 -3.79 -17.54
CA GLU P 131 16.27 -4.94 -16.68
C GLU P 131 17.37 -4.59 -15.68
N SER P 132 17.07 -4.77 -14.41
CA SER P 132 18.08 -4.52 -13.39
C SER P 132 19.08 -5.67 -13.38
N ASN P 133 20.37 -5.30 -13.31
CA ASN P 133 21.51 -6.22 -13.17
C ASN P 133 21.56 -7.22 -14.33
N VAL P 134 21.83 -6.70 -15.52
CA VAL P 134 21.84 -7.55 -16.71
C VAL P 134 23.09 -8.42 -16.74
N LYS P 135 24.25 -7.80 -16.81
CA LYS P 135 25.52 -8.53 -16.84
C LYS P 135 26.32 -8.19 -15.59
N SER P 136 25.63 -8.19 -14.45
CA SER P 136 26.23 -7.78 -13.20
C SER P 136 27.22 -8.83 -12.70
N GLY P 137 28.03 -8.43 -11.73
CA GLY P 137 29.05 -9.31 -11.19
C GLY P 137 30.08 -8.57 -10.37
N GLY P 138 31.08 -9.28 -9.87
CA GLY P 138 32.12 -8.60 -9.12
C GLY P 138 33.20 -9.55 -8.67
N VAL P 139 34.44 -9.07 -8.71
CA VAL P 139 35.59 -9.82 -8.23
C VAL P 139 35.94 -9.31 -6.83
N GLY P 140 36.19 -10.23 -5.92
CA GLY P 140 36.67 -9.89 -4.60
C GLY P 140 37.96 -10.58 -4.19
N ALA P 141 38.85 -9.81 -3.60
CA ALA P 141 40.13 -10.31 -3.12
C ALA P 141 40.49 -9.68 -1.77
N ARG P 142 40.94 -10.51 -0.84
CA ARG P 142 41.34 -9.99 0.46
C ARG P 142 42.36 -10.93 1.09
N TYR P 143 43.58 -10.43 1.27
CA TYR P 143 44.63 -11.14 1.98
C TYR P 143 44.49 -10.84 3.47
N PHE P 144 45.53 -11.12 4.25
CA PHE P 144 45.59 -10.79 5.67
C PHE P 144 45.46 -9.29 5.87
N GLY P 145 44.33 -8.86 6.41
CA GLY P 145 44.07 -7.45 6.59
C GLY P 145 43.57 -6.74 5.35
N ILE P 146 44.48 -6.52 4.39
CA ILE P 146 44.16 -5.71 3.21
C ILE P 146 43.20 -6.48 2.30
N GLY P 147 42.36 -5.73 1.59
CA GLY P 147 41.39 -6.34 0.71
C GLY P 147 40.54 -5.35 -0.07
N ALA P 148 40.09 -5.75 -1.25
CA ALA P 148 39.34 -4.87 -2.12
C ALA P 148 38.44 -5.69 -3.04
N ASP P 149 37.30 -5.13 -3.38
CA ASP P 149 36.37 -5.74 -4.32
C ASP P 149 36.06 -4.75 -5.43
N THR P 150 35.63 -5.29 -6.57
CA THR P 150 35.21 -4.51 -7.73
C THR P 150 33.89 -5.15 -8.11
N GLN P 151 32.78 -4.55 -7.67
CA GLN P 151 31.47 -5.14 -7.89
C GLN P 151 30.83 -4.16 -8.86
N TYR P 152 30.42 -4.64 -10.03
CA TYR P 152 29.76 -3.81 -11.03
C TYR P 152 28.38 -4.40 -11.34
N GLN P 153 27.36 -3.55 -11.32
CA GLN P 153 26.00 -4.00 -11.56
C GLN P 153 25.57 -3.36 -12.88
N LEU P 154 25.80 -4.09 -13.98
CA LEU P 154 25.55 -3.56 -15.31
C LEU P 154 24.07 -3.63 -15.61
N ASP P 155 23.38 -2.49 -15.53
CA ASP P 155 22.00 -2.39 -15.96
C ASP P 155 21.97 -2.23 -17.47
N GLN P 156 20.76 -2.13 -18.03
CA GLN P 156 20.63 -1.87 -19.46
C GLN P 156 19.27 -1.22 -19.70
N ILE P 157 19.29 0.02 -20.14
CA ILE P 157 18.10 0.71 -20.60
C ILE P 157 17.98 0.46 -22.10
N ALA P 158 16.78 0.59 -22.63
CA ALA P 158 16.55 0.56 -24.06
C ALA P 158 15.38 1.47 -24.38
N VAL P 159 15.50 2.24 -25.46
CA VAL P 159 14.46 3.17 -25.85
C VAL P 159 14.03 2.87 -27.28
N ASN P 160 12.76 3.17 -27.55
CA ASN P 160 12.23 3.13 -28.90
C ASN P 160 11.98 4.55 -29.38
N LEU P 161 12.46 4.86 -30.58
CA LEU P 161 12.21 6.16 -31.21
C LEU P 161 11.78 5.89 -32.64
N ARG P 162 10.53 6.20 -32.94
CA ARG P 162 9.99 5.97 -34.28
C ARG P 162 9.46 7.28 -34.84
N VAL P 163 9.90 7.61 -36.06
CA VAL P 163 9.43 8.79 -36.76
C VAL P 163 8.13 8.39 -37.46
N VAL P 164 7.05 9.12 -37.18
CA VAL P 164 5.75 8.79 -37.74
C VAL P 164 5.28 9.96 -38.59
N ASN P 165 5.01 9.70 -39.86
CA ASN P 165 4.38 10.68 -40.73
C ASN P 165 2.94 10.89 -40.29
N VAL P 166 2.64 12.05 -39.71
CA VAL P 166 1.31 12.28 -39.17
C VAL P 166 0.26 12.49 -40.27
N SER P 167 0.70 12.76 -41.50
CA SER P 167 -0.23 12.88 -42.60
C SER P 167 -0.83 11.55 -43.03
N THR P 168 -0.13 10.44 -42.77
CA THR P 168 -0.62 9.14 -43.20
C THR P 168 -0.60 8.10 -42.09
N GLY P 169 0.03 8.41 -40.96
CA GLY P 169 0.08 7.47 -39.84
C GLY P 169 1.15 6.41 -39.96
N GLU P 170 1.91 6.45 -41.06
CA GLU P 170 2.91 5.43 -41.31
C GLU P 170 4.14 5.66 -40.43
N ILE P 171 4.59 4.59 -39.77
CA ILE P 171 5.83 4.64 -38.99
C ILE P 171 6.99 4.49 -39.96
N LEU P 172 7.84 5.52 -40.02
CA LEU P 172 8.83 5.62 -41.08
C LEU P 172 10.11 4.88 -40.76
N SER P 173 10.72 5.18 -39.62
CA SER P 173 11.96 4.55 -39.18
C SER P 173 11.84 4.30 -37.68
N SER P 174 11.71 3.04 -37.29
CA SER P 174 11.50 2.67 -35.90
C SER P 174 12.75 1.92 -35.41
N VAL P 175 13.53 2.58 -34.58
CA VAL P 175 14.80 2.02 -34.10
C VAL P 175 14.73 1.74 -32.61
N ASN P 176 15.59 0.84 -32.16
CA ASN P 176 15.68 0.45 -30.76
C ASN P 176 17.14 0.51 -30.34
N THR P 177 17.50 1.52 -29.56
CA THR P 177 18.86 1.69 -29.08
C THR P 177 18.93 1.40 -27.60
N SER P 178 20.01 0.76 -27.18
CA SER P 178 20.22 0.41 -25.79
C SER P 178 21.51 1.05 -25.28
N LYS P 179 21.64 1.07 -23.96
CA LYS P 179 22.87 1.52 -23.33
C LYS P 179 23.04 0.80 -22.00
N THR P 180 24.22 0.22 -21.78
CA THR P 180 24.49 -0.52 -20.57
C THR P 180 24.92 0.46 -19.48
N ILE P 181 24.09 0.60 -18.45
CA ILE P 181 24.41 1.44 -17.29
C ILE P 181 25.47 0.72 -16.47
N LEU P 182 26.65 1.32 -16.35
CA LEU P 182 27.75 0.73 -15.61
C LEU P 182 27.76 1.31 -14.20
N SER P 183 27.23 0.56 -13.24
CA SER P 183 27.20 0.96 -11.85
C SER P 183 28.17 0.09 -11.08
N TYR P 184 29.42 0.55 -10.96
CA TYR P 184 30.48 -0.21 -10.32
C TYR P 184 30.84 0.39 -8.98
N GLU P 185 31.27 -0.45 -8.04
CA GLU P 185 31.78 -0.02 -6.76
C GLU P 185 33.17 -0.62 -6.55
N VAL P 186 34.08 0.16 -5.98
CA VAL P 186 35.40 -0.31 -5.58
C VAL P 186 35.57 0.06 -4.10
N GLN P 187 35.45 -0.95 -3.25
CA GLN P 187 35.60 -0.78 -1.81
C GLN P 187 36.90 -1.47 -1.44
N ALA P 188 37.85 -0.71 -0.92
CA ALA P 188 39.16 -1.27 -0.59
C ALA P 188 39.17 -1.11 0.92
N GLY P 189 38.80 -2.18 1.63
CA GLY P 189 38.74 -2.13 3.07
C GLY P 189 39.76 -3.01 3.76
N VAL P 190 40.50 -2.46 4.71
CA VAL P 190 41.52 -3.20 5.44
C VAL P 190 41.06 -3.40 6.87
N PHE P 191 41.50 -4.50 7.49
CA PHE P 191 41.21 -4.76 8.89
C PHE P 191 42.36 -5.63 9.40
N ARG P 192 43.38 -4.97 9.97
CA ARG P 192 44.64 -5.64 10.23
C ARG P 192 45.20 -5.22 11.58
N PHE P 193 45.52 -6.21 12.41
CA PHE P 193 46.26 -5.93 13.63
C PHE P 193 47.69 -5.52 13.30
N ILE P 194 48.22 -4.55 14.05
CA ILE P 194 49.53 -3.99 13.81
C ILE P 194 50.51 -4.35 14.92
N ASP P 195 50.14 -4.10 16.16
CA ASP P 195 50.90 -4.52 17.31
C ASP P 195 50.04 -5.42 18.19
N TYR P 196 50.59 -5.83 19.33
CA TYR P 196 49.81 -6.58 20.29
C TYR P 196 48.80 -5.63 20.93
N GLN P 197 47.52 -5.99 20.82
CA GLN P 197 46.38 -5.17 21.25
C GLN P 197 46.41 -3.79 20.59
N ARG P 198 46.67 -3.78 19.28
CA ARG P 198 46.55 -2.58 18.44
C ARG P 198 45.95 -3.02 17.12
N LEU P 199 45.10 -2.19 16.53
CA LEU P 199 44.39 -2.56 15.32
C LEU P 199 44.21 -1.34 14.43
N LEU P 200 44.73 -1.43 13.21
CA LEU P 200 44.45 -0.45 12.17
C LEU P 200 43.38 -0.99 11.24
N GLU P 201 42.48 -0.12 10.84
CA GLU P 201 41.47 -0.46 9.85
C GLU P 201 41.09 0.79 9.07
N GLY P 202 40.53 0.57 7.89
CA GLY P 202 40.18 1.66 7.01
C GLY P 202 39.52 1.11 5.77
N GLU P 203 38.57 1.85 5.22
CA GLU P 203 37.81 1.36 4.08
C GLU P 203 37.55 2.54 3.14
N VAL P 204 38.34 2.62 2.08
CA VAL P 204 38.09 3.58 1.02
C VAL P 204 37.14 2.94 0.01
N GLY P 205 36.05 3.64 -0.30
CA GLY P 205 35.06 3.12 -1.20
C GLY P 205 34.51 4.15 -2.18
N TYR P 206 34.29 3.69 -3.41
CA TYR P 206 33.82 4.57 -4.48
C TYR P 206 32.85 3.82 -5.38
N THR P 207 31.57 4.17 -5.31
CA THR P 207 30.56 3.58 -6.20
C THR P 207 30.11 4.62 -7.23
N SER P 208 30.65 4.51 -8.44
CA SER P 208 30.28 5.41 -9.53
C SER P 208 29.15 4.76 -10.30
N ASN P 209 27.92 4.97 -9.84
CA ASN P 209 26.75 4.60 -10.61
C ASN P 209 26.68 5.50 -11.84
N GLU P 210 26.56 4.89 -13.00
CA GLU P 210 26.21 5.66 -14.18
C GLU P 210 24.77 6.11 -13.99
N PRO P 211 24.48 7.41 -14.04
CA PRO P 211 23.10 7.86 -13.81
C PRO P 211 22.20 7.44 -14.96
N VAL P 212 21.03 6.89 -14.59
CA VAL P 212 20.11 6.36 -15.59
C VAL P 212 19.52 7.49 -16.44
N MET P 213 19.48 8.71 -15.90
CA MET P 213 19.03 9.86 -16.69
C MET P 213 20.04 10.21 -17.78
N LEU P 214 21.33 9.97 -17.56
CA LEU P 214 22.33 10.30 -18.56
C LEU P 214 22.40 9.21 -19.61
N CYS P 215 22.15 7.96 -19.22
CA CYS P 215 22.09 6.87 -20.17
C CYS P 215 20.76 6.82 -20.91
N LEU P 216 19.68 7.32 -20.29
CA LEU P 216 18.47 7.60 -21.07
C LEU P 216 18.73 8.72 -22.07
N MET P 217 19.53 9.70 -21.69
CA MET P 217 19.85 10.81 -22.57
C MET P 217 20.78 10.37 -23.69
N SER P 218 21.73 9.49 -23.39
CA SER P 218 22.73 9.12 -24.39
C SER P 218 22.21 8.04 -25.34
N ALA P 219 21.30 7.18 -24.88
CA ALA P 219 20.68 6.22 -25.79
C ALA P 219 19.64 6.86 -26.70
N ILE P 220 19.02 7.95 -26.24
CA ILE P 220 18.10 8.70 -27.09
C ILE P 220 18.87 9.49 -28.14
N GLU P 221 20.00 10.11 -27.74
CA GLU P 221 20.86 10.81 -28.69
C GLU P 221 21.49 9.84 -29.68
N THR P 222 21.71 8.59 -29.27
CA THR P 222 22.08 7.55 -30.21
C THR P 222 20.92 7.27 -31.17
N GLY P 223 19.69 7.29 -30.66
CA GLY P 223 18.54 7.00 -31.49
C GLY P 223 18.22 8.10 -32.49
N VAL P 224 18.55 9.34 -32.14
CA VAL P 224 18.31 10.46 -33.06
C VAL P 224 19.23 10.36 -34.27
N ILE P 225 20.50 9.97 -34.04
CA ILE P 225 21.38 9.67 -35.16
C ILE P 225 20.89 8.44 -35.91
N PHE P 226 20.30 7.48 -35.20
CA PHE P 226 19.73 6.32 -35.88
C PHE P 226 18.39 6.66 -36.53
N LEU P 227 17.72 7.72 -36.09
CA LEU P 227 16.56 8.20 -36.83
C LEU P 227 16.99 8.90 -38.11
N ILE P 228 18.10 9.64 -38.04
CA ILE P 228 18.53 10.45 -39.19
C ILE P 228 19.20 9.55 -40.23
N ASN P 229 20.07 8.64 -39.79
CA ASN P 229 20.80 7.78 -40.72
C ASN P 229 19.86 6.79 -41.41
N ASP P 230 18.89 6.25 -40.67
CA ASP P 230 17.89 5.39 -41.29
C ASP P 230 16.78 6.19 -41.95
N GLY P 231 16.74 7.50 -41.75
CA GLY P 231 15.84 8.39 -42.45
C GLY P 231 16.38 8.96 -43.73
N ILE P 232 17.63 8.67 -44.06
CA ILE P 232 18.26 9.16 -45.28
C ILE P 232 18.20 8.12 -46.39
N ASP P 233 18.53 6.86 -46.09
CA ASP P 233 18.53 5.82 -47.10
C ASP P 233 17.12 5.45 -47.55
N ARG P 234 16.11 5.67 -46.71
CA ARG P 234 14.73 5.43 -47.11
C ARG P 234 14.16 6.55 -47.96
N GLY P 235 14.86 7.67 -48.11
CA GLY P 235 14.33 8.78 -48.86
C GLY P 235 13.27 9.58 -48.14
N LEU P 236 13.22 9.50 -46.81
CA LEU P 236 12.20 10.22 -46.06
C LEU P 236 12.50 11.71 -46.01
N TRP P 237 13.77 12.08 -45.85
CA TRP P 237 14.17 13.48 -45.89
C TRP P 237 15.62 13.55 -46.36
N ASP P 238 15.94 14.63 -47.06
CA ASP P 238 17.26 14.82 -47.63
C ASP P 238 18.02 15.90 -46.88
N LEU P 239 19.32 15.69 -46.72
CA LEU P 239 20.22 16.66 -46.11
C LEU P 239 20.79 17.59 -47.16
N GLN P 240 21.39 18.68 -46.68
CA GLN P 240 22.09 19.61 -47.56
C GLN P 240 23.34 18.93 -48.12
N ASN P 241 23.53 19.06 -49.44
CA ASN P 241 24.61 18.43 -50.21
C ASN P 241 24.60 16.91 -50.03
N LYS P 242 23.53 16.29 -50.56
CA LYS P 242 23.32 14.85 -50.46
C LYS P 242 24.16 14.08 -51.49
N ALA P 243 25.48 14.27 -51.38
CA ALA P 243 26.43 13.52 -52.17
C ALA P 243 27.65 13.07 -51.39
N GLU P 244 27.84 13.52 -50.15
CA GLU P 244 29.10 13.32 -49.45
C GLU P 244 29.23 11.90 -48.91
N ARG P 245 28.39 11.54 -47.93
CA ARG P 245 28.46 10.30 -47.15
C ARG P 245 29.86 10.02 -46.61
N GLN P 246 30.55 11.06 -46.12
CA GLN P 246 31.95 10.95 -45.71
C GLN P 246 32.18 11.18 -44.23
N ASN P 247 31.26 11.84 -43.53
CA ASN P 247 31.50 12.21 -42.14
C ASN P 247 31.45 10.97 -41.24
N ASP P 248 32.31 10.96 -40.22
CA ASP P 248 32.46 9.81 -39.33
C ASP P 248 31.37 9.72 -38.27
N ILE P 249 30.25 10.42 -38.44
CA ILE P 249 29.08 10.17 -37.61
C ILE P 249 28.12 9.23 -38.32
N LEU P 250 27.85 9.50 -39.60
CA LEU P 250 26.87 8.70 -40.33
C LEU P 250 27.43 7.32 -40.69
N VAL P 251 28.70 7.24 -41.07
CA VAL P 251 29.27 5.94 -41.41
C VAL P 251 29.57 5.13 -40.16
N LYS P 252 29.77 5.79 -39.01
CA LYS P 252 29.93 5.06 -37.76
C LYS P 252 28.61 4.48 -37.30
N TYR P 253 27.53 5.25 -37.43
CA TYR P 253 26.19 4.79 -37.11
C TYR P 253 25.54 4.03 -38.27
N ARG P 254 26.28 3.76 -39.33
CA ARG P 254 25.89 2.76 -40.32
C ARG P 254 26.59 1.43 -40.11
N HIS P 255 27.81 1.45 -39.58
CA HIS P 255 28.47 0.24 -39.12
C HIS P 255 27.93 -0.23 -37.78
N MET P 256 27.28 0.65 -37.02
CA MET P 256 26.57 0.28 -35.81
C MET P 256 25.13 -0.10 -36.09
N SER P 257 24.71 -0.09 -37.35
CA SER P 257 23.35 -0.45 -37.73
C SER P 257 23.12 -1.94 -37.77
N VAL P 258 24.15 -2.76 -37.60
CA VAL P 258 23.94 -4.21 -37.43
C VAL P 258 23.90 -4.50 -35.93
N PRO P 259 22.77 -4.95 -35.42
CA PRO P 259 22.62 -5.12 -33.96
C PRO P 259 23.32 -6.39 -33.49
N PRO P 260 24.08 -6.31 -32.39
CA PRO P 260 24.74 -7.49 -31.82
C PRO P 260 23.77 -8.45 -31.14
N GLY Q 1 -10.91 -14.00 17.60
CA GLY Q 1 -9.68 -14.73 17.88
C GLY Q 1 -8.90 -15.04 16.62
N THR Q 2 -9.58 -15.47 15.56
CA THR Q 2 -8.91 -15.59 14.28
C THR Q 2 -7.53 -16.12 14.57
N MET Q 3 -7.48 -17.20 15.34
CA MET Q 3 -6.19 -17.74 15.77
C MET Q 3 -5.91 -19.06 15.07
N THR Q 4 -4.86 -19.06 14.24
CA THR Q 4 -4.43 -20.25 13.52
C THR Q 4 -3.76 -21.23 14.49
N PHE Q 5 -3.37 -22.38 13.95
CA PHE Q 5 -2.64 -23.36 14.74
C PHE Q 5 -1.17 -23.30 14.40
N GLN Q 6 -0.35 -22.82 15.33
CA GLN Q 6 1.08 -22.98 15.25
C GLN Q 6 1.52 -23.83 16.44
N PHE Q 7 2.50 -24.68 16.21
CA PHE Q 7 3.06 -25.46 17.30
C PHE Q 7 3.89 -24.56 18.21
N ARG Q 8 4.16 -25.06 19.41
CA ARG Q 8 5.11 -24.42 20.30
C ARG Q 8 6.47 -25.10 20.26
N ASN Q 9 6.67 -26.03 19.32
CA ASN Q 9 7.88 -26.83 19.23
C ASN Q 9 8.37 -26.84 17.79
N PRO Q 10 9.66 -26.57 17.54
CA PRO Q 10 10.14 -26.40 16.17
C PRO Q 10 10.27 -27.68 15.36
N ASN Q 11 10.15 -28.86 15.99
CA ASN Q 11 10.19 -30.10 15.21
C ASN Q 11 8.92 -30.31 14.40
N PHE Q 12 7.83 -29.68 14.79
CA PHE Q 12 6.55 -29.88 14.12
C PHE Q 12 6.11 -28.67 13.31
N GLY Q 13 6.89 -27.59 13.34
CA GLY Q 13 6.61 -26.44 12.51
C GLY Q 13 6.16 -25.19 13.23
N GLY Q 14 6.50 -25.04 14.50
CA GLY Q 14 6.15 -23.85 15.25
C GLY Q 14 7.17 -22.76 15.05
N ASN Q 15 7.21 -21.86 16.03
CA ASN Q 15 8.23 -20.81 16.03
C ASN Q 15 9.57 -21.44 16.36
N PRO Q 16 10.58 -21.29 15.49
CA PRO Q 16 11.86 -21.97 15.75
C PRO Q 16 12.70 -21.30 16.83
N ASN Q 17 12.31 -20.12 17.32
CA ASN Q 17 13.12 -19.42 18.31
C ASN Q 17 12.96 -19.98 19.72
N ASN Q 18 11.86 -20.70 20.00
CA ASN Q 18 11.69 -21.29 21.32
C ASN Q 18 12.46 -22.58 21.49
N GLY Q 19 13.08 -23.10 20.44
CA GLY Q 19 13.86 -24.32 20.56
C GLY Q 19 15.14 -24.13 21.36
N ALA Q 20 15.72 -22.91 21.30
CA ALA Q 20 16.83 -22.57 22.17
C ALA Q 20 16.42 -22.47 23.63
N PHE Q 21 15.12 -22.38 23.91
CA PHE Q 21 14.57 -22.45 25.26
C PHE Q 21 14.01 -23.83 25.59
N LEU Q 22 13.44 -24.51 24.60
CA LEU Q 22 12.79 -25.80 24.85
C LEU Q 22 13.79 -26.89 25.22
N LEU Q 23 14.84 -27.04 24.41
CA LEU Q 23 15.80 -28.12 24.63
C LEU Q 23 16.59 -27.91 25.92
N ASN Q 24 17.01 -26.67 26.16
CA ASN Q 24 17.77 -26.37 27.37
C ASN Q 24 16.89 -26.45 28.61
N SER Q 25 15.57 -26.38 28.44
CA SER Q 25 14.67 -26.61 29.56
C SER Q 25 14.78 -28.05 30.05
N ALA Q 26 14.60 -29.01 29.15
CA ALA Q 26 14.78 -30.41 29.55
C ALA Q 26 16.24 -30.76 29.80
N GLN Q 27 17.19 -29.95 29.32
CA GLN Q 27 18.56 -30.11 29.78
C GLN Q 27 18.70 -29.63 31.23
N ALA Q 28 17.83 -28.71 31.65
CA ALA Q 28 17.75 -28.29 33.04
C ALA Q 28 16.75 -29.10 33.86
N GLN Q 29 15.88 -29.89 33.22
CA GLN Q 29 15.06 -30.87 33.93
C GLN Q 29 15.11 -32.20 33.17
N ASN Q 30 16.13 -33.00 33.47
CA ASN Q 30 16.17 -34.39 32.99
C ASN Q 30 16.25 -35.38 34.15
N SER Q 31 17.17 -35.15 35.09
CA SER Q 31 17.47 -36.04 36.22
C SER Q 31 17.75 -37.47 35.75
N TYR Q 32 18.56 -37.59 34.69
CA TYR Q 32 18.91 -38.89 34.13
C TYR Q 32 20.41 -38.92 33.86
N LYS Q 33 21.08 -39.95 34.35
CA LYS Q 33 22.51 -40.14 34.16
C LYS Q 33 22.76 -41.46 33.44
N ASP Q 34 24.03 -41.71 33.15
CA ASP Q 34 24.41 -42.92 32.42
C ASP Q 34 24.29 -44.14 33.32
N PRO Q 35 23.87 -45.29 32.78
CA PRO Q 35 23.78 -46.53 33.57
C PRO Q 35 25.14 -47.19 33.77
N ALA R 10 31.09 3.00 -21.39
CA ALA R 10 29.92 2.38 -21.98
C ALA R 10 29.71 2.88 -23.41
N ARG R 11 29.50 1.94 -24.33
CA ARG R 11 29.31 2.28 -25.73
C ARG R 11 27.84 2.13 -26.10
N PRO R 12 27.13 3.21 -26.44
CA PRO R 12 25.71 3.11 -26.75
C PRO R 12 25.45 2.57 -28.15
N THR R 13 25.45 1.25 -28.30
CA THR R 13 25.18 0.61 -29.58
C THR R 13 23.66 0.44 -29.74
N LEU R 14 23.25 -0.35 -30.73
CA LEU R 14 21.84 -0.67 -30.93
C LEU R 14 21.38 -1.67 -29.86
N MET R 15 20.13 -2.10 -29.95
CA MET R 15 19.66 -3.17 -29.08
C MET R 15 20.31 -4.48 -29.49
N PRO R 16 20.90 -5.22 -28.53
CA PRO R 16 21.61 -6.45 -28.89
C PRO R 16 20.66 -7.56 -29.31
N ARG R 17 20.22 -7.50 -30.57
CA ARG R 17 19.19 -8.39 -31.09
C ARG R 17 19.72 -9.81 -31.19
N ALA R 18 18.85 -10.78 -30.97
CA ALA R 18 19.25 -12.19 -30.88
C ALA R 18 19.40 -12.78 -32.28
N GLN R 19 19.47 -14.11 -32.33
CA GLN R 19 19.59 -14.82 -33.60
C GLN R 19 18.33 -14.69 -34.44
N SER R 20 17.17 -14.58 -33.79
CA SER R 20 15.89 -14.52 -34.50
C SER R 20 15.71 -13.25 -35.32
N TYR R 21 16.41 -12.17 -34.97
CA TYR R 21 16.36 -10.96 -35.78
C TYR R 21 17.22 -11.11 -37.03
N LYS R 22 18.25 -11.93 -36.98
CA LYS R 22 19.05 -12.20 -38.17
C LYS R 22 18.27 -13.01 -39.20
N ASP R 23 17.32 -13.84 -38.75
CA ASP R 23 16.36 -14.44 -39.65
C ASP R 23 15.26 -13.48 -40.07
N LEU R 24 15.07 -12.40 -39.32
CA LEU R 24 13.97 -11.48 -39.60
C LEU R 24 14.28 -10.56 -40.78
N THR R 25 15.48 -9.99 -40.81
CA THR R 25 15.86 -9.11 -41.91
C THR R 25 16.11 -9.87 -43.19
N HIS R 26 16.46 -11.15 -43.10
CA HIS R 26 16.70 -11.98 -44.28
C HIS R 26 15.44 -12.65 -44.79
N LEU R 27 14.27 -12.23 -44.33
CA LEU R 27 13.02 -12.73 -44.87
C LEU R 27 12.84 -12.24 -46.31
N PRO R 28 12.23 -13.04 -47.18
CA PRO R 28 11.99 -12.60 -48.55
C PRO R 28 10.95 -11.48 -48.61
N ALA R 29 11.05 -10.69 -49.66
CA ALA R 29 10.18 -9.52 -49.77
C ALA R 29 8.78 -9.92 -50.23
N PRO R 30 7.75 -9.28 -49.71
CA PRO R 30 6.39 -9.53 -50.21
C PRO R 30 6.04 -8.61 -51.37
N THR R 31 4.89 -8.89 -51.98
CA THR R 31 4.36 -8.05 -53.07
C THR R 31 3.76 -6.80 -52.44
N GLY R 32 4.64 -5.86 -52.09
CA GLY R 32 4.24 -4.69 -51.36
C GLY R 32 4.16 -4.97 -49.87
N LYS R 33 4.77 -4.10 -49.06
CA LYS R 33 4.74 -4.30 -47.62
C LYS R 33 3.34 -3.98 -47.09
N ILE R 34 2.81 -4.88 -46.27
CA ILE R 34 1.41 -4.80 -45.86
C ILE R 34 1.25 -3.72 -44.80
N PHE R 35 0.26 -2.85 -44.98
CA PHE R 35 -0.08 -1.89 -43.95
C PHE R 35 -0.70 -2.60 -42.76
N VAL R 36 -0.10 -2.40 -41.59
CA VAL R 36 -0.51 -3.10 -40.37
C VAL R 36 -0.49 -2.09 -39.24
N SER R 37 -1.24 -2.41 -38.18
CA SER R 37 -1.40 -1.47 -37.08
C SER R 37 -1.31 -2.22 -35.76
N VAL R 38 -0.49 -1.70 -34.85
CA VAL R 38 -0.26 -2.29 -33.54
C VAL R 38 -0.84 -1.33 -32.50
N TYR R 39 -1.97 -1.70 -31.92
CA TYR R 39 -2.61 -0.80 -30.96
C TYR R 39 -1.98 -0.91 -29.58
N ASN R 40 -2.09 -2.07 -28.95
CA ASN R 40 -1.58 -2.26 -27.60
C ASN R 40 -1.37 -3.75 -27.40
N ILE R 41 -0.13 -4.20 -27.52
CA ILE R 41 0.19 -5.57 -27.14
C ILE R 41 0.27 -5.57 -25.63
N GLN R 42 -0.87 -5.85 -24.99
CA GLN R 42 -1.05 -5.55 -23.59
C GLN R 42 -0.25 -6.49 -22.72
N ASP R 43 0.52 -5.93 -21.79
CA ASP R 43 1.17 -6.75 -20.78
C ASP R 43 0.10 -7.21 -19.81
N GLU R 44 -0.53 -8.33 -20.14
CA GLU R 44 -1.45 -9.01 -19.24
C GLU R 44 -0.87 -10.33 -18.77
N THR R 45 0.45 -10.34 -18.54
CA THR R 45 1.05 -11.37 -17.71
C THR R 45 0.50 -11.29 -16.29
N GLY R 46 0.22 -10.08 -15.82
CA GLY R 46 -0.15 -9.87 -14.43
C GLY R 46 0.95 -10.25 -13.48
N GLN R 47 2.21 -10.16 -13.91
CA GLN R 47 3.35 -10.68 -13.17
C GLN R 47 4.32 -9.54 -12.93
N PHE R 48 4.58 -9.27 -11.66
CA PHE R 48 5.50 -8.24 -11.24
C PHE R 48 6.78 -8.88 -10.73
N LYS R 49 7.81 -8.08 -10.57
CA LYS R 49 9.09 -8.66 -10.20
C LYS R 49 9.13 -8.97 -8.71
N PRO R 50 9.74 -10.09 -8.32
CA PRO R 50 9.80 -10.46 -6.91
C PRO R 50 10.84 -9.64 -6.16
N TYR R 51 10.99 -9.95 -4.87
CA TYR R 51 12.07 -9.36 -4.08
C TYR R 51 13.41 -9.89 -4.59
N PRO R 52 14.47 -9.08 -4.61
CA PRO R 52 14.67 -7.72 -4.08
C PRO R 52 14.13 -6.59 -4.93
N ALA R 53 13.60 -6.90 -6.12
CA ALA R 53 13.06 -5.85 -6.96
C ALA R 53 11.73 -5.35 -6.43
N SER R 54 11.26 -4.25 -7.00
CA SER R 54 10.09 -3.56 -6.50
C SER R 54 8.82 -4.36 -6.75
N ASN R 55 7.82 -4.14 -5.88
CA ASN R 55 6.55 -4.83 -6.03
C ASN R 55 5.72 -4.26 -7.16
N PHE R 56 5.84 -2.96 -7.41
CA PHE R 56 5.14 -2.32 -8.52
C PHE R 56 5.85 -2.49 -9.84
N SER R 57 7.07 -3.02 -9.84
CA SER R 57 7.85 -3.19 -11.06
C SER R 57 7.34 -4.43 -11.79
N THR R 58 6.83 -4.24 -13.00
CA THR R 58 6.35 -5.36 -13.80
C THR R 58 7.52 -6.22 -14.24
N ALA R 59 7.31 -7.54 -14.28
CA ALA R 59 8.40 -8.46 -14.54
C ALA R 59 8.83 -8.42 -15.99
N VAL R 60 7.90 -8.17 -16.90
CA VAL R 60 8.25 -7.93 -18.31
C VAL R 60 7.93 -6.46 -18.58
N PRO R 61 8.46 -5.85 -19.63
CA PRO R 61 8.07 -4.47 -19.94
C PRO R 61 6.63 -4.37 -20.40
N GLN R 62 6.04 -3.20 -20.17
CA GLN R 62 4.74 -2.85 -20.72
C GLN R 62 4.90 -2.18 -22.09
N SER R 63 5.73 -2.76 -22.95
CA SER R 63 6.16 -2.06 -24.16
C SER R 63 6.24 -2.98 -25.36
N ALA R 64 5.50 -4.09 -25.37
CA ALA R 64 5.47 -4.96 -26.53
C ALA R 64 4.72 -4.33 -27.70
N THR R 65 3.88 -3.32 -27.44
CA THR R 65 3.28 -2.55 -28.52
C THR R 65 4.29 -1.67 -29.24
N ALA R 66 5.41 -1.35 -28.58
CA ALA R 66 6.49 -0.61 -29.22
C ALA R 66 7.62 -1.49 -29.69
N MET R 67 7.72 -2.73 -29.19
CA MET R 67 8.74 -3.64 -29.66
C MET R 67 8.30 -4.34 -30.95
N LEU R 68 7.03 -4.72 -31.03
CA LEU R 68 6.53 -5.40 -32.22
C LEU R 68 6.54 -4.49 -33.44
N VAL R 69 6.37 -3.18 -33.22
CA VAL R 69 6.52 -2.18 -34.28
C VAL R 69 7.92 -2.25 -34.90
N THR R 70 8.95 -2.40 -34.07
CA THR R 70 10.30 -2.59 -34.58
C THR R 70 10.43 -3.95 -35.26
N ALA R 71 9.71 -4.95 -34.76
CA ALA R 71 9.80 -6.28 -35.34
C ALA R 71 9.06 -6.38 -36.67
N LEU R 72 8.03 -5.55 -36.86
CA LEU R 72 7.31 -5.56 -38.15
C LEU R 72 7.93 -4.61 -39.15
N LYS R 73 8.59 -3.54 -38.70
CA LYS R 73 9.19 -2.59 -39.63
C LYS R 73 10.51 -3.10 -40.19
N ASP R 74 11.39 -3.59 -39.31
CA ASP R 74 12.68 -4.11 -39.76
C ASP R 74 12.60 -5.50 -40.36
N SER R 75 11.41 -6.11 -40.42
CA SER R 75 11.23 -7.37 -41.12
C SER R 75 11.17 -7.20 -42.63
N ARG R 76 11.01 -5.96 -43.11
CA ARG R 76 10.78 -5.61 -44.52
C ARG R 76 9.57 -6.34 -45.10
N TRP R 77 8.55 -6.56 -44.27
CA TRP R 77 7.31 -7.20 -44.66
C TRP R 77 6.08 -6.37 -44.34
N PHE R 78 6.16 -5.49 -43.37
CA PHE R 78 5.02 -4.74 -42.88
C PHE R 78 5.36 -3.25 -42.82
N ILE R 79 4.35 -2.42 -43.10
CA ILE R 79 4.43 -1.01 -42.77
C ILE R 79 3.59 -0.80 -41.53
N PRO R 80 4.20 -0.71 -40.35
CA PRO R 80 3.41 -0.54 -39.13
C PRO R 80 2.86 0.87 -39.02
N LEU R 81 1.71 0.99 -38.39
CA LEU R 81 1.06 2.27 -38.17
C LEU R 81 1.05 2.59 -36.68
N GLU R 82 1.22 3.87 -36.37
CA GLU R 82 1.26 4.31 -34.98
C GLU R 82 -0.16 4.30 -34.43
N ARG R 83 -0.46 3.30 -33.59
CA ARG R 83 -1.73 3.21 -32.90
C ARG R 83 -1.58 3.10 -31.40
N GLN R 84 -0.36 3.10 -30.88
CA GLN R 84 -0.17 3.13 -29.43
C GLN R 84 -0.59 4.49 -28.87
N GLY R 85 0.08 5.55 -29.30
CA GLY R 85 -0.37 6.89 -29.00
C GLY R 85 -1.21 7.45 -30.13
N LEU R 86 -2.30 6.75 -30.46
CA LEU R 86 -3.18 7.21 -31.54
C LEU R 86 -3.91 8.49 -31.13
N GLN R 87 -4.32 8.59 -29.87
CA GLN R 87 -4.89 9.84 -29.37
C GLN R 87 -3.85 10.94 -29.26
N ASN R 88 -2.56 10.59 -29.23
CA ASN R 88 -1.50 11.58 -29.34
C ASN R 88 -1.22 11.95 -30.79
N LEU R 89 -1.59 11.10 -31.74
CA LEU R 89 -1.42 11.43 -33.15
C LEU R 89 -2.61 12.19 -33.69
N LEU R 90 -3.81 11.89 -33.19
CA LEU R 90 -5.00 12.60 -33.63
C LEU R 90 -5.04 14.03 -33.08
N ASN R 91 -4.38 14.27 -31.94
CA ASN R 91 -4.21 15.64 -31.47
C ASN R 91 -3.26 16.43 -32.34
N GLU R 92 -2.35 15.76 -33.06
CA GLU R 92 -1.49 16.44 -34.01
C GLU R 92 -2.18 16.67 -35.34
N ARG R 93 -3.06 15.76 -35.77
CA ARG R 93 -3.79 15.95 -37.01
C ARG R 93 -4.82 17.06 -36.89
N LYS R 94 -5.40 17.22 -35.70
CA LYS R 94 -6.33 18.33 -35.47
C LYS R 94 -5.63 19.68 -35.47
N ILE R 95 -4.32 19.71 -35.24
CA ILE R 95 -3.57 20.95 -35.29
C ILE R 95 -3.35 21.39 -36.73
N ILE R 96 -3.06 20.43 -37.63
CA ILE R 96 -2.86 20.75 -39.04
C ILE R 96 -4.17 21.15 -39.70
N ARG R 97 -5.31 20.68 -39.18
CA ARG R 97 -6.60 21.17 -39.64
C ARG R 97 -6.81 22.64 -39.29
N ALA R 98 -6.20 23.10 -38.19
CA ALA R 98 -6.22 24.50 -37.82
C ALA R 98 -4.99 25.26 -38.30
N ALA R 99 -4.04 24.58 -38.94
CA ALA R 99 -2.83 25.22 -39.44
C ALA R 99 -2.92 25.58 -40.91
N GLN R 100 -3.40 24.66 -41.75
CA GLN R 100 -3.54 24.94 -43.17
C GLN R 100 -4.73 25.85 -43.49
N GLU R 101 -5.66 26.00 -42.55
CA GLU R 101 -6.83 26.86 -42.73
C GLU R 101 -6.55 28.19 -42.04
N ASN R 102 -5.74 29.02 -42.69
CA ASN R 102 -5.39 30.32 -42.16
C ASN R 102 -5.65 31.42 -43.19
N ILE R 111 1.09 22.01 -48.03
CA ILE R 111 0.55 20.75 -48.53
C ILE R 111 -0.77 20.44 -47.81
N PRO R 112 -1.77 19.99 -48.57
CA PRO R 112 -3.01 19.51 -47.94
C PRO R 112 -2.78 18.20 -47.20
N LEU R 113 -3.54 18.01 -46.13
CA LEU R 113 -3.37 16.85 -45.27
C LEU R 113 -3.99 15.61 -45.89
N GLN R 114 -3.24 14.51 -45.89
CA GLN R 114 -3.76 13.22 -46.30
C GLN R 114 -4.48 12.56 -45.14
N SER R 115 -5.07 11.40 -45.42
CA SER R 115 -5.74 10.61 -44.40
C SER R 115 -4.85 9.46 -43.96
N LEU R 116 -5.21 8.87 -42.82
CA LEU R 116 -4.49 7.70 -42.32
C LEU R 116 -4.79 6.50 -43.22
N THR R 117 -3.79 5.64 -43.40
CA THR R 117 -3.96 4.49 -44.28
C THR R 117 -4.84 3.43 -43.62
N ALA R 118 -5.29 2.48 -44.45
CA ALA R 118 -6.37 1.59 -44.07
C ALA R 118 -5.95 0.55 -43.04
N ALA R 119 -4.76 -0.05 -43.22
CA ALA R 119 -4.20 -1.11 -42.37
C ALA R 119 -5.17 -2.29 -42.26
N ASN R 120 -5.32 -2.97 -43.41
CA ASN R 120 -6.34 -4.02 -43.59
C ASN R 120 -6.16 -5.18 -42.62
N ILE R 121 -4.93 -5.43 -42.16
CA ILE R 121 -4.69 -6.36 -41.07
C ILE R 121 -4.09 -5.58 -39.91
N MET R 122 -4.27 -6.12 -38.71
CA MET R 122 -3.68 -5.55 -37.51
C MET R 122 -3.12 -6.68 -36.68
N VAL R 123 -2.07 -6.40 -35.92
CA VAL R 123 -1.53 -7.37 -34.99
C VAL R 123 -1.91 -6.90 -33.60
N GLU R 124 -3.07 -7.35 -33.13
CA GLU R 124 -3.42 -7.32 -31.72
C GLU R 124 -2.67 -8.48 -31.08
N GLY R 125 -2.41 -8.38 -29.78
CA GLY R 125 -1.73 -9.46 -29.12
C GLY R 125 -1.54 -9.17 -27.65
N SER R 126 -0.77 -10.05 -27.02
CA SER R 126 -0.50 -9.94 -25.59
C SER R 126 0.84 -10.57 -25.29
N ILE R 127 1.42 -10.15 -24.18
CA ILE R 127 2.42 -10.94 -23.47
C ILE R 127 1.62 -11.85 -22.54
N ILE R 128 1.48 -13.12 -22.92
CA ILE R 128 0.51 -13.98 -22.26
C ILE R 128 1.02 -14.58 -20.97
N GLY R 129 2.28 -14.38 -20.61
CA GLY R 129 2.74 -14.97 -19.37
C GLY R 129 4.21 -14.84 -19.10
N TYR R 130 4.57 -14.97 -17.83
CA TYR R 130 5.96 -14.90 -17.44
C TYR R 130 6.14 -15.52 -16.06
N GLU R 131 6.29 -16.85 -16.01
CA GLU R 131 6.47 -17.56 -14.76
C GLU R 131 7.91 -17.37 -14.29
N SER R 132 8.08 -16.90 -13.07
CA SER R 132 9.42 -16.76 -12.53
C SER R 132 9.96 -18.13 -12.15
N ASN R 133 11.22 -18.37 -12.52
CA ASN R 133 12.00 -19.56 -12.16
C ASN R 133 11.31 -20.85 -12.64
N VAL R 134 11.25 -20.99 -13.97
CA VAL R 134 10.55 -22.14 -14.55
C VAL R 134 11.38 -23.41 -14.37
N LYS R 135 12.55 -23.45 -14.98
CA LYS R 135 13.44 -24.61 -14.88
C LYS R 135 14.71 -24.21 -14.15
N SER R 136 14.54 -23.49 -13.06
CA SER R 136 15.66 -22.93 -12.32
C SER R 136 16.40 -24.03 -11.55
N GLY R 137 17.60 -23.70 -11.11
CA GLY R 137 18.43 -24.66 -10.40
C GLY R 137 19.86 -24.20 -10.28
N GLY R 138 20.73 -25.02 -9.69
CA GLY R 138 22.12 -24.64 -9.61
C GLY R 138 22.95 -25.72 -8.96
N VAL R 139 24.16 -25.89 -9.46
CA VAL R 139 25.13 -26.83 -8.91
C VAL R 139 26.11 -26.04 -8.06
N GLY R 140 26.41 -26.55 -6.88
CA GLY R 140 27.43 -25.99 -6.03
C GLY R 140 28.50 -26.96 -5.58
N ALA R 141 29.75 -26.49 -5.65
CA ALA R 141 30.90 -27.28 -5.23
C ALA R 141 31.90 -26.43 -4.49
N ARG R 142 32.41 -26.94 -3.38
CA ARG R 142 33.41 -26.19 -2.61
C ARG R 142 34.25 -27.18 -1.81
N TYR R 143 35.54 -27.24 -2.14
CA TYR R 143 36.51 -28.01 -1.39
C TYR R 143 37.05 -27.13 -0.26
N PHE R 144 38.18 -27.52 0.34
CA PHE R 144 38.86 -26.74 1.35
C PHE R 144 39.28 -25.39 0.80
N GLY R 145 38.61 -24.33 1.25
CA GLY R 145 38.87 -23.00 0.76
C GLY R 145 38.19 -22.68 -0.55
N ILE R 146 38.68 -23.26 -1.65
CA ILE R 146 38.19 -22.92 -2.98
C ILE R 146 36.79 -23.46 -3.19
N GLY R 147 36.00 -22.75 -4.00
CA GLY R 147 34.63 -23.14 -4.24
C GLY R 147 33.90 -22.27 -5.23
N ALA R 148 32.93 -22.85 -5.94
CA ALA R 148 32.20 -22.13 -6.97
C ALA R 148 30.83 -22.76 -7.17
N ASP R 149 29.87 -21.92 -7.50
CA ASP R 149 28.52 -22.37 -7.81
C ASP R 149 28.12 -21.85 -9.19
N THR R 150 27.15 -22.53 -9.79
CA THR R 150 26.58 -22.16 -11.08
C THR R 150 25.08 -22.24 -10.83
N GLN R 151 24.46 -21.10 -10.54
CA GLN R 151 23.04 -21.08 -10.18
C GLN R 151 22.41 -20.37 -11.36
N TYR R 152 21.47 -21.02 -12.03
CA TYR R 152 20.76 -20.44 -13.16
C TYR R 152 19.26 -20.43 -12.86
N GLN R 153 18.63 -19.28 -13.07
CA GLN R 153 17.21 -19.13 -12.79
C GLN R 153 16.52 -18.93 -14.13
N LEU R 154 16.09 -20.03 -14.74
CA LEU R 154 15.53 -20.01 -16.09
C LEU R 154 14.09 -19.52 -16.00
N ASP R 155 13.87 -18.26 -16.38
CA ASP R 155 12.52 -17.74 -16.52
C ASP R 155 11.97 -18.17 -17.88
N GLN R 156 10.73 -17.77 -18.17
CA GLN R 156 10.14 -18.04 -19.47
C GLN R 156 9.06 -17.01 -19.75
N ILE R 157 9.29 -16.17 -20.74
CA ILE R 157 8.27 -15.26 -21.24
C ILE R 157 7.53 -15.99 -22.36
N ALA R 158 6.31 -15.55 -22.63
CA ALA R 158 5.55 -16.02 -23.78
C ALA R 158 4.69 -14.88 -24.28
N VAL R 159 4.61 -14.72 -25.60
CA VAL R 159 3.84 -13.65 -26.20
C VAL R 159 2.82 -14.25 -27.17
N ASN R 160 1.70 -13.55 -27.31
CA ASN R 160 0.71 -13.87 -28.32
C ASN R 160 0.74 -12.78 -29.39
N LEU R 161 0.80 -13.20 -30.65
CA LEU R 161 0.73 -12.27 -31.78
C LEU R 161 -0.27 -12.85 -32.76
N ARG R 162 -1.39 -12.17 -32.94
CA ARG R 162 -2.43 -12.61 -33.85
C ARG R 162 -2.72 -11.54 -34.88
N VAL R 163 -2.70 -11.93 -36.15
CA VAL R 163 -3.02 -11.02 -37.24
C VAL R 163 -4.55 -11.04 -37.37
N VAL R 164 -5.17 -9.87 -37.30
CA VAL R 164 -6.62 -9.77 -37.36
C VAL R 164 -7.00 -8.93 -38.57
N ASN R 165 -7.80 -9.52 -39.46
CA ASN R 165 -8.39 -8.78 -40.57
C ASN R 165 -9.42 -7.80 -40.00
N VAL R 166 -9.12 -6.50 -40.04
CA VAL R 166 -10.01 -5.51 -39.44
C VAL R 166 -11.28 -5.31 -40.28
N SER R 167 -11.28 -5.76 -41.54
CA SER R 167 -12.48 -5.66 -42.35
C SER R 167 -13.56 -6.64 -41.92
N THR R 168 -13.18 -7.75 -41.29
CA THR R 168 -14.17 -8.75 -40.90
C THR R 168 -14.03 -9.19 -39.46
N GLY R 169 -12.96 -8.79 -38.77
CA GLY R 169 -12.77 -9.14 -37.37
C GLY R 169 -12.19 -10.52 -37.15
N GLU R 170 -11.94 -11.24 -38.24
CA GLU R 170 -11.46 -12.61 -38.13
C GLU R 170 -9.99 -12.63 -37.74
N ILE R 171 -9.66 -13.45 -36.74
CA ILE R 171 -8.27 -13.65 -36.34
C ILE R 171 -7.65 -14.65 -37.31
N LEU R 172 -6.63 -14.23 -38.04
CA LEU R 172 -6.13 -14.98 -39.19
C LEU R 172 -5.11 -16.03 -38.79
N SER R 173 -4.05 -15.62 -38.10
CA SER R 173 -2.99 -16.50 -37.64
C SER R 173 -2.60 -16.08 -36.24
N SER R 174 -2.94 -16.90 -35.25
CA SER R 174 -2.71 -16.57 -33.85
C SER R 174 -1.66 -17.56 -33.31
N VAL R 175 -0.46 -17.05 -33.08
CA VAL R 175 0.66 -17.88 -32.65
C VAL R 175 1.08 -17.50 -31.23
N ASN R 176 1.74 -18.45 -30.57
CA ASN R 176 2.24 -18.27 -29.21
C ASN R 176 3.69 -18.71 -29.17
N THR R 177 4.60 -17.75 -29.09
CA THR R 177 6.03 -18.03 -29.04
C THR R 177 6.55 -17.73 -27.65
N SER R 178 7.47 -18.57 -27.19
CA SER R 178 8.08 -18.42 -25.89
C SER R 178 9.59 -18.27 -26.01
N LYS R 179 10.21 -17.82 -24.94
CA LYS R 179 11.67 -17.75 -24.88
C LYS R 179 12.10 -17.90 -23.43
N THR R 180 13.04 -18.81 -23.19
CA THR R 180 13.52 -19.07 -21.84
C THR R 180 14.61 -18.05 -21.49
N ILE R 181 14.30 -17.18 -20.53
CA ILE R 181 15.27 -16.20 -20.03
C ILE R 181 16.30 -16.94 -19.19
N LEU R 182 17.55 -16.93 -19.62
CA LEU R 182 18.62 -17.61 -18.91
C LEU R 182 19.34 -16.60 -18.02
N SER R 183 19.02 -16.62 -16.73
CA SER R 183 19.63 -15.74 -15.74
C SER R 183 20.52 -16.58 -14.85
N TYR R 184 21.80 -16.72 -15.22
CA TYR R 184 22.73 -17.56 -14.51
C TYR R 184 23.74 -16.71 -13.75
N GLU R 185 24.21 -17.24 -12.61
CA GLU R 185 25.28 -16.62 -11.85
C GLU R 185 26.40 -17.65 -11.64
N VAL R 186 27.65 -17.20 -11.72
CA VAL R 186 28.81 -18.00 -11.40
C VAL R 186 29.62 -17.22 -10.38
N GLN R 187 29.54 -17.66 -9.13
CA GLN R 187 30.27 -17.04 -8.03
C GLN R 187 31.34 -18.04 -7.62
N ALA R 188 32.60 -17.64 -7.75
CA ALA R 188 33.70 -18.55 -7.44
C ALA R 188 34.33 -17.86 -6.25
N GLY R 189 33.97 -18.28 -5.05
CA GLY R 189 34.46 -17.66 -3.84
C GLY R 189 35.35 -18.57 -3.01
N VAL R 190 36.52 -18.09 -2.63
CA VAL R 190 37.48 -18.86 -1.85
C VAL R 190 37.56 -18.27 -0.44
N PHE R 191 37.84 -19.14 0.53
CA PHE R 191 38.04 -18.68 1.91
C PHE R 191 38.99 -19.70 2.54
N ARG R 192 40.29 -19.40 2.50
CA ARG R 192 41.30 -20.40 2.82
C ARG R 192 42.42 -19.79 3.63
N PHE R 193 42.73 -20.42 4.76
CA PHE R 193 43.92 -20.05 5.51
C PHE R 193 45.16 -20.48 4.75
N ILE R 194 46.19 -19.64 4.80
CA ILE R 194 47.43 -19.85 4.05
C ILE R 194 48.60 -20.16 4.98
N ASP R 195 48.81 -19.31 5.98
CA ASP R 195 49.80 -19.56 7.01
C ASP R 195 49.10 -19.58 8.36
N TYR R 196 49.89 -19.72 9.43
CA TYR R 196 49.35 -19.61 10.77
C TYR R 196 48.99 -18.15 11.04
N GLN R 197 47.71 -17.92 11.36
CA GLN R 197 47.12 -16.60 11.53
C GLN R 197 47.32 -15.73 10.28
N ARG R 198 47.06 -16.33 9.13
CA ARG R 198 46.98 -15.63 7.84
C ARG R 198 45.83 -16.23 7.05
N LEU R 199 45.11 -15.39 6.31
CA LEU R 199 43.92 -15.85 5.61
C LEU R 199 43.79 -15.11 4.28
N LEU R 200 43.76 -15.88 3.20
CA LEU R 200 43.42 -15.36 1.88
C LEU R 200 41.96 -15.67 1.59
N GLU R 201 41.27 -14.73 0.97
CA GLU R 201 39.92 -14.93 0.50
C GLU R 201 39.67 -14.04 -0.70
N GLY R 202 38.66 -14.42 -1.47
CA GLY R 202 38.34 -13.73 -2.69
C GLY R 202 37.14 -14.36 -3.34
N GLU R 203 36.32 -13.55 -4.00
CA GLU R 203 35.07 -14.04 -4.56
C GLU R 203 34.85 -13.32 -5.90
N VAL R 204 35.16 -14.01 -6.98
CA VAL R 204 34.82 -13.52 -8.31
C VAL R 204 33.41 -14.01 -8.66
N GLY R 205 32.56 -13.07 -9.05
CA GLY R 205 31.19 -13.40 -9.36
C GLY R 205 30.64 -12.70 -10.60
N TYR R 206 29.85 -13.44 -11.36
CA TYR R 206 29.29 -12.93 -12.61
C TYR R 206 27.89 -13.45 -12.81
N THR R 207 26.89 -12.58 -12.69
CA THR R 207 25.50 -12.94 -12.94
C THR R 207 25.03 -12.30 -14.24
N SER R 208 25.00 -13.08 -15.31
CA SER R 208 24.54 -12.61 -16.61
C SER R 208 23.06 -12.93 -16.72
N ASN R 209 22.22 -12.04 -16.19
CA ASN R 209 20.79 -12.11 -16.44
C ASN R 209 20.53 -11.82 -17.91
N GLU R 210 19.82 -12.71 -18.57
CA GLU R 210 19.29 -12.38 -19.87
C GLU R 210 18.23 -11.29 -19.65
N PRO R 211 18.35 -10.14 -20.30
CA PRO R 211 17.36 -9.07 -20.06
C PRO R 211 16.01 -9.45 -20.64
N VAL R 212 14.96 -9.24 -19.84
CA VAL R 212 13.62 -9.65 -20.24
C VAL R 212 13.12 -8.80 -21.40
N MET R 213 13.65 -7.58 -21.55
CA MET R 213 13.30 -6.76 -22.71
C MET R 213 13.89 -7.33 -24.00
N LEU R 214 15.02 -8.00 -23.93
CA LEU R 214 15.62 -8.57 -25.14
C LEU R 214 14.95 -9.89 -25.50
N CYS R 215 14.51 -10.64 -24.49
CA CYS R 215 13.77 -11.85 -24.74
C CYS R 215 12.31 -11.59 -25.07
N LEU R 216 11.75 -10.47 -24.60
CA LEU R 216 10.48 -10.01 -25.16
C LEU R 216 10.65 -9.59 -26.61
N MET R 217 11.80 -8.99 -26.93
CA MET R 217 12.08 -8.58 -28.30
C MET R 217 12.34 -9.77 -29.21
N SER R 218 13.02 -10.80 -28.69
CA SER R 218 13.40 -11.91 -29.54
C SER R 218 12.28 -12.93 -29.71
N ALA R 219 11.39 -13.05 -28.71
CA ALA R 219 10.22 -13.91 -28.89
C ALA R 219 9.15 -13.27 -29.76
N ILE R 220 9.11 -11.93 -29.81
CA ILE R 220 8.21 -11.24 -30.72
C ILE R 220 8.72 -11.34 -32.15
N GLU R 221 10.04 -11.19 -32.33
CA GLU R 221 10.64 -11.36 -33.65
C GLU R 221 10.54 -12.80 -34.13
N THR R 222 10.52 -13.75 -33.20
CA THR R 222 10.16 -15.13 -33.54
C THR R 222 8.71 -15.20 -33.99
N GLY R 223 7.82 -14.44 -33.32
CA GLY R 223 6.41 -14.49 -33.66
C GLY R 223 6.09 -13.84 -35.00
N VAL R 224 6.88 -12.84 -35.39
CA VAL R 224 6.66 -12.18 -36.68
C VAL R 224 6.98 -13.12 -37.83
N ILE R 225 8.05 -13.92 -37.68
CA ILE R 225 8.32 -14.97 -38.64
C ILE R 225 7.24 -16.05 -38.57
N PHE R 226 6.70 -16.29 -37.37
CA PHE R 226 5.60 -17.24 -37.26
C PHE R 226 4.27 -16.63 -37.71
N LEU R 227 4.17 -15.30 -37.74
CA LEU R 227 3.02 -14.67 -38.38
C LEU R 227 3.13 -14.78 -39.90
N ILE R 228 4.34 -14.64 -40.43
CA ILE R 228 4.52 -14.62 -41.88
C ILE R 228 4.46 -16.04 -42.44
N ASN R 229 5.10 -17.00 -41.78
CA ASN R 229 5.13 -18.38 -42.27
C ASN R 229 3.76 -19.03 -42.18
N ASP R 230 3.03 -18.75 -41.10
CA ASP R 230 1.66 -19.25 -41.00
C ASP R 230 0.67 -18.36 -41.74
N GLY R 231 1.11 -17.19 -42.21
CA GLY R 231 0.32 -16.35 -43.08
C GLY R 231 0.48 -16.62 -44.56
N ILE R 232 1.36 -17.53 -44.93
CA ILE R 232 1.60 -17.87 -46.33
C ILE R 232 0.81 -19.11 -46.73
N ASP R 233 0.84 -20.16 -45.90
CA ASP R 233 0.14 -21.40 -46.24
C ASP R 233 -1.37 -21.25 -46.16
N ARG R 234 -1.87 -20.29 -45.36
CA ARG R 234 -3.31 -20.03 -45.31
C ARG R 234 -3.80 -19.20 -46.48
N GLY R 235 -2.90 -18.66 -47.30
CA GLY R 235 -3.31 -17.80 -48.39
C GLY R 235 -3.73 -16.41 -47.98
N LEU R 236 -3.30 -15.95 -46.81
CA LEU R 236 -3.69 -14.62 -46.34
C LEU R 236 -2.96 -13.52 -47.10
N TRP R 237 -1.68 -13.73 -47.40
CA TRP R 237 -0.93 -12.79 -48.20
C TRP R 237 0.18 -13.55 -48.92
N ASP R 238 0.53 -13.07 -50.11
CA ASP R 238 1.53 -13.72 -50.95
C ASP R 238 2.80 -12.88 -51.00
N LEU R 239 3.93 -13.59 -51.02
CA LEU R 239 5.24 -12.96 -51.15
C LEU R 239 5.62 -12.86 -52.62
N GLN R 240 6.65 -12.05 -52.88
CA GLN R 240 7.21 -11.95 -54.22
C GLN R 240 7.89 -13.26 -54.59
N ASN R 241 7.59 -13.74 -55.81
CA ASN R 241 8.07 -15.02 -56.35
C ASN R 241 7.67 -16.18 -55.44
N LYS R 242 6.35 -16.41 -55.37
CA LYS R 242 5.77 -17.45 -54.52
C LYS R 242 5.89 -18.84 -55.17
N ALA R 243 7.13 -19.23 -55.42
CA ALA R 243 7.45 -20.57 -55.91
C ALA R 243 8.69 -21.17 -55.26
N GLU R 244 9.44 -20.41 -54.47
CA GLU R 244 10.76 -20.86 -54.02
C GLU R 244 10.66 -21.87 -52.89
N ARG R 245 10.18 -21.42 -51.72
CA ARG R 245 10.17 -22.16 -50.44
C ARG R 245 11.52 -22.79 -50.12
N GLN R 246 12.62 -22.07 -50.36
CA GLN R 246 13.96 -22.62 -50.23
C GLN R 246 14.80 -21.97 -49.15
N ASN R 247 14.45 -20.76 -48.70
CA ASN R 247 15.30 -20.04 -47.76
C ASN R 247 15.22 -20.68 -46.38
N ASP R 248 16.36 -20.67 -45.68
CA ASP R 248 16.49 -21.34 -44.39
C ASP R 248 15.90 -20.54 -43.23
N ILE R 249 15.06 -19.54 -43.50
CA ILE R 249 14.28 -18.91 -42.45
C ILE R 249 12.89 -19.52 -42.39
N LEU R 250 12.25 -19.66 -43.56
CA LEU R 250 10.87 -20.16 -43.58
C LEU R 250 10.82 -21.67 -43.30
N VAL R 251 11.77 -22.43 -43.83
CA VAL R 251 11.75 -23.87 -43.58
C VAL R 251 12.25 -24.18 -42.18
N LYS R 252 13.04 -23.30 -41.58
CA LYS R 252 13.45 -23.48 -40.18
C LYS R 252 12.29 -23.19 -39.25
N TYR R 253 11.52 -22.14 -39.54
CA TYR R 253 10.33 -21.81 -38.77
C TYR R 253 9.10 -22.57 -39.24
N ARG R 254 9.26 -23.54 -40.15
CA ARG R 254 8.24 -24.54 -40.41
C ARG R 254 8.55 -25.86 -39.70
N HIS R 255 9.82 -26.18 -39.51
CA HIS R 255 10.22 -27.28 -38.64
C HIS R 255 10.10 -26.91 -37.16
N MET R 256 10.09 -25.62 -36.84
CA MET R 256 9.81 -25.14 -35.50
C MET R 256 8.33 -24.91 -35.26
N SER R 257 7.49 -25.22 -36.26
CA SER R 257 6.04 -25.04 -36.13
C SER R 257 5.38 -26.16 -35.37
N VAL R 258 6.10 -27.23 -35.02
CA VAL R 258 5.55 -28.24 -34.11
C VAL R 258 6.00 -27.90 -32.69
N PRO R 259 5.07 -27.56 -31.81
CA PRO R 259 5.44 -27.09 -30.47
C PRO R 259 5.86 -28.24 -29.57
N PRO R 260 6.96 -28.09 -28.82
CA PRO R 260 7.39 -29.13 -27.89
C PRO R 260 6.51 -29.22 -26.65
#